data_5TZA
#
_entry.id   5TZA
#
_cell.length_a   55.799
_cell.length_b   73.444
_cell.length_c   91.614
_cell.angle_alpha   109.360
_cell.angle_beta   91.170
_cell.angle_gamma   91.140
#
_symmetry.space_group_name_H-M   'P 1'
#
loop_
_entity.id
_entity.type
_entity.pdbx_description
1 polymer "cGMP-dependent 3',5'-cyclic phosphodiesterase"
2 non-polymer [(3S)-3-(5-methyl[1,2,4]triazolo[1,5-a]pyrimidin-7-yl)piperidin-1-yl](naphthalen-2-yl)methanone
3 non-polymer 'ZINC ION'
4 non-polymer 'MAGNESIUM ION'
5 water water
#
_entity_poly.entity_id   1
_entity_poly.type   'polypeptide(L)'
_entity_poly.pdbx_seq_one_letter_code
;SAMDDEYTKLLHDGIQPVAAIDSNFASFTYTPRSLPEDDTSMAILSMLQDMNFINNYKIDCPTLARFCLMVKKGYRDPPY
HNWMHAFSVSHFCYLLYKNLELTNYLEDIEIFALFISCMCHDLDHRGTNNSFQVASKSVLAALYSSEGSVMERHHFAQAI
AILNTHGCNIFDHFSRKDYQRMLDLMRDIILATDLAHHLRIFKDLQKMAEVGYDRNNKQHHRLLLCLLMTSCDLSDQTKG
WKTTRKIAELIYKEFFSQGDLEKAMGNRPMEMMDREKAYIPELQISFMEHIAMPIYKLLQDLFPKAAELYERVASNREHW
TKVSHKFTIRGLPSNNSLDFLDEE
;
_entity_poly.pdbx_strand_id   A,B,C,D
#
# COMPACT_ATOMS: atom_id res chain seq x y z
N SER A 1 19.85 6.68 -12.24
CA SER A 1 19.38 7.57 -11.18
C SER A 1 20.06 8.93 -11.23
N ALA A 2 19.23 9.97 -11.22
CA ALA A 2 19.67 11.35 -11.38
C ALA A 2 20.44 11.84 -10.17
N MET A 3 19.90 11.59 -8.98
CA MET A 3 20.56 12.01 -7.74
C MET A 3 21.96 11.44 -7.67
N ASP A 4 22.10 10.20 -8.12
CA ASP A 4 23.39 9.57 -7.95
C ASP A 4 24.44 10.28 -8.79
N ASP A 5 24.20 10.61 -10.05
CA ASP A 5 25.25 11.30 -10.80
C ASP A 5 25.41 12.71 -10.28
N GLU A 6 24.32 13.34 -9.87
CA GLU A 6 24.44 14.67 -9.27
C GLU A 6 25.32 14.63 -8.02
N TYR A 7 25.10 13.63 -7.18
CA TYR A 7 25.94 13.40 -6.00
C TYR A 7 27.41 13.18 -6.35
N THR A 8 27.65 12.32 -7.33
CA THR A 8 29.01 12.02 -7.76
C THR A 8 29.78 13.28 -8.12
N LYS A 9 29.13 14.16 -8.89
CA LYS A 9 29.81 15.39 -9.29
C LYS A 9 29.97 16.34 -8.10
N LEU A 10 28.94 16.46 -7.27
CA LEU A 10 28.99 17.37 -6.13
C LEU A 10 30.15 16.99 -5.21
N LEU A 11 30.36 15.68 -5.04
CA LEU A 11 31.38 15.17 -4.15
C LEU A 11 32.79 15.22 -4.73
N HIS A 12 32.93 14.76 -5.97
CA HIS A 12 34.26 14.61 -6.55
C HIS A 12 34.80 15.82 -7.32
N ASP A 13 33.93 16.73 -7.77
CA ASP A 13 34.40 17.86 -8.58
C ASP A 13 35.04 18.97 -7.73
N GLY A 14 34.75 18.98 -6.44
CA GLY A 14 35.24 20.05 -5.57
C GLY A 14 34.23 21.18 -5.44
N ILE A 15 34.41 22.02 -4.42
CA ILE A 15 33.44 23.07 -4.12
C ILE A 15 33.81 24.39 -4.79
N GLN A 16 32.91 24.87 -5.64
CA GLN A 16 33.16 26.08 -6.39
C GLN A 16 33.36 27.27 -5.45
N PRO A 17 34.36 28.13 -5.75
CA PRO A 17 34.55 29.37 -4.99
C PRO A 17 33.28 30.19 -5.01
N VAL A 18 32.90 30.75 -3.88
CA VAL A 18 31.62 31.44 -3.79
C VAL A 18 31.62 32.67 -4.72
N ALA A 19 32.79 33.26 -4.96
CA ALA A 19 32.86 34.42 -5.84
C ALA A 19 32.55 34.08 -7.29
N ALA A 20 32.68 32.81 -7.65
CA ALA A 20 32.49 32.39 -9.02
C ALA A 20 31.01 32.23 -9.35
N ILE A 21 30.16 32.30 -8.33
CA ILE A 21 28.71 32.18 -8.54
C ILE A 21 28.21 33.45 -9.19
N ASP A 22 28.62 34.59 -8.62
CA ASP A 22 28.20 35.89 -9.11
C ASP A 22 29.03 36.97 -8.43
N SER A 23 29.28 38.07 -9.15
CA SER A 23 30.16 39.13 -8.65
C SER A 23 29.61 39.84 -7.41
N ASN A 24 28.29 39.97 -7.29
CA ASN A 24 27.76 40.53 -6.06
C ASN A 24 26.90 39.51 -5.29
N PHE A 25 27.33 38.25 -5.32
CA PHE A 25 26.65 37.17 -4.60
C PHE A 25 26.47 37.48 -3.10
N ALA A 26 27.38 38.26 -2.54
CA ALA A 26 27.37 38.50 -1.10
C ALA A 26 26.75 39.85 -0.76
N SER A 27 26.07 40.45 -1.73
CA SER A 27 25.46 41.76 -1.54
C SER A 27 23.97 41.66 -1.31
N PHE A 28 23.43 42.52 -0.45
CA PHE A 28 22.00 42.57 -0.25
C PHE A 28 21.22 42.85 -1.53
N THR A 29 21.90 43.34 -2.57
CA THR A 29 21.20 43.62 -3.83
C THR A 29 21.11 42.38 -4.73
N TYR A 30 21.84 41.32 -4.40
CA TYR A 30 21.78 40.11 -5.22
C TYR A 30 20.43 39.40 -5.06
N THR A 31 19.92 38.87 -6.16
CA THR A 31 18.67 38.14 -6.17
C THR A 31 18.95 36.66 -6.43
N PRO A 32 18.97 35.83 -5.37
CA PRO A 32 19.36 34.42 -5.50
C PRO A 32 18.43 33.62 -6.42
N ARG A 33 17.19 34.08 -6.61
CA ARG A 33 16.31 33.39 -7.55
C ARG A 33 16.81 33.51 -9.00
N SER A 34 17.82 34.33 -9.24
CA SER A 34 18.43 34.41 -10.56
C SER A 34 19.34 33.21 -10.84
N LEU A 35 19.75 32.51 -9.80
CA LEU A 35 20.61 31.37 -9.98
C LEU A 35 19.82 30.20 -10.55
N PRO A 36 20.30 29.59 -11.63
CA PRO A 36 19.63 28.40 -12.17
C PRO A 36 19.48 27.35 -11.08
N GLU A 37 18.33 26.69 -11.03
CA GLU A 37 18.07 25.73 -9.97
C GLU A 37 19.11 24.61 -9.95
N ASP A 38 19.58 24.23 -11.14
CA ASP A 38 20.61 23.18 -11.26
C ASP A 38 21.93 23.54 -10.58
N ASP A 39 22.12 24.81 -10.26
CA ASP A 39 23.38 25.31 -9.68
C ASP A 39 23.28 25.50 -8.17
N THR A 40 22.08 25.31 -7.62
CA THR A 40 21.85 25.70 -6.24
C THR A 40 22.46 24.81 -5.19
N SER A 41 22.53 23.49 -5.41
CA SER A 41 23.14 22.62 -4.40
C SER A 41 24.64 22.93 -4.26
N MET A 42 25.31 23.17 -5.38
CA MET A 42 26.73 23.57 -5.32
C MET A 42 26.86 24.92 -4.59
N ALA A 43 25.93 25.85 -4.84
CA ALA A 43 25.96 27.14 -4.16
C ALA A 43 25.79 26.98 -2.63
N ILE A 44 24.91 26.08 -2.20
CA ILE A 44 24.80 25.76 -0.78
C ILE A 44 26.16 25.32 -0.22
N LEU A 45 26.84 24.41 -0.92
CA LEU A 45 28.15 23.97 -0.45
C LEU A 45 29.14 25.13 -0.39
N SER A 46 29.11 25.99 -1.41
CA SER A 46 30.00 27.13 -1.46
C SER A 46 29.80 28.08 -0.28
N MET A 47 28.54 28.34 0.04
CA MET A 47 28.22 29.19 1.19
C MET A 47 28.66 28.54 2.50
N LEU A 48 28.35 27.25 2.68
CA LEU A 48 28.82 26.50 3.86
C LEU A 48 30.33 26.57 3.98
N GLN A 49 31.03 26.44 2.87
CA GLN A 49 32.48 26.52 2.87
C GLN A 49 32.94 27.92 3.26
N ASP A 50 32.31 28.93 2.66
CA ASP A 50 32.74 30.31 2.89
C ASP A 50 32.49 30.76 4.31
N MET A 51 31.46 30.20 4.95
CA MET A 51 31.21 30.51 6.36
C MET A 51 32.07 29.63 7.28
N ASN A 52 32.89 28.78 6.65
CA ASN A 52 33.82 27.89 7.33
C ASN A 52 33.17 26.85 8.23
N PHE A 53 31.90 26.53 7.95
CA PHE A 53 31.22 25.50 8.75
C PHE A 53 31.72 24.10 8.46
N ILE A 54 32.12 23.85 7.21
CA ILE A 54 32.58 22.53 6.83
C ILE A 54 33.84 22.18 7.63
N ASN A 55 34.79 23.10 7.65
CA ASN A 55 36.02 22.86 8.41
C ASN A 55 35.79 22.97 9.93
N ASN A 56 35.08 24.00 10.37
CA ASN A 56 34.92 24.18 11.82
C ASN A 56 34.23 22.97 12.45
N TYR A 57 33.20 22.44 11.79
CA TYR A 57 32.47 21.32 12.36
C TYR A 57 32.89 19.97 11.77
N LYS A 58 33.97 19.97 11.00
CA LYS A 58 34.52 18.76 10.40
C LYS A 58 33.43 17.92 9.74
N ILE A 59 32.65 18.59 8.91
CA ILE A 59 31.53 17.92 8.27
C ILE A 59 32.07 17.01 7.18
N ASP A 60 31.61 15.77 7.19
CA ASP A 60 31.97 14.77 6.19
C ASP A 60 31.44 15.17 4.82
N CYS A 61 32.29 15.25 3.81
CA CYS A 61 31.87 15.73 2.50
C CYS A 61 30.89 14.81 1.78
N PRO A 62 31.14 13.51 1.72
CA PRO A 62 30.08 12.67 1.15
C PRO A 62 28.74 12.84 1.86
N THR A 63 28.77 12.88 3.19
CA THR A 63 27.54 13.03 3.96
C THR A 63 26.88 14.36 3.64
N LEU A 64 27.68 15.41 3.54
CA LEU A 64 27.13 16.73 3.28
C LEU A 64 26.51 16.82 1.88
N ALA A 65 27.16 16.20 0.91
CA ALA A 65 26.65 16.22 -0.46
C ALA A 65 25.30 15.50 -0.51
N ARG A 66 25.23 14.35 0.15
CA ARG A 66 23.98 13.58 0.21
C ARG A 66 22.89 14.38 0.90
N PHE A 67 23.22 14.98 2.04
CA PHE A 67 22.27 15.78 2.79
C PHE A 67 21.70 16.91 1.95
N CYS A 68 22.57 17.64 1.28
CA CYS A 68 22.10 18.78 0.51
C CYS A 68 21.15 18.33 -0.59
N LEU A 69 21.45 17.21 -1.23
CA LEU A 69 20.58 16.73 -2.30
C LEU A 69 19.25 16.21 -1.77
N MET A 70 19.31 15.53 -0.63
CA MET A 70 18.11 15.02 0.03
C MET A 70 17.17 16.15 0.45
N VAL A 71 17.75 17.23 0.96
CA VAL A 71 16.94 18.38 1.35
C VAL A 71 16.27 18.99 0.12
N LYS A 72 17.02 19.16 -0.97
CA LYS A 72 16.45 19.69 -2.21
C LYS A 72 15.30 18.81 -2.70
N LYS A 73 15.52 17.51 -2.66
CA LYS A 73 14.57 16.50 -3.07
C LYS A 73 13.34 16.48 -2.20
N GLY A 74 13.46 17.00 -0.99
CA GLY A 74 12.40 17.01 0.00
C GLY A 74 11.38 18.13 -0.17
N TYR A 75 11.60 18.99 -1.17
CA TYR A 75 10.64 20.02 -1.53
C TYR A 75 9.79 19.63 -2.74
N ARG A 76 8.49 19.93 -2.67
CA ARG A 76 7.62 19.76 -3.80
C ARG A 76 7.66 21.03 -4.66
N ASP A 77 6.76 21.16 -5.62
CA ASP A 77 6.83 22.33 -6.50
C ASP A 77 5.57 23.19 -6.51
N PRO A 78 5.07 23.58 -5.32
CA PRO A 78 3.98 24.57 -5.34
C PRO A 78 4.55 25.89 -5.87
N PRO A 79 3.69 26.87 -6.17
CA PRO A 79 4.24 28.06 -6.82
C PRO A 79 5.25 28.81 -5.94
N TYR A 80 5.02 28.87 -4.63
CA TYR A 80 5.95 29.61 -3.77
C TYR A 80 6.78 28.72 -2.85
N HIS A 81 6.17 27.78 -2.12
CA HIS A 81 6.93 27.06 -1.09
C HIS A 81 7.67 25.84 -1.65
N ASN A 82 8.66 26.15 -2.47
CA ASN A 82 9.45 25.15 -3.19
C ASN A 82 10.94 25.28 -2.86
N TRP A 83 11.79 24.46 -3.47
CA TRP A 83 13.21 24.53 -3.11
C TRP A 83 13.80 25.92 -3.38
N MET A 84 13.37 26.60 -4.46
CA MET A 84 13.98 27.90 -4.75
C MET A 84 13.66 28.93 -3.64
N HIS A 85 12.53 28.76 -2.96
CA HIS A 85 12.24 29.55 -1.77
C HIS A 85 13.25 29.21 -0.65
N ALA A 86 13.40 27.93 -0.35
CA ALA A 86 14.33 27.52 0.71
C ALA A 86 15.75 27.95 0.37
N PHE A 87 16.13 27.83 -0.90
CA PHE A 87 17.46 28.25 -1.31
C PHE A 87 17.63 29.77 -1.09
N SER A 88 16.64 30.56 -1.50
CA SER A 88 16.77 32.02 -1.38
C SER A 88 16.75 32.47 0.08
N VAL A 89 16.00 31.74 0.92
CA VAL A 89 15.98 32.03 2.35
C VAL A 89 17.37 31.72 2.94
N SER A 90 17.93 30.57 2.55
CA SER A 90 19.27 30.19 2.99
C SER A 90 20.31 31.23 2.57
N HIS A 91 20.20 31.68 1.33
CA HIS A 91 21.10 32.69 0.81
C HIS A 91 21.03 33.96 1.64
N PHE A 92 19.83 34.34 2.05
CA PHE A 92 19.74 35.57 2.84
C PHE A 92 20.44 35.36 4.19
N CYS A 93 20.35 34.16 4.75
CA CYS A 93 21.08 33.85 5.99
C CYS A 93 22.56 34.10 5.78
N TYR A 94 23.06 33.61 4.65
CA TYR A 94 24.45 33.84 4.26
C TYR A 94 24.76 35.34 4.17
N LEU A 95 23.85 36.10 3.56
CA LEU A 95 24.05 37.55 3.47
C LEU A 95 24.13 38.19 4.86
N LEU A 96 23.28 37.74 5.79
CA LEU A 96 23.32 38.27 7.15
C LEU A 96 24.68 37.97 7.76
N TYR A 97 25.18 36.76 7.54
CA TYR A 97 26.49 36.38 8.04
C TYR A 97 27.54 37.31 7.43
N LYS A 98 27.44 37.57 6.13
CA LYS A 98 28.51 38.30 5.45
C LYS A 98 28.47 39.80 5.69
N ASN A 99 27.30 40.32 6.02
CA ASN A 99 27.11 41.77 6.12
C ASN A 99 26.90 42.31 7.54
N LEU A 100 26.42 41.46 8.45
CA LEU A 100 25.99 41.98 9.75
C LEU A 100 26.78 41.53 10.97
N GLU A 101 27.85 40.77 10.78
CA GLU A 101 28.73 40.40 11.91
C GLU A 101 27.97 39.66 13.02
N LEU A 102 27.32 38.58 12.63
CA LEU A 102 26.51 37.76 13.52
C LEU A 102 27.32 37.17 14.65
N THR A 103 28.62 37.00 14.41
CA THR A 103 29.51 36.42 15.41
C THR A 103 29.70 37.32 16.62
N ASN A 104 29.27 38.59 16.54
CA ASN A 104 29.25 39.43 17.73
C ASN A 104 27.98 39.25 18.57
N TYR A 105 27.04 38.47 18.08
CA TYR A 105 25.72 38.35 18.73
C TYR A 105 25.39 36.92 19.13
N LEU A 106 25.82 35.99 18.28
CA LEU A 106 25.40 34.59 18.36
C LEU A 106 26.56 33.64 18.45
N GLU A 107 26.32 32.47 19.06
CA GLU A 107 27.31 31.41 19.06
C GLU A 107 27.50 30.84 17.65
N ASP A 108 28.68 30.29 17.40
CA ASP A 108 28.94 29.63 16.13
C ASP A 108 27.86 28.60 15.82
N ILE A 109 27.52 27.79 16.81
CA ILE A 109 26.61 26.68 16.55
C ILE A 109 25.18 27.21 16.25
N GLU A 110 24.84 28.35 16.85
CA GLU A 110 23.57 29.01 16.56
C GLU A 110 23.50 29.51 15.12
N ILE A 111 24.58 30.11 14.64
CA ILE A 111 24.62 30.57 13.26
C ILE A 111 24.53 29.40 12.29
N PHE A 112 25.24 28.31 12.61
CA PHE A 112 25.19 27.09 11.80
C PHE A 112 23.76 26.52 11.78
N ALA A 113 23.15 26.42 12.96
CA ALA A 113 21.77 25.93 13.07
C ALA A 113 20.80 26.79 12.27
N LEU A 114 21.00 28.10 12.32
CA LEU A 114 20.14 28.99 11.55
C LEU A 114 20.21 28.66 10.06
N PHE A 115 21.40 28.52 9.50
CA PHE A 115 21.54 28.21 8.07
C PHE A 115 20.92 26.87 7.68
N ILE A 116 21.25 25.82 8.43
CA ILE A 116 20.69 24.52 8.15
C ILE A 116 19.17 24.58 8.26
N SER A 117 18.68 25.28 9.29
CA SER A 117 17.24 25.45 9.45
C SER A 117 16.61 26.14 8.25
N CYS A 118 17.27 27.18 7.75
CA CYS A 118 16.80 27.85 6.53
C CYS A 118 16.63 26.85 5.38
N MET A 119 17.60 25.94 5.21
CA MET A 119 17.53 24.98 4.11
C MET A 119 16.31 24.10 4.27
N CYS A 120 15.99 23.76 5.51
CA CYS A 120 15.01 22.73 5.81
C CYS A 120 13.63 23.26 6.16
N HIS A 121 13.47 24.57 6.26
CA HIS A 121 12.37 25.10 7.07
C HIS A 121 10.96 24.94 6.46
N ASP A 122 10.87 24.66 5.16
CA ASP A 122 9.57 24.41 4.51
C ASP A 122 9.50 23.02 3.86
N LEU A 123 10.35 22.07 4.31
CA LEU A 123 10.35 20.74 3.71
C LEU A 123 8.97 20.11 3.55
N ASP A 124 8.72 19.60 2.35
CA ASP A 124 7.50 18.86 2.02
C ASP A 124 6.24 19.69 2.14
N HIS A 125 6.37 21.01 1.97
CA HIS A 125 5.21 21.89 1.92
C HIS A 125 4.28 21.47 0.77
N ARG A 126 2.98 21.45 1.04
CA ARG A 126 2.01 20.98 0.06
C ARG A 126 1.20 22.12 -0.55
N GLY A 127 1.66 23.35 -0.34
CA GLY A 127 1.03 24.51 -0.94
C GLY A 127 -0.21 24.99 -0.20
N THR A 128 -0.43 24.45 0.99
CA THR A 128 -1.55 24.89 1.83
C THR A 128 -1.07 25.22 3.23
N ASN A 129 -1.81 26.08 3.93
CA ASN A 129 -1.36 26.54 5.24
C ASN A 129 -1.90 25.73 6.43
N ASN A 130 -1.62 26.22 7.64
CA ASN A 130 -1.99 25.47 8.83
C ASN A 130 -3.49 25.34 8.98
N SER A 131 -4.20 26.44 8.77
CA SER A 131 -5.65 26.41 8.83
C SER A 131 -6.23 25.31 7.94
N PHE A 132 -5.69 25.16 6.74
CA PHE A 132 -6.20 24.17 5.78
C PHE A 132 -5.96 22.75 6.27
N GLN A 133 -4.81 22.52 6.92
CA GLN A 133 -4.56 21.18 7.46
C GLN A 133 -5.68 20.75 8.40
N VAL A 134 -6.07 21.67 9.28
CA VAL A 134 -7.12 21.38 10.23
C VAL A 134 -8.49 21.23 9.53
N ALA A 135 -8.81 22.19 8.66
CA ALA A 135 -10.11 22.19 8.00
C ALA A 135 -10.29 20.94 7.16
N SER A 136 -9.21 20.50 6.54
CA SER A 136 -9.25 19.35 5.63
C SER A 136 -8.98 18.05 6.37
N LYS A 137 -8.79 18.14 7.69
CA LYS A 137 -8.49 16.97 8.53
C LYS A 137 -7.35 16.12 7.93
N SER A 138 -6.26 16.79 7.55
CA SER A 138 -5.13 16.11 6.95
C SER A 138 -4.39 15.24 7.96
N VAL A 139 -3.54 14.35 7.44
CA VAL A 139 -2.71 13.52 8.31
C VAL A 139 -1.82 14.41 9.18
N LEU A 140 -1.33 15.50 8.61
CA LEU A 140 -0.46 16.39 9.38
C LEU A 140 -1.21 16.98 10.58
N ALA A 141 -2.46 17.37 10.38
CA ALA A 141 -3.26 17.87 11.51
C ALA A 141 -3.51 16.76 12.53
N ALA A 142 -3.70 15.53 12.06
CA ALA A 142 -3.96 14.45 13.01
C ALA A 142 -2.74 14.28 13.91
N LEU A 143 -1.56 14.53 13.35
CA LEU A 143 -0.32 14.38 14.12
C LEU A 143 -0.11 15.54 15.06
N TYR A 144 -0.31 16.76 14.58
CA TYR A 144 0.25 17.94 15.26
C TYR A 144 -0.73 19.04 15.65
N SER A 145 -2.01 18.93 15.30
CA SER A 145 -2.91 20.07 15.46
C SER A 145 -3.08 20.46 16.92
N SER A 146 -2.91 19.50 17.83
CA SER A 146 -3.08 19.78 19.26
C SER A 146 -1.95 20.67 19.79
N GLU A 147 -0.84 20.70 19.07
CA GLU A 147 0.32 21.53 19.46
C GLU A 147 0.35 22.85 18.69
N GLY A 148 -0.30 22.87 17.53
CA GLY A 148 -0.25 24.04 16.68
C GLY A 148 0.99 24.06 15.80
N SER A 149 1.10 25.08 14.95
CA SER A 149 2.16 25.15 13.96
C SER A 149 2.32 23.83 13.20
N VAL A 150 1.22 23.34 12.66
CA VAL A 150 1.18 22.01 12.04
C VAL A 150 2.24 21.82 10.97
N MET A 151 2.26 22.70 9.97
CA MET A 151 3.23 22.57 8.89
C MET A 151 4.67 22.65 9.40
N GLU A 152 4.91 23.60 10.29
CA GLU A 152 6.28 23.80 10.77
C GLU A 152 6.78 22.60 11.57
N ARG A 153 5.91 21.98 12.38
CA ARG A 153 6.27 20.72 13.04
C ARG A 153 6.61 19.66 11.99
N HIS A 154 5.84 19.61 10.91
CA HIS A 154 6.13 18.68 9.84
C HIS A 154 7.48 18.97 9.17
N HIS A 155 7.78 20.24 8.90
CA HIS A 155 9.04 20.59 8.25
C HIS A 155 10.18 20.11 9.13
N PHE A 156 10.03 20.35 10.43
CA PHE A 156 11.06 19.93 11.38
C PHE A 156 11.18 18.41 11.40
N ALA A 157 10.06 17.70 11.47
CA ALA A 157 10.11 16.25 11.48
C ALA A 157 10.78 15.70 10.21
N GLN A 158 10.52 16.34 9.08
CA GLN A 158 11.11 15.93 7.81
C GLN A 158 12.62 16.12 7.84
N ALA A 159 13.06 17.24 8.43
CA ALA A 159 14.49 17.51 8.59
C ALA A 159 15.14 16.39 9.38
N ILE A 160 14.49 15.98 10.47
CA ILE A 160 15.04 14.93 11.33
C ILE A 160 15.06 13.60 10.56
N ALA A 161 14.02 13.36 9.75
CA ALA A 161 13.95 12.14 8.98
C ALA A 161 15.10 12.08 7.96
N ILE A 162 15.47 13.23 7.43
CA ILE A 162 16.60 13.25 6.50
C ILE A 162 17.88 12.93 7.26
N LEU A 163 18.07 13.57 8.40
CA LEU A 163 19.28 13.27 9.20
C LEU A 163 19.31 11.80 9.62
N ASN A 164 18.15 11.20 9.86
CA ASN A 164 18.09 9.80 10.27
C ASN A 164 18.18 8.82 9.11
N THR A 165 18.38 9.34 7.91
CA THR A 165 18.59 8.51 6.75
C THR A 165 20.06 8.15 6.66
N HIS A 166 20.36 6.88 6.46
CA HIS A 166 21.73 6.42 6.42
C HIS A 166 22.52 7.22 5.41
N GLY A 167 23.69 7.70 5.84
CA GLY A 167 24.58 8.44 4.97
C GLY A 167 24.31 9.93 4.91
N CYS A 168 23.35 10.40 5.72
CA CYS A 168 22.92 11.79 5.62
C CYS A 168 23.03 12.61 6.90
N ASN A 169 23.50 12.00 7.97
CA ASN A 169 23.56 12.73 9.22
C ASN A 169 24.85 13.54 9.32
N ILE A 170 24.76 14.78 8.87
CA ILE A 170 25.92 15.66 8.90
C ILE A 170 26.42 15.98 10.31
N PHE A 171 25.62 15.66 11.34
CA PHE A 171 25.99 15.94 12.73
C PHE A 171 26.38 14.70 13.50
N ASP A 172 26.52 13.53 12.88
CA ASP A 172 26.53 12.33 13.73
C ASP A 172 27.85 12.05 14.45
N HIS A 173 28.87 12.87 14.18
CA HIS A 173 30.12 12.81 14.92
C HIS A 173 30.11 13.82 16.07
N PHE A 174 29.06 14.64 16.17
CA PHE A 174 28.96 15.61 17.26
C PHE A 174 28.90 14.92 18.60
N SER A 175 29.34 15.60 19.65
CA SER A 175 29.12 15.11 21.01
C SER A 175 27.63 14.99 21.25
N ARG A 176 27.24 14.14 22.20
CA ARG A 176 25.82 13.95 22.47
C ARG A 176 25.19 15.29 22.87
N LYS A 177 25.94 16.07 23.65
CA LYS A 177 25.49 17.40 24.05
C LYS A 177 25.32 18.34 22.85
N ASP A 178 26.31 18.38 21.96
CA ASP A 178 26.24 19.26 20.79
C ASP A 178 25.17 18.82 19.80
N TYR A 179 24.97 17.52 19.70
CA TYR A 179 23.95 16.98 18.81
C TYR A 179 22.57 17.40 19.31
N GLN A 180 22.37 17.24 20.61
CA GLN A 180 21.12 17.61 21.26
C GLN A 180 20.86 19.11 21.06
N ARG A 181 21.91 19.91 21.24
CA ARG A 181 21.80 21.35 21.03
C ARG A 181 21.38 21.75 19.61
N MET A 182 22.03 21.15 18.62
CA MET A 182 21.73 21.42 17.22
C MET A 182 20.29 21.09 16.89
N LEU A 183 19.81 19.94 17.34
CA LEU A 183 18.45 19.56 16.98
C LEU A 183 17.43 20.43 17.72
N ASP A 184 17.76 20.83 18.94
CA ASP A 184 16.91 21.72 19.69
C ASP A 184 16.83 23.09 19.01
N LEU A 185 17.96 23.60 18.54
CA LEU A 185 17.98 24.86 17.79
C LEU A 185 17.14 24.75 16.51
N MET A 186 17.27 23.64 15.79
CA MET A 186 16.51 23.46 14.57
C MET A 186 15.03 23.48 14.89
N ARG A 187 14.65 22.84 15.98
CA ARG A 187 13.25 22.87 16.39
C ARG A 187 12.79 24.31 16.60
N ASP A 188 13.52 25.04 17.44
CA ASP A 188 13.11 26.40 17.77
C ASP A 188 13.06 27.29 16.54
N ILE A 189 14.09 27.19 15.70
CA ILE A 189 14.19 28.09 14.55
C ILE A 189 13.14 27.74 13.49
N ILE A 190 12.95 26.46 13.19
CA ILE A 190 11.91 26.11 12.22
C ILE A 190 10.52 26.46 12.73
N LEU A 191 10.24 26.23 14.01
CA LEU A 191 8.92 26.58 14.55
C LEU A 191 8.71 28.11 14.55
N ALA A 192 9.80 28.88 14.62
CA ALA A 192 9.69 30.34 14.58
C ALA A 192 9.18 30.85 13.23
N THR A 193 9.22 30.01 12.20
CA THR A 193 8.76 30.43 10.87
C THR A 193 7.24 30.52 10.77
N ASP A 194 6.52 29.98 11.76
CA ASP A 194 5.07 30.18 11.86
C ASP A 194 4.84 31.67 12.17
N LEU A 195 4.22 32.41 11.25
CA LEU A 195 4.03 33.85 11.49
C LEU A 195 3.16 34.12 12.73
N ALA A 196 2.33 33.16 13.13
CA ALA A 196 1.56 33.33 14.37
C ALA A 196 2.51 33.41 15.56
N HIS A 197 3.59 32.64 15.51
CA HIS A 197 4.59 32.66 16.57
C HIS A 197 5.30 34.00 16.55
N HIS A 198 5.72 34.44 15.37
CA HIS A 198 6.30 35.76 15.27
C HIS A 198 5.42 36.85 15.89
N LEU A 199 4.15 36.88 15.51
CA LEU A 199 3.25 37.90 16.03
C LEU A 199 3.10 37.81 17.56
N ARG A 200 3.17 36.59 18.11
CA ARG A 200 3.10 36.42 19.56
C ARG A 200 4.32 36.99 20.28
N ILE A 201 5.52 36.82 19.70
CA ILE A 201 6.74 37.29 20.37
C ILE A 201 7.16 38.70 19.97
N PHE A 202 6.34 39.35 19.12
CA PHE A 202 6.70 40.66 18.61
C PHE A 202 7.03 41.69 19.70
N LYS A 203 6.19 41.78 20.74
CA LYS A 203 6.45 42.73 21.83
C LYS A 203 7.76 42.44 22.55
N ASP A 204 8.09 41.15 22.68
CA ASP A 204 9.35 40.76 23.31
C ASP A 204 10.52 41.21 22.46
N LEU A 205 10.39 41.07 21.13
CA LEU A 205 11.39 41.55 20.19
C LEU A 205 11.59 43.06 20.30
N GLN A 206 10.49 43.79 20.29
CA GLN A 206 10.55 45.22 20.54
C GLN A 206 11.25 45.56 21.85
N LYS A 207 10.92 44.82 22.90
CA LYS A 207 11.49 45.06 24.22
C LYS A 207 13.00 44.84 24.18
N MET A 208 13.42 43.76 23.54
CA MET A 208 14.84 43.47 23.40
C MET A 208 15.54 44.61 22.66
N ALA A 209 14.95 45.03 21.54
CA ALA A 209 15.51 46.12 20.75
C ALA A 209 15.61 47.39 21.57
N GLU A 210 14.65 47.63 22.45
CA GLU A 210 14.76 48.94 23.11
C GLU A 210 15.72 48.91 24.31
N VAL A 211 15.85 47.83 25.06
CA VAL A 211 16.80 47.77 26.16
C VAL A 211 18.22 47.59 25.66
N GLY A 212 18.35 46.93 24.51
CA GLY A 212 19.65 46.67 23.92
C GLY A 212 20.01 45.20 24.01
N TYR A 213 20.49 44.65 22.90
CA TYR A 213 20.88 43.25 22.85
C TYR A 213 21.99 42.92 23.86
N ASP A 214 21.71 41.94 24.70
CA ASP A 214 22.67 41.46 25.70
C ASP A 214 23.15 40.06 25.32
N ARG A 215 24.39 39.97 24.84
CA ARG A 215 24.93 38.71 24.34
C ARG A 215 25.04 37.65 25.44
N ASN A 216 25.03 38.09 26.69
CA ASN A 216 25.07 37.16 27.81
C ASN A 216 23.68 36.71 28.26
N ASN A 217 22.66 37.15 27.53
CA ASN A 217 21.27 36.82 27.86
C ASN A 217 20.76 35.73 26.93
N LYS A 218 20.50 34.55 27.49
CA LYS A 218 20.10 33.39 26.69
C LYS A 218 18.77 33.63 25.98
N GLN A 219 17.86 34.32 26.64
CA GLN A 219 16.57 34.61 26.02
C GLN A 219 16.76 35.56 24.84
N HIS A 220 17.71 36.49 24.95
CA HIS A 220 18.01 37.38 23.83
C HIS A 220 18.53 36.62 22.62
N HIS A 221 19.37 35.60 22.84
CA HIS A 221 19.81 34.75 21.73
C HIS A 221 18.61 34.10 21.06
N ARG A 222 17.74 33.54 21.84
CA ARG A 222 16.57 32.86 21.32
C ARG A 222 15.69 33.81 20.49
N LEU A 223 15.44 35.00 21.02
CA LEU A 223 14.63 36.00 20.34
C LEU A 223 15.29 36.42 19.03
N LEU A 224 16.60 36.65 19.09
CA LEU A 224 17.30 37.11 17.90
C LEU A 224 17.25 36.06 16.79
N LEU A 225 17.46 34.79 17.16
CA LEU A 225 17.39 33.71 16.16
C LEU A 225 16.00 33.70 15.50
N CYS A 226 14.94 33.92 16.28
CA CYS A 226 13.59 33.99 15.72
C CYS A 226 13.48 35.13 14.71
N LEU A 227 13.88 36.34 15.13
CA LEU A 227 13.81 37.50 14.26
C LEU A 227 14.63 37.29 12.99
N LEU A 228 15.83 36.75 13.12
CA LEU A 228 16.68 36.49 11.95
C LEU A 228 16.02 35.49 11.00
N MET A 229 15.47 34.41 11.54
CA MET A 229 14.78 33.41 10.72
C MET A 229 13.64 34.06 9.95
N THR A 230 12.82 34.84 10.66
CA THR A 230 11.70 35.51 9.99
C THR A 230 12.23 36.44 8.92
N SER A 231 13.33 37.13 9.21
CA SER A 231 13.93 38.06 8.24
C SER A 231 14.39 37.32 6.99
N CYS A 232 14.92 36.11 7.18
CA CYS A 232 15.32 35.28 6.03
C CYS A 232 14.10 34.82 5.24
N ASP A 233 13.08 34.34 5.95
CA ASP A 233 11.86 33.81 5.34
C ASP A 233 11.14 34.86 4.48
N LEU A 234 11.20 36.13 4.88
CA LEU A 234 10.46 37.17 4.15
C LEU A 234 11.35 37.99 3.22
N SER A 235 12.60 37.53 3.05
CA SER A 235 13.63 38.36 2.43
C SER A 235 13.41 38.68 0.95
N ASP A 236 12.53 37.94 0.28
CA ASP A 236 12.14 38.33 -1.08
C ASP A 236 11.70 39.80 -1.12
N GLN A 237 11.12 40.29 -0.04
CA GLN A 237 10.56 41.64 -0.04
C GLN A 237 11.63 42.74 0.06
N THR A 238 12.86 42.32 0.36
CA THR A 238 13.96 43.27 0.49
C THR A 238 14.69 43.47 -0.83
N LYS A 239 14.20 42.81 -1.89
CA LYS A 239 14.81 42.96 -3.21
C LYS A 239 14.11 44.04 -4.04
N GLY A 240 14.42 44.08 -5.33
CA GLY A 240 13.83 45.08 -6.20
C GLY A 240 12.36 44.85 -6.49
N TRP A 241 11.71 45.85 -7.10
CA TRP A 241 10.28 45.74 -7.40
C TRP A 241 9.96 44.52 -8.26
N LYS A 242 10.77 44.27 -9.28
CA LYS A 242 10.54 43.14 -10.17
C LYS A 242 10.46 41.83 -9.39
N THR A 243 11.40 41.65 -8.47
CA THR A 243 11.36 40.47 -7.62
C THR A 243 10.05 40.38 -6.83
N THR A 244 9.64 41.48 -6.20
CA THR A 244 8.51 41.36 -5.30
C THR A 244 7.21 41.26 -6.08
N ARG A 245 7.17 41.80 -7.30
CA ARG A 245 5.99 41.61 -8.14
C ARG A 245 5.85 40.13 -8.52
N LYS A 246 6.96 39.53 -8.94
CA LYS A 246 6.96 38.11 -9.26
C LYS A 246 6.58 37.27 -8.03
N ILE A 247 7.09 37.61 -6.85
CA ILE A 247 6.80 36.80 -5.68
C ILE A 247 5.31 36.94 -5.32
N ALA A 248 4.74 38.12 -5.53
CA ALA A 248 3.29 38.27 -5.34
C ALA A 248 2.52 37.32 -6.26
N GLU A 249 2.97 37.20 -7.51
CA GLU A 249 2.34 36.27 -8.46
C GLU A 249 2.37 34.84 -7.93
N LEU A 250 3.52 34.45 -7.40
CA LEU A 250 3.69 33.09 -6.88
C LEU A 250 2.85 32.84 -5.64
N ILE A 251 2.93 33.76 -4.68
CA ILE A 251 2.14 33.64 -3.45
C ILE A 251 0.64 33.51 -3.76
N TYR A 252 0.12 34.41 -4.58
CA TYR A 252 -1.33 34.41 -4.76
C TYR A 252 -1.77 33.23 -5.62
N LYS A 253 -0.92 32.79 -6.56
CA LYS A 253 -1.28 31.56 -7.29
C LYS A 253 -1.44 30.42 -6.30
N GLU A 254 -0.48 30.29 -5.37
CA GLU A 254 -0.54 29.24 -4.37
C GLU A 254 -1.77 29.46 -3.48
N PHE A 255 -1.96 30.68 -2.99
CA PHE A 255 -3.07 30.97 -2.08
C PHE A 255 -4.42 30.73 -2.76
N PHE A 256 -4.58 31.20 -3.99
CA PHE A 256 -5.85 31.06 -4.67
C PHE A 256 -6.16 29.60 -4.95
N SER A 257 -5.13 28.79 -5.21
CA SER A 257 -5.37 27.36 -5.39
C SER A 257 -5.94 26.74 -4.12
N GLN A 258 -5.40 27.13 -2.96
CA GLN A 258 -5.96 26.68 -1.70
C GLN A 258 -7.42 27.13 -1.60
N GLY A 259 -7.67 28.40 -1.91
CA GLY A 259 -9.02 28.95 -1.80
C GLY A 259 -10.02 28.18 -2.63
N ASP A 260 -9.64 27.83 -3.85
CA ASP A 260 -10.49 27.02 -4.72
C ASP A 260 -10.84 25.69 -4.05
N LEU A 261 -9.86 25.09 -3.39
CA LEU A 261 -10.10 23.84 -2.67
C LEU A 261 -11.04 24.02 -1.48
N GLU A 262 -10.90 25.15 -0.79
CA GLU A 262 -11.76 25.43 0.34
C GLU A 262 -13.20 25.63 -0.11
N LYS A 263 -13.38 26.35 -1.22
CA LYS A 263 -14.72 26.54 -1.78
C LYS A 263 -15.36 25.21 -2.12
N ALA A 264 -14.58 24.32 -2.73
CA ALA A 264 -15.05 22.99 -3.10
C ALA A 264 -15.43 22.16 -1.87
N MET A 265 -14.80 22.44 -0.74
CA MET A 265 -15.11 21.77 0.52
C MET A 265 -16.32 22.40 1.20
N GLY A 266 -16.85 23.46 0.60
CA GLY A 266 -18.00 24.15 1.16
C GLY A 266 -17.61 25.19 2.19
N ASN A 267 -16.32 25.52 2.21
CA ASN A 267 -15.80 26.51 3.15
C ASN A 267 -15.46 27.83 2.47
N ARG A 268 -15.79 28.93 3.14
CA ARG A 268 -15.50 30.28 2.68
C ARG A 268 -14.06 30.67 2.96
N PRO A 269 -13.23 30.74 1.91
CA PRO A 269 -11.81 31.06 2.10
C PRO A 269 -11.59 32.45 2.68
N MET A 270 -10.45 32.68 3.28
CA MET A 270 -10.02 34.00 3.66
C MET A 270 -9.96 34.82 2.40
N GLU A 271 -10.17 36.10 2.54
CA GLU A 271 -10.20 36.99 1.38
C GLU A 271 -8.90 36.91 0.58
N MET A 272 -7.76 36.80 1.26
CA MET A 272 -6.49 36.77 0.55
C MET A 272 -6.29 35.46 -0.18
N MET A 273 -7.19 34.51 0.06
CA MET A 273 -7.07 33.23 -0.63
C MET A 273 -8.22 33.03 -1.63
N ASP A 274 -9.08 34.03 -1.74
CA ASP A 274 -10.24 33.96 -2.62
C ASP A 274 -10.00 34.81 -3.86
N ARG A 275 -9.81 34.16 -5.01
CA ARG A 275 -9.47 34.85 -6.24
C ARG A 275 -10.58 35.76 -6.74
N GLU A 276 -11.79 35.62 -6.21
CA GLU A 276 -12.91 36.48 -6.60
C GLU A 276 -12.99 37.75 -5.75
N LYS A 277 -12.32 37.78 -4.62
CA LYS A 277 -12.40 38.86 -3.65
C LYS A 277 -11.07 39.57 -3.39
N ALA A 278 -9.96 38.84 -3.50
CA ALA A 278 -8.64 39.39 -3.22
C ALA A 278 -8.31 40.59 -4.11
N TYR A 279 -7.98 41.72 -3.50
CA TYR A 279 -7.45 42.86 -4.25
C TYR A 279 -5.98 43.00 -3.90
N ILE A 280 -5.14 42.46 -4.77
CA ILE A 280 -3.74 42.25 -4.46
C ILE A 280 -2.96 43.50 -4.00
N PRO A 281 -3.11 44.66 -4.67
CA PRO A 281 -2.35 45.83 -4.15
C PRO A 281 -2.64 46.18 -2.68
N GLU A 282 -3.91 46.13 -2.30
CA GLU A 282 -4.31 46.44 -0.93
C GLU A 282 -3.82 45.36 0.05
N LEU A 283 -3.89 44.10 -0.37
CA LEU A 283 -3.36 43.01 0.45
C LEU A 283 -1.86 43.13 0.65
N GLN A 284 -1.15 43.48 -0.40
CA GLN A 284 0.30 43.56 -0.30
C GLN A 284 0.69 44.75 0.56
N ILE A 285 -0.02 45.86 0.41
CA ILE A 285 0.22 47.01 1.26
C ILE A 285 0.02 46.62 2.73
N SER A 286 -1.04 45.87 3.01
CA SER A 286 -1.33 45.39 4.37
C SER A 286 -0.22 44.49 4.90
N PHE A 287 0.22 43.54 4.09
CA PHE A 287 1.32 42.67 4.50
C PHE A 287 2.58 43.47 4.79
N MET A 288 2.86 44.45 3.95
CA MET A 288 4.07 45.23 4.12
C MET A 288 3.96 46.10 5.37
N GLU A 289 2.84 46.78 5.55
CA GLU A 289 2.65 47.69 6.67
C GLU A 289 2.60 46.97 8.01
N HIS A 290 1.84 45.88 8.05
CA HIS A 290 1.53 45.24 9.32
C HIS A 290 2.51 44.13 9.67
N ILE A 291 3.14 43.52 8.67
CA ILE A 291 4.06 42.43 8.98
C ILE A 291 5.51 42.67 8.54
N ALA A 292 5.75 42.94 7.26
CA ALA A 292 7.13 42.98 6.77
C ALA A 292 7.92 44.20 7.26
N MET A 293 7.35 45.39 7.14
CA MET A 293 8.08 46.59 7.53
C MET A 293 8.49 46.56 9.00
N PRO A 294 7.60 46.14 9.92
CA PRO A 294 8.04 46.17 11.32
C PRO A 294 9.14 45.18 11.62
N ILE A 295 9.16 44.07 10.89
CA ILE A 295 10.20 43.08 11.05
C ILE A 295 11.55 43.68 10.67
N TYR A 296 11.62 44.33 9.51
CA TYR A 296 12.90 44.86 9.08
C TYR A 296 13.25 46.16 9.81
N LYS A 297 12.27 46.84 10.39
CA LYS A 297 12.58 47.97 11.25
C LYS A 297 13.28 47.47 12.52
N LEU A 298 12.76 46.38 13.08
CA LEU A 298 13.41 45.74 14.24
C LEU A 298 14.83 45.32 13.90
N LEU A 299 15.00 44.71 12.73
CA LEU A 299 16.33 44.29 12.29
C LEU A 299 17.27 45.50 12.22
N GLN A 300 16.77 46.61 11.67
CA GLN A 300 17.55 47.85 11.59
C GLN A 300 17.86 48.39 12.98
N ASP A 301 16.89 48.32 13.89
CA ASP A 301 17.08 48.80 15.25
C ASP A 301 18.26 48.08 15.92
N LEU A 302 18.39 46.80 15.58
CA LEU A 302 19.39 45.93 16.20
C LEU A 302 20.70 45.97 15.44
N PHE A 303 20.62 46.09 14.13
CA PHE A 303 21.77 46.12 13.25
C PHE A 303 21.67 47.31 12.34
N PRO A 304 22.38 48.41 12.64
CA PRO A 304 22.28 49.61 11.80
C PRO A 304 22.61 49.35 10.34
N LYS A 305 23.45 48.36 10.05
CA LYS A 305 23.83 48.06 8.66
C LYS A 305 22.67 47.43 7.87
N ALA A 306 21.59 47.10 8.56
CA ALA A 306 20.41 46.50 7.94
C ALA A 306 19.43 47.57 7.49
N ALA A 307 19.80 48.84 7.66
CA ALA A 307 18.91 49.95 7.32
C ALA A 307 18.41 49.87 5.88
N GLU A 308 19.29 49.51 4.96
CA GLU A 308 18.93 49.48 3.56
C GLU A 308 17.83 48.45 3.27
N LEU A 309 17.78 47.40 4.08
CA LEU A 309 16.76 46.37 3.90
C LEU A 309 15.38 46.92 4.22
N TYR A 310 15.27 47.61 5.35
CA TYR A 310 14.01 48.24 5.72
C TYR A 310 13.59 49.25 4.67
N GLU A 311 14.56 50.05 4.20
CA GLU A 311 14.30 51.07 3.19
C GLU A 311 13.77 50.46 1.89
N ARG A 312 14.29 49.30 1.51
CA ARG A 312 13.78 48.60 0.32
C ARG A 312 12.35 48.15 0.53
N VAL A 313 12.09 47.52 1.67
CA VAL A 313 10.75 47.03 1.98
C VAL A 313 9.75 48.18 2.00
N ALA A 314 10.15 49.31 2.60
CA ALA A 314 9.30 50.50 2.58
C ALA A 314 9.04 50.98 1.15
N SER A 315 10.10 50.97 0.33
CA SER A 315 10.01 51.41 -1.06
C SER A 315 9.06 50.51 -1.83
N ASN A 316 9.17 49.21 -1.60
CA ASN A 316 8.28 48.26 -2.26
C ASN A 316 6.83 48.48 -1.83
N ARG A 317 6.58 48.83 -0.60
CA ARG A 317 5.23 49.11 -0.20
C ARG A 317 4.68 50.32 -0.91
N GLU A 318 5.52 51.31 -1.10
CA GLU A 318 5.01 52.49 -1.78
C GLU A 318 4.77 52.20 -3.26
N HIS A 319 5.47 51.23 -3.82
CA HIS A 319 5.28 50.89 -5.23
C HIS A 319 3.88 50.30 -5.46
N TRP A 320 3.38 49.55 -4.50
CA TRP A 320 2.05 48.99 -4.60
C TRP A 320 1.01 50.10 -4.65
N THR A 321 1.23 51.17 -3.88
CA THR A 321 0.32 52.31 -3.93
C THR A 321 0.34 52.92 -5.33
N LYS A 322 1.52 53.05 -5.87
CA LYS A 322 1.70 53.66 -7.15
C LYS A 322 1.09 52.91 -8.29
N VAL A 323 1.10 51.60 -8.27
CA VAL A 323 0.59 50.82 -9.38
C VAL A 323 -0.85 50.43 -9.22
N SER A 324 -1.45 50.74 -8.10
CA SER A 324 -2.74 50.25 -7.78
C SER A 324 -3.80 50.66 -8.80
N HIS A 325 -3.68 51.86 -9.30
CA HIS A 325 -4.62 52.40 -10.24
C HIS A 325 -4.70 51.59 -11.50
N LYS A 326 -3.65 50.86 -11.81
CA LYS A 326 -3.61 50.02 -12.99
C LYS A 326 -4.47 48.76 -12.86
N PHE A 327 -4.99 48.50 -11.67
CA PHE A 327 -5.86 47.35 -11.47
C PHE A 327 -7.31 47.70 -11.81
N THR A 328 -7.57 48.98 -12.06
CA THR A 328 -8.89 49.40 -12.51
C THR A 328 -8.88 49.53 -14.04
N ILE A 329 -9.82 48.87 -14.70
CA ILE A 329 -9.90 48.88 -16.16
C ILE A 329 -10.50 50.19 -16.67
N ARG A 330 -9.67 50.98 -17.35
CA ARG A 330 -10.15 52.22 -17.98
C ARG A 330 -10.16 52.06 -19.49
N GLY A 331 -11.05 52.79 -20.14
CA GLY A 331 -11.30 52.54 -21.54
C GLY A 331 -11.87 51.15 -21.71
N LEU A 332 -11.60 50.55 -22.86
CA LEU A 332 -12.01 49.17 -23.13
C LEU A 332 -10.82 48.26 -22.95
N PRO A 333 -11.08 46.96 -22.72
CA PRO A 333 -10.01 45.96 -22.79
C PRO A 333 -9.36 45.96 -24.18
N SER A 334 -8.20 45.33 -24.30
CA SER A 334 -7.46 45.48 -25.55
C SER A 334 -8.17 44.85 -26.74
N ASN A 335 -9.06 43.89 -26.49
CA ASN A 335 -9.85 43.31 -27.58
C ASN A 335 -11.07 44.16 -27.94
N ASN A 336 -11.21 45.32 -27.30
CA ASN A 336 -12.36 46.21 -27.48
C ASN A 336 -13.68 45.57 -27.11
N SER A 337 -13.64 44.51 -26.33
CA SER A 337 -14.85 43.78 -26.00
C SER A 337 -15.20 43.86 -24.52
N LEU A 338 -16.50 43.91 -24.23
CA LEU A 338 -16.99 43.85 -22.86
C LEU A 338 -17.56 42.47 -22.54
N ASP A 339 -17.10 41.45 -23.27
CA ASP A 339 -17.51 40.06 -23.04
C ASP A 339 -17.30 39.60 -21.60
N PHE A 340 -16.26 40.13 -20.95
CA PHE A 340 -15.91 39.68 -19.61
C PHE A 340 -16.99 40.05 -18.59
N LEU A 341 -17.94 40.90 -18.97
CA LEU A 341 -19.01 41.31 -18.07
C LEU A 341 -20.05 40.21 -17.92
N MET B 3 11.85 -12.68 4.28
CA MET B 3 10.73 -11.83 4.68
C MET B 3 9.81 -11.51 3.49
N ASP B 4 10.35 -11.43 2.28
CA ASP B 4 9.42 -11.41 1.15
C ASP B 4 8.80 -12.79 1.05
N ASP B 5 9.57 -13.81 1.39
CA ASP B 5 8.95 -15.13 1.37
C ASP B 5 8.04 -15.30 2.58
N GLU B 6 8.29 -14.57 3.67
CA GLU B 6 7.31 -14.50 4.74
C GLU B 6 6.01 -13.87 4.27
N TYR B 7 6.11 -12.78 3.52
CA TYR B 7 4.92 -12.14 2.97
C TYR B 7 4.15 -13.08 2.04
N THR B 8 4.89 -13.78 1.20
CA THR B 8 4.30 -14.71 0.25
C THR B 8 3.44 -15.75 0.94
N LYS B 9 3.98 -16.36 1.98
CA LYS B 9 3.24 -17.39 2.70
C LYS B 9 2.08 -16.78 3.47
N LEU B 10 2.33 -15.63 4.08
CA LEU B 10 1.32 -14.98 4.89
C LEU B 10 0.12 -14.62 4.04
N LEU B 11 0.37 -14.24 2.80
CA LEU B 11 -0.72 -13.89 1.90
C LEU B 11 -1.38 -15.11 1.25
N HIS B 12 -0.59 -16.02 0.70
CA HIS B 12 -1.15 -17.02 -0.22
C HIS B 12 -1.52 -18.37 0.41
N ASP B 13 -1.06 -18.63 1.61
CA ASP B 13 -1.54 -19.79 2.37
C ASP B 13 -2.84 -19.38 3.05
N GLY B 14 -3.68 -20.35 3.43
CA GLY B 14 -4.88 -19.99 4.14
C GLY B 14 -4.55 -19.44 5.51
N ILE B 15 -5.42 -18.61 6.06
CA ILE B 15 -5.30 -18.21 7.45
C ILE B 15 -5.69 -19.38 8.35
N GLN B 16 -4.75 -19.81 9.18
CA GLN B 16 -4.95 -20.96 10.06
C GLN B 16 -6.12 -20.75 11.05
N PRO B 17 -6.97 -21.78 11.22
CA PRO B 17 -7.95 -21.70 12.32
C PRO B 17 -7.23 -21.50 13.66
N VAL B 18 -7.70 -20.58 14.51
CA VAL B 18 -6.97 -20.32 15.75
C VAL B 18 -6.80 -21.54 16.65
N ALA B 19 -7.77 -22.46 16.66
CA ALA B 19 -7.65 -23.64 17.50
C ALA B 19 -6.51 -24.54 17.04
N ALA B 20 -6.10 -24.39 15.79
CA ALA B 20 -4.99 -25.19 15.28
C ALA B 20 -3.64 -24.65 15.74
N ILE B 21 -3.61 -23.40 16.21
CA ILE B 21 -2.37 -22.83 16.73
C ILE B 21 -1.96 -23.51 18.02
N ASP B 22 -2.93 -23.64 18.91
CA ASP B 22 -2.75 -24.31 20.19
C ASP B 22 -4.12 -24.64 20.74
N SER B 23 -4.25 -25.81 21.37
CA SER B 23 -5.53 -26.24 21.90
C SER B 23 -6.02 -25.27 22.97
N ASN B 24 -5.09 -24.56 23.59
CA ASN B 24 -5.42 -23.63 24.67
C ASN B 24 -5.36 -22.16 24.24
N PHE B 25 -5.33 -21.91 22.93
CA PHE B 25 -5.02 -20.58 22.42
C PHE B 25 -6.00 -19.49 22.86
N ALA B 26 -7.25 -19.86 23.09
CA ALA B 26 -8.24 -18.84 23.46
C ALA B 26 -8.53 -18.80 24.96
N SER B 27 -7.70 -19.45 25.76
CA SER B 27 -7.90 -19.49 27.21
C SER B 27 -7.00 -18.49 27.92
N PHE B 28 -7.48 -17.98 29.05
CA PHE B 28 -6.71 -17.04 29.88
C PHE B 28 -5.41 -17.66 30.41
N THR B 29 -5.31 -18.99 30.39
CA THR B 29 -4.10 -19.64 30.89
C THR B 29 -3.02 -19.73 29.81
N TYR B 30 -3.37 -19.38 28.57
CA TYR B 30 -2.41 -19.46 27.48
C TYR B 30 -1.37 -18.35 27.58
N THR B 31 -0.10 -18.70 27.32
CA THR B 31 0.99 -17.73 27.32
C THR B 31 1.46 -17.44 25.91
N PRO B 32 1.02 -16.31 25.34
CA PRO B 32 1.32 -16.00 23.93
C PRO B 32 2.81 -15.84 23.66
N ARG B 33 3.59 -15.53 24.68
CA ARG B 33 5.04 -15.44 24.49
C ARG B 33 5.66 -16.82 24.19
N SER B 34 4.91 -17.89 24.42
CA SER B 34 5.34 -19.25 24.07
C SER B 34 5.34 -19.48 22.57
N LEU B 35 4.57 -18.69 21.84
CA LEU B 35 4.49 -18.86 20.41
C LEU B 35 5.77 -18.35 19.77
N PRO B 36 6.36 -19.13 18.86
CA PRO B 36 7.56 -18.67 18.15
C PRO B 36 7.30 -17.34 17.45
N GLU B 37 8.28 -16.44 17.45
CA GLU B 37 8.05 -15.13 16.87
C GLU B 37 7.75 -15.22 15.37
N ASP B 38 8.31 -16.23 14.72
CA ASP B 38 8.04 -16.49 13.30
C ASP B 38 6.57 -16.80 13.00
N ASP B 39 5.81 -17.19 14.02
CA ASP B 39 4.42 -17.58 13.82
C ASP B 39 3.44 -16.49 14.22
N THR B 40 3.95 -15.39 14.76
CA THR B 40 3.04 -14.41 15.37
C THR B 40 2.21 -13.62 14.36
N SER B 41 2.78 -13.25 13.22
CA SER B 41 1.99 -12.53 12.24
C SER B 41 0.83 -13.37 11.72
N MET B 42 1.04 -14.68 11.55
CA MET B 42 -0.04 -15.55 11.13
C MET B 42 -1.07 -15.68 12.25
N ALA B 43 -0.62 -15.68 13.50
CA ALA B 43 -1.55 -15.72 14.62
C ALA B 43 -2.43 -14.47 14.65
N ILE B 44 -1.86 -13.31 14.31
CA ILE B 44 -2.62 -12.07 14.21
C ILE B 44 -3.75 -12.26 13.19
N LEU B 45 -3.43 -12.80 12.01
CA LEU B 45 -4.44 -13.03 10.99
C LEU B 45 -5.51 -14.00 11.48
N SER B 46 -5.07 -15.04 12.17
CA SER B 46 -5.98 -16.05 12.70
C SER B 46 -6.99 -15.42 13.67
N MET B 47 -6.51 -14.52 14.51
CA MET B 47 -7.37 -13.84 15.48
C MET B 47 -8.31 -12.86 14.80
N LEU B 48 -7.79 -12.10 13.83
CA LEU B 48 -8.66 -11.16 13.10
C LEU B 48 -9.75 -11.92 12.35
N GLN B 49 -9.39 -13.08 11.81
CA GLN B 49 -10.36 -13.93 11.11
C GLN B 49 -11.41 -14.45 12.08
N ASP B 50 -10.97 -14.88 13.26
CA ASP B 50 -11.91 -15.45 14.20
C ASP B 50 -12.86 -14.39 14.78
N MET B 51 -12.42 -13.13 14.81
CA MET B 51 -13.25 -12.05 15.32
C MET B 51 -14.13 -11.47 14.22
N ASN B 52 -14.01 -12.06 13.04
CA ASN B 52 -14.81 -11.70 11.86
C ASN B 52 -14.54 -10.28 11.35
N PHE B 53 -13.38 -9.71 11.70
CA PHE B 53 -13.11 -8.33 11.33
C PHE B 53 -12.71 -8.26 9.87
N ILE B 54 -12.07 -9.30 9.36
CA ILE B 54 -11.66 -9.29 7.95
C ILE B 54 -12.91 -9.20 7.06
N ASN B 55 -14.00 -9.85 7.48
CA ASN B 55 -15.29 -9.75 6.78
C ASN B 55 -16.08 -8.47 7.06
N ASN B 56 -16.24 -8.13 8.34
CA ASN B 56 -17.00 -6.93 8.70
C ASN B 56 -16.45 -5.65 8.08
N TYR B 57 -15.13 -5.56 7.93
CA TYR B 57 -14.50 -4.36 7.40
C TYR B 57 -13.86 -4.59 6.06
N LYS B 58 -14.32 -5.64 5.38
CA LYS B 58 -13.91 -5.97 4.01
C LYS B 58 -12.43 -5.75 3.74
N ILE B 59 -11.58 -6.34 4.58
CA ILE B 59 -10.17 -6.03 4.51
C ILE B 59 -9.48 -6.83 3.41
N ASP B 60 -8.91 -6.10 2.45
CA ASP B 60 -8.14 -6.67 1.36
C ASP B 60 -7.01 -7.48 1.98
N CYS B 61 -6.93 -8.77 1.62
CA CYS B 61 -5.94 -9.59 2.33
C CYS B 61 -4.47 -9.24 2.03
N PRO B 62 -4.10 -8.86 0.78
CA PRO B 62 -2.71 -8.40 0.62
C PRO B 62 -2.40 -7.18 1.48
N THR B 63 -3.38 -6.28 1.60
CA THR B 63 -3.21 -5.09 2.42
C THR B 63 -3.03 -5.46 3.89
N LEU B 64 -3.83 -6.43 4.35
CA LEU B 64 -3.76 -6.84 5.74
C LEU B 64 -2.42 -7.53 6.04
N ALA B 65 -1.98 -8.39 5.14
CA ALA B 65 -0.69 -9.05 5.29
C ALA B 65 0.43 -8.01 5.36
N ARG B 66 0.40 -7.06 4.43
CA ARG B 66 1.42 -6.01 4.42
C ARG B 66 1.38 -5.20 5.70
N PHE B 67 0.19 -4.85 6.14
CA PHE B 67 0.02 -4.08 7.37
C PHE B 67 0.64 -4.81 8.57
N CYS B 68 0.30 -6.08 8.72
CA CYS B 68 0.81 -6.87 9.83
C CYS B 68 2.34 -6.90 9.83
N LEU B 69 2.94 -7.09 8.65
CA LEU B 69 4.40 -7.17 8.60
C LEU B 69 5.02 -5.79 8.84
N MET B 70 4.37 -4.75 8.35
CA MET B 70 4.89 -3.40 8.56
C MET B 70 4.84 -3.03 10.04
N VAL B 71 3.74 -3.36 10.72
CA VAL B 71 3.63 -3.11 12.16
C VAL B 71 4.73 -3.87 12.93
N LYS B 72 4.91 -5.16 12.61
CA LYS B 72 5.97 -5.94 13.25
C LYS B 72 7.34 -5.29 13.03
N LYS B 73 7.61 -4.88 11.79
CA LYS B 73 8.88 -4.25 11.41
C LYS B 73 9.09 -2.92 12.12
N GLY B 74 7.98 -2.31 12.57
CA GLY B 74 8.02 -1.00 13.20
C GLY B 74 8.43 -1.02 14.66
N TYR B 75 8.64 -2.20 15.22
CA TYR B 75 9.14 -2.31 16.58
C TYR B 75 10.66 -2.48 16.56
N ARG B 76 11.32 -1.85 17.52
CA ARG B 76 12.75 -2.09 17.72
C ARG B 76 12.89 -3.28 18.67
N ASP B 77 14.09 -3.48 19.19
CA ASP B 77 14.31 -4.63 20.07
C ASP B 77 14.87 -4.30 21.45
N PRO B 78 14.23 -3.36 22.18
CA PRO B 78 14.67 -3.22 23.57
C PRO B 78 14.22 -4.46 24.32
N PRO B 79 14.70 -4.66 25.55
CA PRO B 79 14.34 -5.92 26.22
C PRO B 79 12.83 -6.17 26.38
N TYR B 80 12.03 -5.17 26.71
CA TYR B 80 10.60 -5.39 26.93
C TYR B 80 9.68 -4.84 25.83
N HIS B 81 9.89 -3.57 25.45
CA HIS B 81 8.96 -2.91 24.53
C HIS B 81 9.28 -3.23 23.08
N ASN B 82 9.09 -4.50 22.72
CA ASN B 82 9.36 -5.01 21.39
C ASN B 82 8.10 -5.66 20.79
N TRP B 83 8.21 -6.22 19.59
CA TRP B 83 7.04 -6.83 18.94
C TRP B 83 6.41 -7.94 19.77
N MET B 84 7.19 -8.76 20.47
CA MET B 84 6.55 -9.83 21.26
C MET B 84 5.65 -9.27 22.38
N HIS B 85 5.98 -8.09 22.90
CA HIS B 85 5.10 -7.37 23.81
C HIS B 85 3.80 -7.00 23.09
N ALA B 86 3.93 -6.34 21.94
CA ALA B 86 2.74 -5.93 21.21
C ALA B 86 1.86 -7.14 20.84
N PHE B 87 2.51 -8.23 20.45
CA PHE B 87 1.76 -9.43 20.07
C PHE B 87 0.99 -9.99 21.26
N SER B 88 1.65 -10.10 22.41
CA SER B 88 1.00 -10.69 23.58
C SER B 88 -0.13 -9.77 24.08
N VAL B 89 0.06 -8.46 23.92
CA VAL B 89 -0.96 -7.48 24.31
C VAL B 89 -2.17 -7.66 23.40
N SER B 90 -1.90 -7.81 22.10
CA SER B 90 -2.96 -8.03 21.10
C SER B 90 -3.66 -9.36 21.37
N HIS B 91 -2.88 -10.40 21.69
CA HIS B 91 -3.47 -11.67 22.05
C HIS B 91 -4.44 -11.51 23.22
N PHE B 92 -4.09 -10.69 24.21
CA PHE B 92 -4.98 -10.56 25.37
C PHE B 92 -6.29 -9.89 24.97
N CYS B 93 -6.19 -8.93 24.06
CA CYS B 93 -7.40 -8.29 23.54
C CYS B 93 -8.33 -9.35 22.94
N TYR B 94 -7.75 -10.24 22.13
CA TYR B 94 -8.50 -11.37 21.58
C TYR B 94 -9.13 -12.21 22.71
N LEU B 95 -8.37 -12.53 23.74
CA LEU B 95 -8.92 -13.28 24.88
C LEU B 95 -10.10 -12.57 25.53
N LEU B 96 -10.00 -11.26 25.70
CA LEU B 96 -11.10 -10.49 26.28
C LEU B 96 -12.31 -10.60 25.36
N TYR B 97 -12.07 -10.41 24.06
CA TYR B 97 -13.14 -10.58 23.07
C TYR B 97 -13.84 -11.93 23.22
N LYS B 98 -13.03 -12.99 23.28
CA LYS B 98 -13.59 -14.33 23.31
C LYS B 98 -14.22 -14.69 24.65
N ASN B 99 -13.59 -14.31 25.75
CA ASN B 99 -14.00 -14.80 27.06
C ASN B 99 -15.01 -13.90 27.76
N LEU B 100 -14.96 -12.60 27.48
CA LEU B 100 -15.85 -11.62 28.13
C LEU B 100 -17.01 -11.20 27.24
N GLU B 101 -17.03 -11.69 26.00
CA GLU B 101 -18.11 -11.37 25.06
C GLU B 101 -18.27 -9.86 24.87
N LEU B 102 -17.21 -9.21 24.42
CA LEU B 102 -17.18 -7.76 24.27
C LEU B 102 -18.22 -7.22 23.30
N THR B 103 -18.70 -8.04 22.36
CA THR B 103 -19.72 -7.58 21.40
C THR B 103 -21.03 -7.21 22.08
N ASN B 104 -21.19 -7.61 23.34
CA ASN B 104 -22.37 -7.22 24.11
C ASN B 104 -22.17 -5.90 24.86
N TYR B 105 -20.97 -5.35 24.81
CA TYR B 105 -20.67 -4.13 25.55
C TYR B 105 -20.21 -2.99 24.64
N LEU B 106 -19.50 -3.34 23.59
CA LEU B 106 -18.90 -2.35 22.71
C LEU B 106 -19.36 -2.51 21.28
N GLU B 107 -19.36 -1.41 20.54
CA GLU B 107 -19.61 -1.45 19.10
C GLU B 107 -18.50 -2.23 18.43
N ASP B 108 -18.82 -2.87 17.31
CA ASP B 108 -17.81 -3.66 16.62
C ASP B 108 -16.61 -2.81 16.20
N ILE B 109 -16.87 -1.61 15.71
CA ILE B 109 -15.81 -0.70 15.29
C ILE B 109 -14.87 -0.34 16.46
N GLU B 110 -15.42 -0.24 17.67
CA GLU B 110 -14.60 0.04 18.86
C GLU B 110 -13.70 -1.13 19.21
N ILE B 111 -14.22 -2.35 19.08
CA ILE B 111 -13.41 -3.52 19.36
C ILE B 111 -12.28 -3.63 18.34
N PHE B 112 -12.61 -3.38 17.07
CA PHE B 112 -11.62 -3.38 16.00
C PHE B 112 -10.52 -2.35 16.29
N ALA B 113 -10.93 -1.15 16.66
CA ALA B 113 -9.99 -0.08 17.02
C ALA B 113 -9.09 -0.51 18.17
N LEU B 114 -9.68 -1.18 19.16
CA LEU B 114 -8.92 -1.64 20.32
C LEU B 114 -7.83 -2.62 19.89
N PHE B 115 -8.19 -3.58 19.04
CA PHE B 115 -7.24 -4.63 18.66
C PHE B 115 -6.10 -4.05 17.82
N ILE B 116 -6.45 -3.22 16.86
CA ILE B 116 -5.45 -2.58 16.02
C ILE B 116 -4.56 -1.68 16.88
N SER B 117 -5.14 -0.97 17.83
CA SER B 117 -4.37 -0.17 18.76
C SER B 117 -3.39 -1.06 19.55
N CYS B 118 -3.85 -2.22 20.00
CA CYS B 118 -2.91 -3.06 20.75
C CYS B 118 -1.72 -3.46 19.87
N MET B 119 -1.94 -3.75 18.59
CA MET B 119 -0.84 -4.08 17.69
C MET B 119 0.15 -2.93 17.57
N CYS B 120 -0.37 -1.69 17.56
CA CYS B 120 0.44 -0.51 17.23
C CYS B 120 0.95 0.26 18.44
N HIS B 121 0.54 -0.12 19.64
CA HIS B 121 0.53 0.87 20.73
C HIS B 121 1.90 1.22 21.28
N ASP B 122 2.94 0.44 20.95
CA ASP B 122 4.33 0.74 21.40
C ASP B 122 5.26 0.90 20.19
N LEU B 123 4.71 1.16 19.01
CA LEU B 123 5.53 1.28 17.80
C LEU B 123 6.75 2.21 17.97
N ASP B 124 7.91 1.72 17.54
CA ASP B 124 9.16 2.49 17.53
C ASP B 124 9.64 2.87 18.93
N HIS B 125 9.19 2.14 19.94
CA HIS B 125 9.67 2.36 21.31
C HIS B 125 11.18 2.16 21.34
N ARG B 126 11.89 3.02 22.08
CA ARG B 126 13.34 2.96 22.11
C ARG B 126 13.90 2.46 23.44
N GLY B 127 13.00 2.02 24.32
CA GLY B 127 13.41 1.50 25.62
C GLY B 127 13.64 2.60 26.64
N THR B 128 13.12 3.80 26.36
CA THR B 128 13.20 4.89 27.31
C THR B 128 11.79 5.43 27.53
N ASN B 129 11.52 5.96 28.72
CA ASN B 129 10.16 6.38 29.06
C ASN B 129 9.92 7.85 28.72
N ASN B 130 8.74 8.37 29.10
CA ASN B 130 8.39 9.74 28.76
C ASN B 130 9.27 10.77 29.46
N SER B 131 9.54 10.57 30.74
CA SER B 131 10.37 11.53 31.45
C SER B 131 11.75 11.65 30.79
N PHE B 132 12.26 10.53 30.27
CA PHE B 132 13.53 10.59 29.54
C PHE B 132 13.45 11.48 28.30
N GLN B 133 12.37 11.35 27.53
CA GLN B 133 12.19 12.17 26.34
C GLN B 133 12.27 13.65 26.67
N VAL B 134 11.57 14.05 27.71
CA VAL B 134 11.54 15.46 28.11
C VAL B 134 12.88 15.92 28.68
N ALA B 135 13.43 15.16 29.62
CA ALA B 135 14.68 15.55 30.27
C ALA B 135 15.83 15.62 29.28
N SER B 136 15.81 14.75 28.28
CA SER B 136 16.87 14.72 27.27
C SER B 136 16.57 15.61 26.08
N LYS B 137 15.43 16.28 26.10
CA LYS B 137 15.00 17.14 25.00
C LYS B 137 15.07 16.43 23.64
N SER B 138 14.50 15.22 23.59
CA SER B 138 14.50 14.44 22.35
C SER B 138 13.63 15.09 21.27
N VAL B 139 13.78 14.62 20.03
CA VAL B 139 12.94 15.14 18.94
C VAL B 139 11.47 14.86 19.21
N LEU B 140 11.18 13.76 19.91
CA LEU B 140 9.79 13.42 20.21
C LEU B 140 9.18 14.42 21.19
N ALA B 141 9.94 14.78 22.22
CA ALA B 141 9.53 15.82 23.15
C ALA B 141 9.45 17.19 22.48
N ALA B 142 10.28 17.39 21.46
CA ALA B 142 10.31 18.67 20.73
C ALA B 142 9.03 18.86 19.94
N LEU B 143 8.50 17.75 19.43
CA LEU B 143 7.29 17.80 18.64
C LEU B 143 6.10 17.89 19.57
N TYR B 144 6.05 16.96 20.53
CA TYR B 144 4.93 16.84 21.45
C TYR B 144 5.27 17.54 22.74
N SER B 145 5.43 18.86 22.65
CA SER B 145 5.97 19.64 23.76
C SER B 145 4.91 20.09 24.76
N SER B 146 3.67 19.94 24.45
CA SER B 146 2.66 20.10 25.46
C SER B 146 2.50 18.83 26.29
N GLU B 147 3.34 17.86 25.95
CA GLU B 147 3.93 16.88 26.81
C GLU B 147 2.99 16.03 27.55
N GLY B 148 3.59 15.23 28.39
CA GLY B 148 2.94 14.19 29.09
C GLY B 148 3.30 12.97 28.29
N SER B 149 2.35 12.60 27.46
CA SER B 149 2.33 11.33 26.80
C SER B 149 3.14 11.36 25.53
N VAL B 150 4.41 11.73 25.66
CA VAL B 150 5.26 11.90 24.49
C VAL B 150 5.37 10.62 23.66
N MET B 151 5.75 9.51 24.30
CA MET B 151 5.95 8.28 23.54
C MET B 151 4.65 7.80 22.90
N GLU B 152 3.54 7.94 23.63
CA GLU B 152 2.25 7.47 23.14
C GLU B 152 1.76 8.27 21.94
N ARG B 153 1.99 9.58 21.95
CA ARG B 153 1.75 10.41 20.78
C ARG B 153 2.57 9.89 19.59
N HIS B 154 3.82 9.55 19.84
CA HIS B 154 4.66 9.02 18.76
C HIS B 154 4.19 7.63 18.27
N HIS B 155 3.80 6.73 19.19
CA HIS B 155 3.30 5.43 18.76
C HIS B 155 2.09 5.62 17.84
N PHE B 156 1.18 6.53 18.20
CA PHE B 156 0.04 6.82 17.34
C PHE B 156 0.50 7.33 15.96
N ALA B 157 1.43 8.28 15.97
CA ALA B 157 1.99 8.84 14.76
C ALA B 157 2.54 7.77 13.84
N GLN B 158 3.27 6.83 14.42
CA GLN B 158 3.85 5.74 13.64
C GLN B 158 2.75 4.86 13.06
N ALA B 159 1.68 4.65 13.82
CA ALA B 159 0.55 3.84 13.35
C ALA B 159 -0.08 4.52 12.15
N ILE B 160 -0.28 5.84 12.24
CA ILE B 160 -0.85 6.61 11.13
C ILE B 160 0.04 6.56 9.90
N ALA B 161 1.35 6.61 10.12
CA ALA B 161 2.29 6.56 9.01
C ALA B 161 2.16 5.24 8.25
N ILE B 162 1.98 4.16 9.00
CA ILE B 162 1.82 2.83 8.39
C ILE B 162 0.52 2.76 7.60
N LEU B 163 -0.57 3.20 8.21
CA LEU B 163 -1.88 3.20 7.53
C LEU B 163 -1.85 4.06 6.27
N ASN B 164 -0.98 5.07 6.25
CA ASN B 164 -0.89 5.93 5.07
C ASN B 164 0.17 5.50 4.07
N THR B 165 0.75 4.32 4.29
CA THR B 165 1.73 3.77 3.38
C THR B 165 1.02 2.99 2.29
N HIS B 166 1.46 3.20 1.05
CA HIS B 166 0.96 2.48 -0.12
C HIS B 166 0.80 0.99 0.19
N GLY B 167 -0.43 0.49 0.06
CA GLY B 167 -0.68 -0.93 0.23
C GLY B 167 -0.84 -1.41 1.66
N CYS B 168 -0.97 -0.48 2.61
CA CYS B 168 -1.14 -0.86 4.02
C CYS B 168 -2.40 -0.31 4.68
N ASN B 169 -3.25 0.37 3.92
CA ASN B 169 -4.40 0.97 4.56
C ASN B 169 -5.55 -0.01 4.76
N ILE B 170 -5.51 -0.73 5.88
CA ILE B 170 -6.57 -1.68 6.22
C ILE B 170 -7.89 -0.98 6.58
N PHE B 171 -7.89 0.35 6.63
CA PHE B 171 -9.13 1.10 6.93
C PHE B 171 -9.77 1.65 5.67
N ASP B 172 -9.32 1.17 4.52
CA ASP B 172 -9.79 1.66 3.23
C ASP B 172 -11.30 1.52 3.06
N HIS B 173 -11.89 0.51 3.68
CA HIS B 173 -13.31 0.23 3.53
C HIS B 173 -14.19 1.30 4.16
N PHE B 174 -13.68 2.01 5.16
CA PHE B 174 -14.48 2.97 5.91
C PHE B 174 -14.82 4.21 5.10
N SER B 175 -16.04 4.71 5.28
CA SER B 175 -16.41 6.05 4.82
C SER B 175 -15.46 7.08 5.42
N ARG B 176 -15.43 8.30 4.88
CA ARG B 176 -14.54 9.31 5.45
C ARG B 176 -14.90 9.57 6.93
N LYS B 177 -16.19 9.51 7.25
CA LYS B 177 -16.64 9.71 8.63
C LYS B 177 -16.11 8.62 9.56
N ASP B 178 -16.29 7.36 9.17
CA ASP B 178 -15.81 6.28 10.02
C ASP B 178 -14.29 6.20 10.04
N TYR B 179 -13.64 6.60 8.94
CA TYR B 179 -12.17 6.67 8.95
C TYR B 179 -11.68 7.63 10.04
N GLN B 180 -12.29 8.81 10.10
CA GLN B 180 -11.93 9.77 11.14
C GLN B 180 -12.25 9.18 12.52
N ARG B 181 -13.40 8.53 12.66
CA ARG B 181 -13.72 7.92 13.95
C ARG B 181 -12.67 6.91 14.38
N MET B 182 -12.20 6.12 13.42
CA MET B 182 -11.17 5.11 13.70
C MET B 182 -9.89 5.75 14.18
N LEU B 183 -9.47 6.81 13.48
CA LEU B 183 -8.23 7.49 13.83
C LEU B 183 -8.33 8.09 15.23
N ASP B 184 -9.46 8.69 15.54
CA ASP B 184 -9.63 9.31 16.86
C ASP B 184 -9.74 8.25 17.97
N LEU B 185 -10.37 7.11 17.68
CA LEU B 185 -10.39 6.00 18.61
C LEU B 185 -8.97 5.52 18.88
N MET B 186 -8.21 5.28 17.81
CA MET B 186 -6.84 4.79 18.00
C MET B 186 -6.01 5.78 18.82
N ARG B 187 -6.22 7.08 18.60
CA ARG B 187 -5.46 8.06 19.37
C ARG B 187 -5.85 7.94 20.83
N ASP B 188 -7.15 7.88 21.12
CA ASP B 188 -7.60 7.80 22.49
C ASP B 188 -7.06 6.54 23.18
N ILE B 189 -7.12 5.43 22.47
CA ILE B 189 -6.75 4.14 23.08
C ILE B 189 -5.24 4.05 23.29
N ILE B 190 -4.46 4.51 22.30
CA ILE B 190 -3.02 4.48 22.47
C ILE B 190 -2.60 5.47 23.55
N LEU B 191 -3.22 6.64 23.58
CA LEU B 191 -2.91 7.60 24.66
C LEU B 191 -3.24 7.02 26.03
N ALA B 192 -4.26 6.16 26.11
CA ALA B 192 -4.63 5.53 27.37
C ALA B 192 -3.55 4.62 27.93
N THR B 193 -2.58 4.22 27.10
CA THR B 193 -1.54 3.32 27.61
C THR B 193 -0.48 4.04 28.47
N ASP B 194 -0.54 5.36 28.52
CA ASP B 194 0.28 6.11 29.46
C ASP B 194 -0.29 5.83 30.84
N LEU B 195 0.48 5.18 31.71
CA LEU B 195 -0.05 4.88 33.04
C LEU B 195 -0.39 6.17 33.80
N ALA B 196 0.22 7.29 33.41
CA ALA B 196 -0.16 8.56 34.03
C ALA B 196 -1.62 8.90 33.71
N HIS B 197 -2.04 8.57 32.50
CA HIS B 197 -3.42 8.75 32.09
C HIS B 197 -4.32 7.83 32.89
N HIS B 198 -3.92 6.56 33.03
CA HIS B 198 -4.70 5.61 33.80
C HIS B 198 -4.92 6.10 35.22
N LEU B 199 -3.87 6.57 35.87
CA LEU B 199 -4.01 7.04 37.24
C LEU B 199 -4.94 8.26 37.32
N ARG B 200 -4.92 9.11 36.31
CA ARG B 200 -5.79 10.27 36.26
C ARG B 200 -7.26 9.87 36.17
N ILE B 201 -7.55 8.84 35.38
CA ILE B 201 -8.95 8.43 35.20
C ILE B 201 -9.40 7.33 36.16
N PHE B 202 -8.51 6.91 37.07
CA PHE B 202 -8.81 5.77 37.95
C PHE B 202 -10.10 5.97 38.74
N LYS B 203 -10.30 7.14 39.30
CA LYS B 203 -11.54 7.35 40.05
C LYS B 203 -12.78 7.29 39.21
N ASP B 204 -12.68 7.74 37.99
CA ASP B 204 -13.79 7.61 37.05
C ASP B 204 -14.04 6.14 36.68
N LEU B 205 -12.97 5.36 36.57
CA LEU B 205 -13.11 3.92 36.34
C LEU B 205 -13.80 3.27 37.55
N GLN B 206 -13.36 3.62 38.75
CA GLN B 206 -13.97 3.12 39.97
C GLN B 206 -15.46 3.44 40.02
N LYS B 207 -15.82 4.66 39.69
CA LYS B 207 -17.18 5.06 39.72
C LYS B 207 -18.02 4.29 38.74
N MET B 208 -17.48 4.07 37.56
CA MET B 208 -18.20 3.30 36.55
C MET B 208 -18.45 1.86 37.00
N ALA B 209 -17.44 1.26 37.61
CA ALA B 209 -17.57 -0.08 38.17
C ALA B 209 -18.62 -0.14 39.25
N GLU B 210 -18.72 0.92 40.05
CA GLU B 210 -19.66 0.96 41.17
C GLU B 210 -21.10 1.06 40.71
N VAL B 211 -21.34 1.92 39.72
CA VAL B 211 -22.71 2.17 39.26
C VAL B 211 -23.09 1.10 38.24
N GLY B 212 -22.09 0.60 37.53
CA GLY B 212 -22.30 -0.43 36.53
C GLY B 212 -22.22 0.12 35.11
N TYR B 213 -21.59 -0.65 34.23
CA TYR B 213 -21.45 -0.26 32.84
C TYR B 213 -22.80 -0.06 32.14
N ASP B 214 -22.98 1.11 31.54
CA ASP B 214 -24.18 1.41 30.76
C ASP B 214 -23.78 1.56 29.30
N ARG B 215 -24.22 0.62 28.46
CA ARG B 215 -23.83 0.63 27.06
C ARG B 215 -24.37 1.87 26.31
N ASN B 216 -25.39 2.53 26.87
CA ASN B 216 -25.94 3.69 26.20
C ASN B 216 -25.28 4.99 26.67
N ASN B 217 -24.26 4.85 27.50
CA ASN B 217 -23.49 5.97 28.03
C ASN B 217 -22.17 6.07 27.28
N LYS B 218 -22.00 7.14 26.50
CA LYS B 218 -20.81 7.26 25.66
C LYS B 218 -19.53 7.39 26.48
N GLN B 219 -19.61 8.06 27.63
CA GLN B 219 -18.43 8.16 28.48
C GLN B 219 -18.03 6.79 29.02
N HIS B 220 -19.00 5.93 29.30
CA HIS B 220 -18.68 4.57 29.73
C HIS B 220 -17.94 3.81 28.63
N HIS B 221 -18.32 4.01 27.38
CA HIS B 221 -17.59 3.37 26.27
C HIS B 221 -16.13 3.80 26.28
N ARG B 222 -15.91 5.10 26.43
CA ARG B 222 -14.54 5.63 26.39
C ARG B 222 -13.72 5.10 27.56
N LEU B 223 -14.32 5.11 28.74
CA LEU B 223 -13.64 4.62 29.95
C LEU B 223 -13.34 3.11 29.84
N LEU B 224 -14.29 2.35 29.33
CA LEU B 224 -14.11 0.90 29.21
C LEU B 224 -12.98 0.58 28.24
N LEU B 225 -12.92 1.33 27.14
CA LEU B 225 -11.85 1.15 26.16
C LEU B 225 -10.49 1.38 26.83
N CYS B 226 -10.40 2.43 27.65
CA CYS B 226 -9.15 2.71 28.36
C CYS B 226 -8.78 1.57 29.29
N LEU B 227 -9.75 1.08 30.07
CA LEU B 227 -9.47 0.02 31.03
C LEU B 227 -9.07 -1.27 30.32
N LEU B 228 -9.77 -1.60 29.24
CA LEU B 228 -9.43 -2.79 28.46
C LEU B 228 -8.01 -2.67 27.91
N MET B 229 -7.69 -1.50 27.35
CA MET B 229 -6.34 -1.28 26.81
C MET B 229 -5.28 -1.50 27.90
N THR B 230 -5.47 -0.88 29.07
CA THR B 230 -4.53 -1.06 30.18
C THR B 230 -4.44 -2.54 30.58
N SER B 231 -5.58 -3.23 30.62
CA SER B 231 -5.62 -4.63 30.97
C SER B 231 -4.81 -5.48 30.01
N CYS B 232 -4.89 -5.14 28.72
CA CYS B 232 -4.10 -5.83 27.71
C CYS B 232 -2.62 -5.52 27.92
N ASP B 233 -2.29 -4.24 28.13
CA ASP B 233 -0.90 -3.80 28.25
C ASP B 233 -0.20 -4.46 29.45
N LEU B 234 -0.92 -4.71 30.54
CA LEU B 234 -0.27 -5.30 31.72
C LEU B 234 -0.50 -6.81 31.84
N SER B 235 -1.03 -7.42 30.78
CA SER B 235 -1.59 -8.77 30.89
C SER B 235 -0.55 -9.86 31.14
N ASP B 236 0.73 -9.53 30.98
CA ASP B 236 1.81 -10.44 31.34
C ASP B 236 1.66 -10.87 32.80
N GLN B 237 1.10 -9.98 33.63
CA GLN B 237 1.01 -10.23 35.06
C GLN B 237 -0.15 -11.15 35.43
N THR B 238 -0.98 -11.49 34.44
CA THR B 238 -2.11 -12.39 34.67
C THR B 238 -1.78 -13.85 34.35
N LYS B 239 -0.53 -14.13 34.00
CA LYS B 239 -0.12 -15.49 33.65
C LYS B 239 0.52 -16.15 34.87
N GLY B 240 1.40 -17.12 34.64
CA GLY B 240 2.05 -17.85 35.73
C GLY B 240 3.28 -17.14 36.26
N TRP B 241 3.85 -17.69 37.33
CA TRP B 241 5.01 -17.09 37.97
C TRP B 241 6.18 -16.96 37.01
N LYS B 242 6.41 -18.00 36.22
CA LYS B 242 7.54 -18.00 35.29
C LYS B 242 7.46 -16.81 34.33
N THR B 243 6.25 -16.48 33.88
CA THR B 243 6.08 -15.34 33.00
C THR B 243 6.40 -14.03 33.70
N THR B 244 5.88 -13.85 34.90
CA THR B 244 6.11 -12.59 35.62
C THR B 244 7.58 -12.44 36.02
N ARG B 245 8.22 -13.57 36.28
CA ARG B 245 9.66 -13.58 36.58
C ARG B 245 10.45 -13.11 35.36
N LYS B 246 10.16 -13.71 34.22
CA LYS B 246 10.85 -13.33 32.99
C LYS B 246 10.57 -11.87 32.63
N ILE B 247 9.33 -11.43 32.81
CA ILE B 247 8.97 -10.07 32.40
C ILE B 247 9.69 -9.07 33.31
N ALA B 248 9.85 -9.43 34.58
CA ALA B 248 10.69 -8.63 35.48
C ALA B 248 12.13 -8.49 34.95
N GLU B 249 12.73 -9.59 34.50
CA GLU B 249 14.07 -9.54 33.91
C GLU B 249 14.13 -8.53 32.76
N LEU B 250 13.17 -8.62 31.85
CA LEU B 250 13.14 -7.75 30.67
C LEU B 250 12.94 -6.30 31.05
N ILE B 251 11.95 -6.05 31.89
CA ILE B 251 11.62 -4.69 32.29
C ILE B 251 12.80 -4.00 32.99
N TYR B 252 13.42 -4.68 33.93
CA TYR B 252 14.47 -4.01 34.70
C TYR B 252 15.74 -3.88 33.87
N LYS B 253 15.99 -4.82 32.96
CA LYS B 253 17.12 -4.65 32.05
C LYS B 253 16.92 -3.37 31.22
N GLU B 254 15.71 -3.19 30.67
CA GLU B 254 15.40 -2.00 29.90
C GLU B 254 15.56 -0.75 30.78
N PHE B 255 14.92 -0.77 31.94
CA PHE B 255 14.94 0.37 32.86
C PHE B 255 16.38 0.75 33.23
N PHE B 256 17.16 -0.25 33.64
CA PHE B 256 18.52 0.04 34.09
C PHE B 256 19.39 0.58 32.95
N SER B 257 19.14 0.16 31.71
CA SER B 257 19.87 0.74 30.59
C SER B 257 19.60 2.23 30.46
N GLN B 258 18.34 2.62 30.63
CA GLN B 258 18.00 4.04 30.62
C GLN B 258 18.72 4.74 31.77
N GLY B 259 18.70 4.13 32.95
CA GLY B 259 19.38 4.71 34.09
C GLY B 259 20.86 4.94 33.86
N ASP B 260 21.54 3.99 33.23
CA ASP B 260 22.97 4.10 32.97
C ASP B 260 23.23 5.30 32.09
N LEU B 261 22.37 5.47 31.11
CA LEU B 261 22.48 6.57 30.16
C LEU B 261 22.24 7.90 30.84
N GLU B 262 21.22 7.95 31.69
CA GLU B 262 20.95 9.14 32.47
C GLU B 262 22.16 9.55 33.34
N LYS B 263 22.76 8.60 34.04
CA LYS B 263 23.94 8.90 34.85
C LYS B 263 25.08 9.49 34.02
N ALA B 264 25.28 8.93 32.84
CA ALA B 264 26.33 9.41 31.94
C ALA B 264 26.05 10.85 31.53
N MET B 265 24.78 11.16 31.33
CA MET B 265 24.35 12.47 30.86
C MET B 265 24.35 13.50 31.97
N GLY B 266 24.47 13.05 33.21
CA GLY B 266 24.49 13.96 34.35
C GLY B 266 23.14 14.17 34.99
N ASN B 267 22.18 13.30 34.70
CA ASN B 267 20.86 13.40 35.29
C ASN B 267 20.65 12.30 36.33
N ARG B 268 19.84 12.59 37.34
CA ARG B 268 19.51 11.66 38.41
C ARG B 268 18.41 10.71 37.95
N PRO B 269 18.69 9.41 37.81
CA PRO B 269 17.62 8.50 37.40
C PRO B 269 16.68 8.21 38.55
N MET B 270 15.42 7.89 38.24
CA MET B 270 14.49 7.32 39.21
C MET B 270 15.17 6.13 39.86
N GLU B 271 14.84 5.85 41.12
CA GLU B 271 15.46 4.72 41.80
C GLU B 271 15.20 3.39 41.10
N MET B 272 14.00 3.21 40.56
CA MET B 272 13.68 1.93 39.94
C MET B 272 14.44 1.74 38.63
N MET B 273 15.11 2.79 38.18
CA MET B 273 15.92 2.70 36.98
C MET B 273 17.42 2.75 37.31
N ASP B 274 17.76 2.81 38.59
CA ASP B 274 19.16 2.83 39.01
C ASP B 274 19.57 1.45 39.50
N ARG B 275 20.40 0.76 38.72
CA ARG B 275 20.75 -0.62 39.04
C ARG B 275 21.56 -0.74 40.35
N GLU B 276 22.03 0.38 40.88
CA GLU B 276 22.81 0.35 42.11
C GLU B 276 21.90 0.57 43.32
N LYS B 277 20.66 0.99 43.08
CA LYS B 277 19.74 1.28 44.17
C LYS B 277 18.48 0.42 44.14
N ALA B 278 18.02 0.08 42.94
CA ALA B 278 16.78 -0.66 42.80
C ALA B 278 16.83 -2.00 43.53
N TYR B 279 15.78 -2.27 44.29
CA TYR B 279 15.62 -3.55 44.97
C TYR B 279 14.38 -4.18 44.35
N ILE B 280 14.61 -5.03 43.37
CA ILE B 280 13.53 -5.52 42.52
C ILE B 280 12.30 -6.12 43.22
N PRO B 281 12.47 -6.96 44.27
CA PRO B 281 11.23 -7.55 44.81
C PRO B 281 10.30 -6.53 45.46
N GLU B 282 10.87 -5.53 46.10
CA GLU B 282 10.09 -4.48 46.73
C GLU B 282 9.38 -3.63 45.67
N LEU B 283 10.13 -3.31 44.62
CA LEU B 283 9.60 -2.55 43.50
C LEU B 283 8.45 -3.30 42.84
N GLN B 284 8.63 -4.60 42.65
CA GLN B 284 7.62 -5.39 41.97
C GLN B 284 6.37 -5.54 42.81
N ILE B 285 6.54 -5.75 44.11
CA ILE B 285 5.39 -5.85 45.00
C ILE B 285 4.59 -4.55 44.99
N SER B 286 5.29 -3.43 45.01
CA SER B 286 4.65 -2.13 44.93
C SER B 286 3.85 -1.94 43.62
N PHE B 287 4.45 -2.32 42.50
CA PHE B 287 3.75 -2.25 41.22
C PHE B 287 2.50 -3.13 41.22
N MET B 288 2.65 -4.35 41.71
CA MET B 288 1.53 -5.29 41.74
C MET B 288 0.40 -4.82 42.65
N GLU B 289 0.71 -4.37 43.84
CA GLU B 289 -0.24 -3.96 44.80
C GLU B 289 -0.92 -2.66 44.44
N HIS B 290 -0.17 -1.70 43.93
CA HIS B 290 -0.69 -0.35 43.74
C HIS B 290 -1.13 0.00 42.32
N ILE B 291 -0.72 -0.78 41.34
CA ILE B 291 -1.09 -0.51 39.95
C ILE B 291 -1.79 -1.72 39.31
N ALA B 292 -1.13 -2.88 39.29
CA ALA B 292 -1.68 -4.01 38.54
C ALA B 292 -2.94 -4.59 39.20
N MET B 293 -2.88 -4.89 40.48
CA MET B 293 -4.03 -5.51 41.15
C MET B 293 -5.29 -4.64 41.09
N PRO B 294 -5.16 -3.32 41.33
CA PRO B 294 -6.41 -2.56 41.24
C PRO B 294 -7.03 -2.56 39.84
N ILE B 295 -6.20 -2.66 38.80
CA ILE B 295 -6.69 -2.66 37.43
C ILE B 295 -7.54 -3.91 37.19
N TYR B 296 -7.05 -5.06 37.63
CA TYR B 296 -7.77 -6.29 37.37
C TYR B 296 -8.92 -6.47 38.35
N LYS B 297 -8.87 -5.78 39.49
CA LYS B 297 -10.01 -5.73 40.39
C LYS B 297 -11.16 -4.99 39.72
N LEU B 298 -10.83 -3.84 39.13
CA LEU B 298 -11.80 -3.09 38.33
C LEU B 298 -12.40 -3.96 37.22
N LEU B 299 -11.55 -4.71 36.50
CA LEU B 299 -12.04 -5.53 35.40
C LEU B 299 -13.03 -6.57 35.91
N GLN B 300 -12.66 -7.20 37.02
CA GLN B 300 -13.53 -8.18 37.69
C GLN B 300 -14.86 -7.57 38.16
N ASP B 301 -14.82 -6.35 38.71
CA ASP B 301 -16.04 -5.70 39.17
C ASP B 301 -17.00 -5.45 38.02
N LEU B 302 -16.45 -5.24 36.82
CA LEU B 302 -17.21 -5.01 35.60
C LEU B 302 -17.57 -6.32 34.89
N PHE B 303 -16.62 -7.25 34.87
CA PHE B 303 -16.84 -8.55 34.23
C PHE B 303 -16.54 -9.70 35.18
N PRO B 304 -17.58 -10.29 35.78
CA PRO B 304 -17.36 -11.42 36.70
C PRO B 304 -16.49 -12.55 36.14
N LYS B 305 -16.53 -12.76 34.82
CA LYS B 305 -15.73 -13.82 34.20
C LYS B 305 -14.23 -13.48 34.21
N ALA B 306 -13.90 -12.23 34.51
CA ALA B 306 -12.51 -11.81 34.61
C ALA B 306 -11.90 -12.10 35.99
N ALA B 307 -12.68 -12.71 36.89
CA ALA B 307 -12.23 -12.93 38.27
C ALA B 307 -10.89 -13.67 38.37
N GLU B 308 -10.67 -14.66 37.52
CA GLU B 308 -9.44 -15.45 37.57
C GLU B 308 -8.20 -14.61 37.25
N LEU B 309 -8.39 -13.55 36.47
CA LEU B 309 -7.28 -12.66 36.12
C LEU B 309 -6.79 -11.95 37.38
N TYR B 310 -7.73 -11.38 38.13
CA TYR B 310 -7.38 -10.69 39.36
C TYR B 310 -6.71 -11.66 40.33
N GLU B 311 -7.25 -12.86 40.42
CA GLU B 311 -6.69 -13.87 41.32
C GLU B 311 -5.26 -14.25 40.95
N ARG B 312 -4.97 -14.33 39.66
CA ARG B 312 -3.61 -14.68 39.24
C ARG B 312 -2.64 -13.56 39.55
N VAL B 313 -3.08 -12.32 39.33
CA VAL B 313 -2.20 -11.19 39.63
C VAL B 313 -1.94 -11.14 41.12
N ALA B 314 -2.97 -11.36 41.92
CA ALA B 314 -2.81 -11.37 43.38
C ALA B 314 -1.88 -12.49 43.78
N SER B 315 -2.08 -13.66 43.17
CA SER B 315 -1.19 -14.79 43.43
C SER B 315 0.26 -14.43 43.10
N ASN B 316 0.47 -13.80 41.94
CA ASN B 316 1.82 -13.45 41.53
C ASN B 316 2.44 -12.43 42.48
N ARG B 317 1.61 -11.53 43.02
CA ARG B 317 2.10 -10.62 44.06
C ARG B 317 2.61 -11.40 45.28
N GLU B 318 1.87 -12.42 45.69
CA GLU B 318 2.30 -13.19 46.87
C GLU B 318 3.61 -13.88 46.61
N HIS B 319 3.82 -14.35 45.39
CA HIS B 319 5.04 -15.09 45.16
C HIS B 319 6.27 -14.17 45.19
N TRP B 320 6.12 -12.91 44.80
CA TRP B 320 7.20 -11.94 44.96
C TRP B 320 7.51 -11.70 46.44
N THR B 321 6.47 -11.72 47.27
CA THR B 321 6.66 -11.68 48.72
C THR B 321 7.45 -12.89 49.15
N LYS B 322 7.03 -14.06 48.67
CA LYS B 322 7.64 -15.32 49.04
C LYS B 322 9.13 -15.40 48.70
N VAL B 323 9.52 -14.85 47.56
CA VAL B 323 10.90 -15.01 47.13
C VAL B 323 11.77 -13.80 47.40
N SER B 324 11.19 -12.78 48.04
CA SER B 324 11.92 -11.53 48.24
C SER B 324 13.21 -11.76 49.03
N HIS B 325 13.12 -12.65 50.01
CA HIS B 325 14.24 -12.94 50.90
C HIS B 325 15.47 -13.39 50.12
N LYS B 326 15.26 -13.91 48.92
CA LYS B 326 16.35 -14.46 48.12
C LYS B 326 17.26 -13.40 47.52
N PHE B 327 16.85 -12.13 47.58
CA PHE B 327 17.66 -11.03 47.05
C PHE B 327 18.63 -10.55 48.11
N THR B 328 18.55 -11.15 49.28
CA THR B 328 19.59 -10.94 50.27
C THR B 328 20.35 -12.25 50.38
N ILE B 329 21.64 -12.21 50.09
CA ILE B 329 22.44 -13.42 50.01
C ILE B 329 22.67 -14.04 51.38
N ARG B 330 22.04 -15.18 51.63
CA ARG B 330 22.35 -15.98 52.80
C ARG B 330 23.15 -17.20 52.36
N GLY B 331 24.01 -17.70 53.24
CA GLY B 331 24.95 -18.72 52.83
C GLY B 331 26.01 -18.10 51.93
N LEU B 332 26.64 -18.92 51.11
CA LEU B 332 27.60 -18.43 50.12
C LEU B 332 26.91 -18.33 48.78
N PRO B 333 27.48 -17.52 47.87
CA PRO B 333 27.05 -17.59 46.46
C PRO B 333 27.24 -19.00 45.90
N SER B 334 26.66 -19.26 44.73
CA SER B 334 26.70 -20.65 44.28
C SER B 334 28.11 -21.13 43.98
N ASN B 335 29.04 -20.23 43.69
CA ASN B 335 30.43 -20.63 43.47
C ASN B 335 31.25 -20.83 44.75
N ASN B 336 30.57 -20.85 45.89
CA ASN B 336 31.23 -20.94 47.20
C ASN B 336 32.31 -19.90 47.37
N SER B 337 32.15 -18.76 46.71
CA SER B 337 33.17 -17.72 46.76
C SER B 337 32.64 -16.37 47.20
N LEU B 338 33.48 -15.63 47.92
CA LEU B 338 33.16 -14.28 48.35
C LEU B 338 33.89 -13.25 47.48
N ASP B 339 34.19 -13.62 46.24
CA ASP B 339 34.96 -12.73 45.35
C ASP B 339 34.14 -11.56 44.83
N PHE B 340 32.93 -11.40 45.34
CA PHE B 340 32.09 -10.27 44.96
C PHE B 340 32.16 -9.18 46.03
N GLY C 14 -23.66 -48.09 -25.33
CA GLY C 14 -24.09 -46.85 -24.70
C GLY C 14 -23.52 -46.68 -23.30
N ILE C 15 -24.22 -45.88 -22.49
CA ILE C 15 -23.79 -45.58 -21.13
C ILE C 15 -24.32 -46.61 -20.13
N GLN C 16 -23.41 -47.21 -19.35
CA GLN C 16 -23.81 -48.21 -18.36
C GLN C 16 -24.68 -47.65 -17.24
N PRO C 17 -25.64 -48.45 -16.76
CA PRO C 17 -26.34 -48.06 -15.52
C PRO C 17 -25.40 -48.20 -14.34
N VAL C 18 -25.55 -47.35 -13.33
CA VAL C 18 -24.68 -47.39 -12.17
C VAL C 18 -24.81 -48.71 -11.41
N ALA C 19 -25.98 -49.34 -11.51
CA ALA C 19 -26.19 -50.64 -10.88
C ALA C 19 -25.26 -51.70 -11.45
N ALA C 20 -24.81 -51.48 -12.68
CA ALA C 20 -23.94 -52.43 -13.38
C ALA C 20 -22.48 -52.24 -12.98
N ILE C 21 -22.14 -51.08 -12.44
CA ILE C 21 -20.80 -50.80 -11.98
C ILE C 21 -20.52 -51.52 -10.68
N ASP C 22 -21.42 -51.33 -9.72
CA ASP C 22 -21.32 -51.94 -8.41
C ASP C 22 -22.64 -51.76 -7.69
N SER C 23 -23.07 -52.77 -6.94
CA SER C 23 -24.34 -52.70 -6.22
C SER C 23 -24.34 -51.61 -5.14
N ASN C 24 -23.15 -51.23 -4.70
CA ASN C 24 -22.97 -50.31 -3.59
C ASN C 24 -22.54 -48.90 -4.06
N PHE C 25 -22.61 -48.68 -5.37
CA PHE C 25 -22.04 -47.49 -6.00
C PHE C 25 -22.61 -46.16 -5.49
N ALA C 26 -23.88 -46.18 -5.09
CA ALA C 26 -24.54 -44.96 -4.64
C ALA C 26 -24.53 -44.83 -3.12
N SER C 27 -23.73 -45.65 -2.45
CA SER C 27 -23.64 -45.62 -1.00
C SER C 27 -22.45 -44.80 -0.49
N PHE C 28 -22.62 -44.11 0.64
CA PHE C 28 -21.51 -43.40 1.28
C PHE C 28 -20.36 -44.35 1.66
N THR C 29 -20.66 -45.63 1.88
CA THR C 29 -19.61 -46.60 2.21
C THR C 29 -18.73 -46.96 1.01
N TYR C 30 -19.22 -46.71 -0.20
CA TYR C 30 -18.45 -47.02 -1.41
C TYR C 30 -17.16 -46.19 -1.52
N THR C 31 -16.09 -46.85 -1.93
CA THR C 31 -14.80 -46.19 -2.13
C THR C 31 -14.49 -46.13 -3.62
N PRO C 32 -14.70 -44.95 -4.24
CA PRO C 32 -14.54 -44.83 -5.69
C PRO C 32 -13.10 -45.08 -6.15
N ARG C 33 -12.13 -44.90 -5.27
CA ARG C 33 -10.75 -45.19 -5.62
C ARG C 33 -10.54 -46.69 -5.86
N SER C 34 -11.52 -47.51 -5.49
CA SER C 34 -11.48 -48.94 -5.76
C SER C 34 -11.77 -49.26 -7.22
N LEU C 35 -12.31 -48.28 -7.94
CA LEU C 35 -12.64 -48.48 -9.34
C LEU C 35 -11.38 -48.38 -10.20
N PRO C 36 -11.18 -49.32 -11.12
CA PRO C 36 -10.03 -49.23 -12.03
C PRO C 36 -10.05 -47.90 -12.79
N GLU C 37 -8.89 -47.27 -12.95
CA GLU C 37 -8.82 -45.94 -13.54
C GLU C 37 -9.37 -45.95 -14.97
N ASP C 38 -9.17 -47.07 -15.65
CA ASP C 38 -9.66 -47.22 -17.03
C ASP C 38 -11.18 -47.23 -17.10
N ASP C 39 -11.83 -47.49 -15.97
CA ASP C 39 -13.29 -47.55 -15.91
C ASP C 39 -13.93 -46.24 -15.44
N THR C 40 -13.11 -45.27 -15.04
CA THR C 40 -13.64 -44.06 -14.42
C THR C 40 -14.39 -43.12 -15.39
N SER C 41 -13.95 -43.04 -16.64
CA SER C 41 -14.66 -42.20 -17.60
C SER C 41 -16.09 -42.68 -17.86
N MET C 42 -16.27 -43.99 -17.97
CA MET C 42 -17.60 -44.55 -18.15
C MET C 42 -18.44 -44.29 -16.90
N ALA C 43 -17.79 -44.33 -15.73
CA ALA C 43 -18.51 -44.11 -14.48
C ALA C 43 -18.98 -42.66 -14.40
N ILE C 44 -18.17 -41.73 -14.89
CA ILE C 44 -18.58 -40.33 -14.96
C ILE C 44 -19.86 -40.21 -15.81
N LEU C 45 -19.85 -40.78 -17.01
CA LEU C 45 -21.04 -40.75 -17.88
C LEU C 45 -22.26 -41.40 -17.21
N SER C 46 -22.01 -42.53 -16.54
CA SER C 46 -23.08 -43.24 -15.85
C SER C 46 -23.72 -42.41 -14.74
N MET C 47 -22.90 -41.68 -13.98
CA MET C 47 -23.40 -40.80 -12.95
C MET C 47 -24.24 -39.64 -13.55
N LEU C 48 -23.71 -39.01 -14.59
CA LEU C 48 -24.45 -37.98 -15.31
C LEU C 48 -25.79 -38.48 -15.83
N GLN C 49 -25.81 -39.71 -16.32
CA GLN C 49 -27.07 -40.24 -16.83
C GLN C 49 -27.99 -40.67 -15.69
N ASP C 50 -27.44 -41.19 -14.59
CA ASP C 50 -28.25 -41.57 -13.44
C ASP C 50 -28.90 -40.36 -12.80
N MET C 51 -28.22 -39.22 -12.89
CA MET C 51 -28.79 -37.95 -12.42
C MET C 51 -29.64 -37.31 -13.53
N ASN C 52 -29.75 -38.01 -14.66
CA ASN C 52 -30.53 -37.58 -15.83
C ASN C 52 -30.18 -36.19 -16.38
N PHE C 53 -28.97 -35.72 -16.10
CA PHE C 53 -28.51 -34.42 -16.61
C PHE C 53 -28.36 -34.41 -18.13
N ILE C 54 -27.99 -35.57 -18.69
CA ILE C 54 -27.82 -35.69 -20.12
C ILE C 54 -29.16 -35.48 -20.83
N ASN C 55 -30.19 -36.17 -20.34
CA ASN C 55 -31.51 -36.02 -20.91
C ASN C 55 -32.10 -34.63 -20.65
N ASN C 56 -32.00 -34.15 -19.42
CA ASN C 56 -32.61 -32.87 -19.07
C ASN C 56 -32.04 -31.68 -19.85
N TYR C 57 -30.72 -31.63 -20.02
CA TYR C 57 -30.11 -30.51 -20.72
C TYR C 57 -29.75 -30.85 -22.16
N LYS C 58 -30.26 -31.98 -22.64
CA LYS C 58 -30.03 -32.44 -24.01
C LYS C 58 -28.55 -32.42 -24.37
N ILE C 59 -27.72 -32.92 -23.46
CA ILE C 59 -26.29 -32.99 -23.70
C ILE C 59 -25.98 -33.97 -24.82
N ASP C 60 -25.22 -33.53 -25.80
CA ASP C 60 -24.77 -34.38 -26.89
C ASP C 60 -23.78 -35.38 -26.32
N CYS C 61 -24.07 -36.67 -26.48
CA CYS C 61 -23.23 -37.67 -25.83
C CYS C 61 -21.81 -37.78 -26.40
N PRO C 62 -21.64 -37.76 -27.74
CA PRO C 62 -20.25 -37.73 -28.23
C PRO C 62 -19.45 -36.55 -27.67
N THR C 63 -20.04 -35.37 -27.65
CA THR C 63 -19.39 -34.20 -27.07
C THR C 63 -19.03 -34.41 -25.59
N LEU C 64 -19.98 -34.97 -24.85
CA LEU C 64 -19.77 -35.26 -23.44
C LEU C 64 -18.64 -36.25 -23.24
N ALA C 65 -18.58 -37.28 -24.10
CA ALA C 65 -17.54 -38.29 -23.98
C ALA C 65 -16.16 -37.70 -24.23
N ARG C 66 -16.04 -36.89 -25.28
CA ARG C 66 -14.78 -36.20 -25.58
C ARG C 66 -14.37 -35.21 -24.48
N PHE C 67 -15.35 -34.53 -23.89
CA PHE C 67 -15.10 -33.60 -22.80
C PHE C 67 -14.54 -34.38 -21.60
N CYS C 68 -15.17 -35.50 -21.26
CA CYS C 68 -14.74 -36.30 -20.12
C CYS C 68 -13.32 -36.84 -20.31
N LEU C 69 -12.99 -37.26 -21.51
CA LEU C 69 -11.65 -37.77 -21.79
C LEU C 69 -10.60 -36.67 -21.75
N MET C 70 -10.95 -35.49 -22.25
CA MET C 70 -10.05 -34.34 -22.17
C MET C 70 -9.78 -33.92 -20.73
N VAL C 71 -10.82 -33.92 -19.91
CA VAL C 71 -10.65 -33.54 -18.51
C VAL C 71 -9.72 -34.53 -17.81
N LYS C 72 -9.99 -35.82 -17.99
CA LYS C 72 -9.12 -36.84 -17.41
C LYS C 72 -7.67 -36.64 -17.85
N LYS C 73 -7.47 -36.40 -19.15
CA LYS C 73 -6.13 -36.24 -19.71
C LYS C 73 -5.44 -34.98 -19.20
N GLY C 74 -6.24 -34.02 -18.72
CA GLY C 74 -5.73 -32.73 -18.28
C GLY C 74 -5.13 -32.74 -16.88
N TYR C 75 -5.20 -33.89 -16.22
CA TYR C 75 -4.55 -34.06 -14.92
C TYR C 75 -3.14 -34.58 -15.07
N ARG C 76 -2.24 -34.06 -14.27
CA ARG C 76 -0.90 -34.59 -14.18
C ARG C 76 -0.88 -35.75 -13.18
N ASP C 77 0.31 -36.21 -12.84
CA ASP C 77 0.44 -37.39 -11.99
C ASP C 77 1.18 -37.17 -10.66
N PRO C 78 0.84 -36.09 -9.91
CA PRO C 78 1.44 -36.01 -8.57
C PRO C 78 0.78 -37.07 -7.70
N PRO C 79 1.32 -37.32 -6.50
CA PRO C 79 0.81 -38.44 -5.69
C PRO C 79 -0.67 -38.25 -5.34
N TYR C 80 -1.09 -37.03 -5.03
CA TYR C 80 -2.46 -36.84 -4.58
C TYR C 80 -3.35 -36.11 -5.59
N HIS C 81 -2.92 -34.94 -6.07
CA HIS C 81 -3.79 -34.12 -6.93
C HIS C 81 -3.78 -34.57 -8.40
N ASN C 82 -4.32 -35.76 -8.62
CA ASN C 82 -4.36 -36.42 -9.94
C ASN C 82 -5.80 -36.73 -10.36
N TRP C 83 -6.00 -37.38 -11.50
CA TRP C 83 -7.36 -37.66 -11.95
C TRP C 83 -8.15 -38.51 -10.96
N MET C 84 -7.52 -39.48 -10.32
CA MET C 84 -8.27 -40.30 -9.38
C MET C 84 -8.79 -39.46 -8.20
N HIS C 85 -8.12 -38.38 -7.87
CA HIS C 85 -8.67 -37.44 -6.88
C HIS C 85 -9.92 -36.78 -7.46
N ALA C 86 -9.78 -36.20 -8.64
CA ALA C 86 -10.91 -35.53 -9.28
C ALA C 86 -12.09 -36.47 -9.46
N PHE C 87 -11.82 -37.70 -9.88
CA PHE C 87 -12.88 -38.68 -10.04
C PHE C 87 -13.55 -38.98 -8.71
N SER C 88 -12.77 -39.16 -7.65
CA SER C 88 -13.37 -39.52 -6.37
C SER C 88 -14.15 -38.33 -5.77
N VAL C 89 -13.70 -37.11 -6.02
CA VAL C 89 -14.41 -35.91 -5.59
C VAL C 89 -15.75 -35.81 -6.34
N SER C 90 -15.70 -36.10 -7.63
CA SER C 90 -16.91 -36.10 -8.46
C SER C 90 -17.90 -37.17 -7.99
N HIS C 91 -17.38 -38.34 -7.66
CA HIS C 91 -18.23 -39.40 -7.18
C HIS C 91 -18.94 -39.00 -5.90
N PHE C 92 -18.26 -38.24 -5.04
CA PHE C 92 -18.91 -37.84 -3.80
C PHE C 92 -20.03 -36.84 -4.10
N CYS C 93 -19.81 -35.97 -5.09
CA CYS C 93 -20.89 -35.08 -5.53
C CYS C 93 -22.11 -35.91 -5.90
N TYR C 94 -21.89 -36.98 -6.65
CA TYR C 94 -22.94 -37.91 -7.01
C TYR C 94 -23.59 -38.50 -5.76
N LEU C 95 -22.78 -38.88 -4.77
CA LEU C 95 -23.32 -39.43 -3.52
C LEU C 95 -24.22 -38.42 -2.81
N LEU C 96 -23.77 -37.17 -2.72
CA LEU C 96 -24.59 -36.12 -2.12
C LEU C 96 -25.94 -36.01 -2.84
N TYR C 97 -25.90 -36.01 -4.17
CA TYR C 97 -27.13 -35.96 -4.95
C TYR C 97 -28.06 -37.11 -4.59
N LYS C 98 -27.52 -38.32 -4.55
CA LYS C 98 -28.33 -39.53 -4.37
C LYS C 98 -28.84 -39.68 -2.94
N ASN C 99 -28.03 -39.30 -1.96
CA ASN C 99 -28.33 -39.55 -0.55
C ASN C 99 -29.01 -38.38 0.19
N LEU C 100 -28.71 -37.16 -0.22
CA LEU C 100 -29.18 -35.97 0.49
C LEU C 100 -30.31 -35.25 -0.23
N GLU C 101 -30.57 -35.68 -1.47
CA GLU C 101 -31.58 -35.07 -2.34
C GLU C 101 -31.43 -33.55 -2.42
N LEU C 102 -30.35 -33.14 -3.07
CA LEU C 102 -30.01 -31.74 -3.26
C LEU C 102 -31.06 -30.94 -4.02
N THR C 103 -31.87 -31.63 -4.82
CA THR C 103 -32.85 -30.95 -5.65
C THR C 103 -33.92 -30.27 -4.80
N ASN C 104 -33.89 -30.50 -3.50
CA ASN C 104 -34.79 -29.78 -2.59
C ASN C 104 -34.17 -28.49 -2.09
N TYR C 105 -32.93 -28.25 -2.45
CA TYR C 105 -32.24 -27.06 -1.97
C TYR C 105 -31.48 -26.29 -3.06
N LEU C 106 -31.13 -26.97 -4.13
CA LEU C 106 -30.39 -26.32 -5.20
C LEU C 106 -31.08 -26.50 -6.55
N GLU C 107 -30.89 -25.52 -7.42
CA GLU C 107 -31.36 -25.62 -8.80
C GLU C 107 -30.61 -26.73 -9.55
N ASP C 108 -31.27 -27.32 -10.55
CA ASP C 108 -30.66 -28.38 -11.35
C ASP C 108 -29.33 -27.93 -11.93
N ILE C 109 -29.28 -26.69 -12.41
CA ILE C 109 -28.08 -26.21 -13.08
C ILE C 109 -26.94 -26.01 -12.09
N GLU C 110 -27.29 -25.70 -10.84
CA GLU C 110 -26.27 -25.54 -9.81
C GLU C 110 -25.69 -26.88 -9.43
N ILE C 111 -26.54 -27.90 -9.35
CA ILE C 111 -26.06 -29.24 -9.04
C ILE C 111 -25.20 -29.76 -10.17
N PHE C 112 -25.69 -29.56 -11.39
CA PHE C 112 -24.93 -29.90 -12.59
C PHE C 112 -23.57 -29.20 -12.60
N ALA C 113 -23.56 -27.89 -12.32
CA ALA C 113 -22.31 -27.13 -12.31
C ALA C 113 -21.36 -27.65 -11.24
N LEU C 114 -21.93 -28.08 -10.11
CA LEU C 114 -21.12 -28.59 -9.02
C LEU C 114 -20.38 -29.83 -9.48
N PHE C 115 -21.08 -30.70 -10.20
CA PHE C 115 -20.49 -31.96 -10.64
C PHE C 115 -19.40 -31.72 -11.66
N ILE C 116 -19.70 -30.91 -12.68
CA ILE C 116 -18.70 -30.57 -13.68
C ILE C 116 -17.49 -29.88 -13.02
N SER C 117 -17.77 -29.02 -12.04
CA SER C 117 -16.66 -28.35 -11.35
C SER C 117 -15.79 -29.38 -10.63
N CYS C 118 -16.42 -30.35 -9.97
CA CYS C 118 -15.66 -31.40 -9.30
C CYS C 118 -14.71 -32.08 -10.27
N MET C 119 -15.20 -32.39 -11.46
CA MET C 119 -14.36 -33.04 -12.48
C MET C 119 -13.12 -32.20 -12.84
N CYS C 120 -13.32 -30.88 -12.90
CA CYS C 120 -12.33 -29.96 -13.45
C CYS C 120 -11.48 -29.26 -12.39
N HIS C 121 -11.80 -29.47 -11.12
CA HIS C 121 -11.42 -28.48 -10.12
C HIS C 121 -9.93 -28.47 -9.77
N ASP C 122 -9.18 -29.52 -10.13
CA ASP C 122 -7.72 -29.53 -9.93
C ASP C 122 -6.92 -29.71 -11.24
N LEU C 123 -7.52 -29.39 -12.38
CA LEU C 123 -6.87 -29.58 -13.68
C LEU C 123 -5.44 -29.04 -13.73
N ASP C 124 -4.53 -29.85 -14.25
CA ASP C 124 -3.13 -29.48 -14.44
C ASP C 124 -2.42 -29.11 -13.14
N HIS C 125 -2.89 -29.63 -12.01
CA HIS C 125 -2.21 -29.43 -10.73
C HIS C 125 -0.78 -29.95 -10.80
N ARG C 126 0.16 -29.22 -10.20
CA ARG C 126 1.58 -29.57 -10.28
C ARG C 126 2.12 -30.17 -8.99
N GLY C 127 1.24 -30.48 -8.06
CA GLY C 127 1.69 -31.05 -6.79
C GLY C 127 2.27 -30.02 -5.84
N THR C 128 2.01 -28.74 -6.08
CA THR C 128 2.40 -27.72 -5.12
C THR C 128 1.23 -26.80 -4.78
N ASN C 129 1.36 -26.09 -3.66
CA ASN C 129 0.31 -25.16 -3.26
C ASN C 129 0.49 -23.80 -3.94
N ASN C 130 -0.33 -22.84 -3.55
CA ASN C 130 -0.29 -21.55 -4.20
C ASN C 130 0.96 -20.75 -3.87
N SER C 131 1.34 -20.75 -2.60
CA SER C 131 2.47 -19.90 -2.23
C SER C 131 3.75 -20.38 -2.92
N PHE C 132 3.84 -21.68 -3.21
CA PHE C 132 5.01 -22.17 -3.94
C PHE C 132 5.07 -21.59 -5.36
N GLN C 133 3.93 -21.51 -6.01
CA GLN C 133 3.87 -20.88 -7.32
C GLN C 133 4.42 -19.47 -7.24
N VAL C 134 4.00 -18.73 -6.21
CA VAL C 134 4.45 -17.35 -6.09
C VAL C 134 5.93 -17.29 -5.73
N ALA C 135 6.36 -18.14 -4.80
CA ALA C 135 7.77 -18.12 -4.38
C ALA C 135 8.72 -18.47 -5.51
N SER C 136 8.30 -19.40 -6.36
CA SER C 136 9.14 -19.86 -7.47
C SER C 136 8.97 -18.97 -8.72
N LYS C 137 8.10 -17.96 -8.61
CA LYS C 137 7.84 -17.05 -9.73
C LYS C 137 7.52 -17.82 -11.01
N SER C 138 6.60 -18.78 -10.88
CA SER C 138 6.13 -19.54 -12.02
C SER C 138 5.31 -18.64 -12.93
N VAL C 139 5.07 -19.09 -14.15
CA VAL C 139 4.20 -18.35 -15.06
C VAL C 139 2.81 -18.21 -14.46
N LEU C 140 2.36 -19.26 -13.75
CA LEU C 140 1.04 -19.21 -13.13
C LEU C 140 0.97 -18.06 -12.13
N ALA C 141 2.03 -17.87 -11.37
CA ALA C 141 2.11 -16.74 -10.44
C ALA C 141 2.07 -15.42 -11.20
N ALA C 142 2.85 -15.33 -12.28
CA ALA C 142 2.87 -14.12 -13.08
C ALA C 142 1.45 -13.77 -13.56
N LEU C 143 0.68 -14.79 -13.95
CA LEU C 143 -0.67 -14.55 -14.46
C LEU C 143 -1.71 -14.27 -13.39
N TYR C 144 -1.57 -14.90 -12.22
CA TYR C 144 -2.67 -14.93 -11.25
C TYR C 144 -2.39 -14.45 -9.84
N SER C 145 -1.14 -14.22 -9.47
CA SER C 145 -0.82 -13.97 -8.06
C SER C 145 -1.53 -12.73 -7.54
N SER C 146 -1.70 -11.72 -8.39
CA SER C 146 -2.29 -10.45 -7.95
C SER C 146 -3.76 -10.62 -7.62
N GLU C 147 -4.36 -11.69 -8.14
CA GLU C 147 -5.79 -11.94 -7.94
C GLU C 147 -6.00 -12.97 -6.83
N GLY C 148 -4.97 -13.74 -6.51
CA GLY C 148 -5.05 -14.75 -5.49
C GLY C 148 -5.56 -16.07 -6.02
N SER C 149 -5.56 -17.08 -5.16
CA SER C 149 -5.94 -18.44 -5.53
C SER C 149 -5.32 -18.87 -6.86
N VAL C 150 -4.00 -18.78 -6.94
CA VAL C 150 -3.27 -18.98 -8.17
C VAL C 150 -3.63 -20.28 -8.89
N MET C 151 -3.57 -21.42 -8.19
CA MET C 151 -3.80 -22.70 -8.86
C MET C 151 -5.26 -22.81 -9.27
N GLU C 152 -6.17 -22.36 -8.41
CA GLU C 152 -7.60 -22.48 -8.69
C GLU C 152 -7.98 -21.64 -9.92
N ARG C 153 -7.38 -20.46 -10.06
CA ARG C 153 -7.58 -19.68 -11.29
C ARG C 153 -7.06 -20.44 -12.52
N HIS C 154 -5.93 -21.11 -12.37
CA HIS C 154 -5.40 -21.98 -13.44
C HIS C 154 -6.37 -23.11 -13.76
N HIS C 155 -6.87 -23.79 -12.74
CA HIS C 155 -7.79 -24.91 -12.96
C HIS C 155 -9.01 -24.47 -13.77
N PHE C 156 -9.59 -23.33 -13.40
CA PHE C 156 -10.72 -22.79 -14.13
C PHE C 156 -10.31 -22.44 -15.57
N ALA C 157 -9.16 -21.79 -15.72
CA ALA C 157 -8.72 -21.44 -17.07
C ALA C 157 -8.48 -22.70 -17.93
N GLN C 158 -8.04 -23.79 -17.30
CA GLN C 158 -7.82 -25.03 -18.07
C GLN C 158 -9.17 -25.59 -18.50
N ALA C 159 -10.18 -25.46 -17.64
CA ALA C 159 -11.52 -25.98 -17.93
C ALA C 159 -12.12 -25.20 -19.10
N ILE C 160 -11.93 -23.89 -19.10
CA ILE C 160 -12.34 -23.03 -20.22
C ILE C 160 -11.64 -23.46 -21.53
N ALA C 161 -10.34 -23.74 -21.44
CA ALA C 161 -9.59 -24.17 -22.62
C ALA C 161 -10.14 -25.48 -23.18
N ILE C 162 -10.49 -26.41 -22.30
CA ILE C 162 -11.09 -27.66 -22.75
C ILE C 162 -12.43 -27.39 -23.43
N LEU C 163 -13.28 -26.59 -22.79
CA LEU C 163 -14.59 -26.27 -23.35
C LEU C 163 -14.45 -25.60 -24.72
N ASN C 164 -13.37 -24.82 -24.90
CA ASN C 164 -13.13 -24.11 -26.15
C ASN C 164 -12.39 -24.98 -27.18
N THR C 165 -12.15 -26.24 -26.86
CA THR C 165 -11.56 -27.17 -27.82
C THR C 165 -12.65 -27.75 -28.72
N HIS C 166 -12.37 -27.84 -30.02
CA HIS C 166 -13.34 -28.37 -30.95
C HIS C 166 -13.93 -29.70 -30.48
N GLY C 167 -15.26 -29.76 -30.42
CA GLY C 167 -15.94 -31.01 -30.11
C GLY C 167 -16.12 -31.31 -28.64
N CYS C 168 -15.73 -30.37 -27.78
CA CYS C 168 -15.73 -30.60 -26.34
C CYS C 168 -16.64 -29.65 -25.56
N ASN C 169 -17.35 -28.76 -26.25
CA ASN C 169 -18.17 -27.81 -25.50
C ASN C 169 -19.56 -28.35 -25.23
N ILE C 170 -19.70 -29.03 -24.10
CA ILE C 170 -20.96 -29.64 -23.71
C ILE C 170 -22.10 -28.65 -23.44
N PHE C 171 -21.77 -27.37 -23.34
CA PHE C 171 -22.78 -26.36 -23.05
C PHE C 171 -23.15 -25.52 -24.27
N ASP C 172 -22.60 -25.83 -25.44
CA ASP C 172 -22.68 -24.86 -26.53
C ASP C 172 -24.08 -24.76 -27.17
N HIS C 173 -24.97 -25.66 -26.78
CA HIS C 173 -26.37 -25.57 -27.22
C HIS C 173 -27.23 -24.89 -26.18
N PHE C 174 -26.73 -24.65 -24.98
CA PHE C 174 -27.52 -24.05 -23.93
C PHE C 174 -28.07 -22.67 -24.29
N SER C 175 -29.12 -22.24 -23.60
CA SER C 175 -29.57 -20.87 -23.68
C SER C 175 -28.44 -19.96 -23.23
N ARG C 176 -28.48 -18.71 -23.64
CA ARG C 176 -27.35 -17.87 -23.31
C ARG C 176 -27.38 -17.61 -21.84
N LYS C 177 -28.54 -17.58 -21.26
CA LYS C 177 -28.70 -17.48 -19.80
C LYS C 177 -28.05 -18.64 -19.08
N ASP C 178 -28.41 -19.85 -19.51
CA ASP C 178 -27.90 -21.06 -18.88
C ASP C 178 -26.40 -21.26 -19.12
N TYR C 179 -25.96 -20.86 -20.31
CA TYR C 179 -24.54 -20.94 -20.65
C TYR C 179 -23.74 -20.08 -19.70
N GLN C 180 -24.19 -18.84 -19.54
CA GLN C 180 -23.48 -17.89 -18.67
C GLN C 180 -23.55 -18.31 -17.22
N ARG C 181 -24.69 -18.84 -16.82
CA ARG C 181 -24.86 -19.35 -15.46
C ARG C 181 -23.88 -20.47 -15.18
N MET C 182 -23.71 -21.37 -16.15
CA MET C 182 -22.76 -22.47 -16.00
C MET C 182 -21.33 -21.95 -15.81
N LEU C 183 -20.91 -21.02 -16.65
CA LEU C 183 -19.54 -20.50 -16.54
C LEU C 183 -19.34 -19.81 -15.22
N ASP C 184 -20.32 -19.01 -14.81
CA ASP C 184 -20.18 -18.28 -13.56
C ASP C 184 -20.14 -19.21 -12.37
N LEU C 185 -20.97 -20.25 -12.37
CA LEU C 185 -20.98 -21.23 -11.29
C LEU C 185 -19.68 -22.00 -11.24
N MET C 186 -19.18 -22.44 -12.39
CA MET C 186 -17.91 -23.16 -12.42
C MET C 186 -16.79 -22.33 -11.85
N ARG C 187 -16.73 -21.06 -12.23
CA ARG C 187 -15.72 -20.16 -11.69
C ARG C 187 -15.85 -20.07 -10.17
N ASP C 188 -17.05 -19.78 -9.67
CA ASP C 188 -17.25 -19.62 -8.23
C ASP C 188 -16.92 -20.90 -7.47
N ILE C 189 -17.38 -22.02 -7.98
CA ILE C 189 -17.20 -23.30 -7.29
C ILE C 189 -15.73 -23.72 -7.30
N ILE C 190 -15.05 -23.58 -8.43
CA ILE C 190 -13.65 -23.97 -8.50
C ILE C 190 -12.81 -23.03 -7.61
N LEU C 191 -13.16 -21.76 -7.55
CA LEU C 191 -12.44 -20.83 -6.70
C LEU C 191 -12.66 -21.20 -5.24
N ALA C 192 -13.85 -21.72 -4.95
CA ALA C 192 -14.20 -22.16 -3.61
C ALA C 192 -13.34 -23.31 -3.10
N THR C 193 -12.61 -23.99 -3.98
CA THR C 193 -11.77 -25.11 -3.56
C THR C 193 -10.49 -24.65 -2.89
N ASP C 194 -10.18 -23.36 -2.99
CA ASP C 194 -9.02 -22.84 -2.25
C ASP C 194 -9.39 -22.90 -0.78
N LEU C 195 -8.69 -23.71 0.02
CA LEU C 195 -9.01 -23.75 1.46
C LEU C 195 -8.95 -22.37 2.10
N ALA C 196 -8.14 -21.46 1.56
CA ALA C 196 -8.09 -20.09 2.06
C ALA C 196 -9.44 -19.40 1.93
N HIS C 197 -10.16 -19.72 0.87
CA HIS C 197 -11.49 -19.17 0.62
C HIS C 197 -12.49 -19.79 1.61
N HIS C 198 -12.41 -21.09 1.79
CA HIS C 198 -13.26 -21.79 2.73
C HIS C 198 -13.15 -21.17 4.12
N LEU C 199 -11.91 -20.97 4.58
CA LEU C 199 -11.68 -20.44 5.92
C LEU C 199 -12.15 -18.98 6.04
N ARG C 200 -12.10 -18.23 4.95
CA ARG C 200 -12.66 -16.88 4.90
C ARG C 200 -14.17 -16.85 5.06
N ILE C 201 -14.87 -17.77 4.41
CA ILE C 201 -16.34 -17.75 4.43
C ILE C 201 -16.94 -18.64 5.53
N PHE C 202 -16.10 -19.23 6.37
CA PHE C 202 -16.56 -20.20 7.37
C PHE C 202 -17.64 -19.65 8.31
N LYS C 203 -17.49 -18.39 8.70
CA LYS C 203 -18.48 -17.75 9.57
C LYS C 203 -19.83 -17.61 8.87
N ASP C 204 -19.79 -17.28 7.59
CA ASP C 204 -21.02 -17.12 6.84
C ASP C 204 -21.73 -18.46 6.70
N LEU C 205 -20.95 -19.54 6.54
CA LEU C 205 -21.51 -20.88 6.46
C LEU C 205 -22.19 -21.26 7.77
N GLN C 206 -21.51 -20.99 8.89
CA GLN C 206 -22.09 -21.21 10.21
C GLN C 206 -23.41 -20.44 10.37
N LYS C 207 -23.42 -19.19 9.98
CA LYS C 207 -24.59 -18.36 10.13
C LYS C 207 -25.75 -18.89 9.31
N MET C 208 -25.45 -19.29 8.09
CA MET C 208 -26.48 -19.88 7.24
C MET C 208 -27.09 -21.10 7.92
N ALA C 209 -26.23 -21.93 8.50
CA ALA C 209 -26.65 -23.15 9.16
C ALA C 209 -27.57 -22.86 10.34
N GLU C 210 -27.25 -21.82 11.10
CA GLU C 210 -28.03 -21.48 12.30
C GLU C 210 -29.38 -20.85 11.98
N VAL C 211 -29.39 -19.87 11.08
CA VAL C 211 -30.63 -19.19 10.75
C VAL C 211 -31.53 -20.11 9.93
N GLY C 212 -30.91 -21.05 9.24
CA GLY C 212 -31.63 -22.03 8.43
C GLY C 212 -31.47 -21.75 6.95
N TYR C 213 -31.22 -22.81 6.19
CA TYR C 213 -31.08 -22.67 4.74
C TYR C 213 -32.38 -22.17 4.12
N ASP C 214 -32.28 -21.10 3.34
CA ASP C 214 -33.41 -20.50 2.64
C ASP C 214 -33.22 -20.67 1.14
N ARG C 215 -34.07 -21.48 0.54
CA ARG C 215 -33.96 -21.77 -0.87
C ARG C 215 -34.39 -20.63 -1.79
N ASN C 216 -35.10 -19.65 -1.24
CA ASN C 216 -35.42 -18.43 -1.98
C ASN C 216 -34.32 -17.37 -1.84
N ASN C 217 -33.31 -17.70 -1.04
CA ASN C 217 -32.14 -16.86 -0.85
C ASN C 217 -30.99 -17.32 -1.75
N LYS C 218 -30.71 -16.56 -2.80
CA LYS C 218 -29.70 -16.96 -3.79
C LYS C 218 -28.29 -16.93 -3.20
N GLN C 219 -28.10 -16.10 -2.18
CA GLN C 219 -26.81 -16.10 -1.50
C GLN C 219 -26.61 -17.40 -0.72
N HIS C 220 -27.68 -17.93 -0.14
CA HIS C 220 -27.59 -19.23 0.53
C HIS C 220 -27.23 -20.33 -0.46
N HIS C 221 -27.81 -20.26 -1.66
CA HIS C 221 -27.46 -21.17 -2.73
C HIS C 221 -25.95 -21.14 -2.99
N ARG C 222 -25.40 -19.93 -3.05
CA ARG C 222 -23.98 -19.74 -3.30
C ARG C 222 -23.11 -20.34 -2.20
N LEU C 223 -23.49 -20.08 -0.95
CA LEU C 223 -22.73 -20.57 0.20
C LEU C 223 -22.81 -22.09 0.29
N LEU C 224 -24.00 -22.63 0.08
CA LEU C 224 -24.16 -24.08 0.09
C LEU C 224 -23.29 -24.75 -0.96
N LEU C 225 -23.21 -24.18 -2.16
CA LEU C 225 -22.36 -24.72 -3.21
C LEU C 225 -20.90 -24.76 -2.77
N CYS C 226 -20.46 -23.71 -2.08
CA CYS C 226 -19.08 -23.70 -1.55
C CYS C 226 -18.86 -24.83 -0.55
N LEU C 227 -19.79 -24.96 0.40
CA LEU C 227 -19.68 -26.02 1.41
C LEU C 227 -19.69 -27.41 0.78
N LEU C 228 -20.61 -27.64 -0.16
CA LEU C 228 -20.68 -28.94 -0.82
C LEU C 228 -19.40 -29.23 -1.58
N MET C 229 -18.88 -28.22 -2.28
CA MET C 229 -17.63 -28.37 -3.01
C MET C 229 -16.52 -28.82 -2.05
N THR C 230 -16.36 -28.09 -0.96
CA THR C 230 -15.31 -28.42 0.01
C THR C 230 -15.54 -29.81 0.57
N SER C 231 -16.80 -30.16 0.83
CA SER C 231 -17.15 -31.49 1.32
C SER C 231 -16.74 -32.59 0.33
N CYS C 232 -16.90 -32.33 -0.96
CA CYS C 232 -16.48 -33.28 -1.99
C CYS C 232 -14.96 -33.38 -2.03
N ASP C 233 -14.30 -32.23 -1.96
CA ASP C 233 -12.84 -32.16 -2.04
C ASP C 233 -12.17 -32.97 -0.92
N LEU C 234 -12.76 -32.95 0.27
CA LEU C 234 -12.16 -33.61 1.44
C LEU C 234 -12.74 -35.00 1.72
N SER C 235 -13.59 -35.49 0.80
CA SER C 235 -14.41 -36.66 1.11
C SER C 235 -13.64 -37.98 1.27
N ASP C 236 -12.37 -38.04 0.87
CA ASP C 236 -11.53 -39.20 1.21
C ASP C 236 -11.59 -39.48 2.71
N GLN C 237 -11.71 -38.42 3.51
CA GLN C 237 -11.69 -38.57 4.96
C GLN C 237 -13.00 -39.12 5.52
N THR C 238 -14.02 -39.29 4.66
CA THR C 238 -15.30 -39.86 5.10
C THR C 238 -15.41 -41.36 4.87
N LYS C 239 -14.32 -41.95 4.38
CA LYS C 239 -14.31 -43.40 4.14
C LYS C 239 -13.69 -44.12 5.34
N GLY C 240 -13.26 -45.36 5.14
CA GLY C 240 -12.70 -46.15 6.22
C GLY C 240 -11.25 -45.79 6.53
N TRP C 241 -10.72 -46.43 7.56
CA TRP C 241 -9.34 -46.17 7.98
C TRP C 241 -8.32 -46.38 6.87
N LYS C 242 -8.45 -47.48 6.15
CA LYS C 242 -7.49 -47.82 5.11
C LYS C 242 -7.36 -46.72 4.08
N THR C 243 -8.49 -46.19 3.65
CA THR C 243 -8.51 -45.11 2.67
C THR C 243 -7.76 -43.90 3.20
N THR C 244 -8.07 -43.49 4.43
CA THR C 244 -7.48 -42.28 4.94
C THR C 244 -6.00 -42.47 5.28
N ARG C 245 -5.59 -43.69 5.57
CA ARG C 245 -4.19 -43.95 5.75
C ARG C 245 -3.46 -43.80 4.45
N LYS C 246 -4.04 -44.35 3.42
CA LYS C 246 -3.44 -44.29 2.08
C LYS C 246 -3.36 -42.85 1.61
N ILE C 247 -4.39 -42.07 1.90
CA ILE C 247 -4.43 -40.69 1.40
C ILE C 247 -3.40 -39.85 2.17
N ALA C 248 -3.19 -40.14 3.45
CA ALA C 248 -2.14 -39.44 4.20
C ALA C 248 -0.79 -39.72 3.56
N GLU C 249 -0.56 -40.98 3.20
CA GLU C 249 0.61 -41.36 2.45
C GLU C 249 0.79 -40.47 1.21
N LEU C 250 -0.25 -40.38 0.40
CA LEU C 250 -0.14 -39.60 -0.83
C LEU C 250 0.07 -38.11 -0.59
N ILE C 251 -0.70 -37.55 0.33
CA ILE C 251 -0.63 -36.13 0.66
C ILE C 251 0.78 -35.76 1.16
N TYR C 252 1.32 -36.55 2.09
CA TYR C 252 2.62 -36.18 2.65
C TYR C 252 3.75 -36.43 1.65
N LYS C 253 3.65 -37.44 0.83
CA LYS C 253 4.61 -37.57 -0.26
C LYS C 253 4.60 -36.32 -1.15
N GLU C 254 3.42 -35.92 -1.59
CA GLU C 254 3.31 -34.69 -2.37
C GLU C 254 3.88 -33.48 -1.62
N PHE C 255 3.40 -33.27 -0.38
CA PHE C 255 3.85 -32.15 0.44
C PHE C 255 5.37 -32.15 0.63
N PHE C 256 5.95 -33.29 0.99
CA PHE C 256 7.36 -33.31 1.29
C PHE C 256 8.21 -33.02 0.05
N SER C 257 7.71 -33.42 -1.13
CA SER C 257 8.42 -33.13 -2.38
C SER C 257 8.51 -31.62 -2.55
N GLN C 258 7.41 -30.93 -2.30
CA GLN C 258 7.40 -29.47 -2.37
C GLN C 258 8.40 -28.86 -1.38
N GLY C 259 8.40 -29.38 -0.15
CA GLY C 259 9.32 -28.87 0.87
C GLY C 259 10.78 -29.01 0.45
N ASP C 260 11.10 -30.13 -0.17
CA ASP C 260 12.43 -30.40 -0.69
C ASP C 260 12.82 -29.35 -1.72
N LEU C 261 11.90 -29.06 -2.65
CA LEU C 261 12.14 -28.01 -3.64
C LEU C 261 12.36 -26.66 -2.96
N GLU C 262 11.60 -26.41 -1.90
CA GLU C 262 11.68 -25.13 -1.19
C GLU C 262 13.03 -24.98 -0.52
N LYS C 263 13.47 -26.04 0.15
CA LYS C 263 14.82 -26.05 0.75
C LYS C 263 15.91 -25.76 -0.28
N ALA C 264 15.78 -26.36 -1.46
CA ALA C 264 16.77 -26.16 -2.52
C ALA C 264 16.75 -24.72 -3.02
N MET C 265 15.61 -24.05 -2.85
CA MET C 265 15.49 -22.64 -3.21
C MET C 265 16.01 -21.71 -2.12
N GLY C 266 16.44 -22.30 -1.00
CA GLY C 266 16.96 -21.52 0.11
C GLY C 266 15.88 -21.08 1.08
N ASN C 267 14.66 -21.55 0.86
CA ASN C 267 13.53 -21.22 1.73
C ASN C 267 13.24 -22.30 2.77
N ARG C 268 12.54 -21.94 3.80
CA ARG C 268 12.11 -22.90 4.81
C ARG C 268 10.63 -23.27 4.62
N PRO C 269 10.34 -24.52 4.31
CA PRO C 269 8.96 -24.96 4.07
C PRO C 269 8.13 -24.88 5.34
N MET C 270 6.81 -24.82 5.18
CA MET C 270 5.95 -24.92 6.35
C MET C 270 6.16 -26.32 6.92
N GLU C 271 5.87 -26.48 8.21
CA GLU C 271 6.22 -27.71 8.92
C GLU C 271 5.63 -28.97 8.29
N MET C 272 4.37 -28.89 7.84
CA MET C 272 3.73 -30.07 7.27
C MET C 272 4.35 -30.46 5.93
N MET C 273 5.20 -29.60 5.37
CA MET C 273 5.89 -29.93 4.12
C MET C 273 7.36 -30.28 4.31
N ASP C 274 7.82 -30.23 5.56
CA ASP C 274 9.20 -30.51 5.90
C ASP C 274 9.35 -31.93 6.42
N ARG C 275 9.93 -32.82 5.63
CA ARG C 275 10.01 -34.23 6.02
C ARG C 275 10.92 -34.47 7.24
N GLU C 276 11.73 -33.48 7.58
CA GLU C 276 12.59 -33.57 8.74
C GLU C 276 11.88 -33.12 10.02
N LYS C 277 10.81 -32.35 9.87
CA LYS C 277 10.13 -31.80 11.03
C LYS C 277 8.70 -32.35 11.22
N ALA C 278 8.01 -32.61 10.11
CA ALA C 278 6.63 -33.09 10.17
C ALA C 278 6.46 -34.33 11.05
N TYR C 279 5.57 -34.21 12.04
CA TYR C 279 5.12 -35.35 12.83
C TYR C 279 3.70 -35.70 12.37
N ILE C 280 3.60 -36.69 11.48
CA ILE C 280 2.35 -36.93 10.77
C ILE C 280 1.10 -37.13 11.65
N PRO C 281 1.18 -37.90 12.75
CA PRO C 281 -0.06 -38.09 13.51
C PRO C 281 -0.63 -36.79 14.09
N GLU C 282 0.21 -35.91 14.62
CA GLU C 282 -0.34 -34.71 15.23
C GLU C 282 -0.83 -33.78 14.13
N LEU C 283 -0.15 -33.78 12.99
CA LEU C 283 -0.57 -32.97 11.84
C LEU C 283 -1.93 -33.44 11.33
N GLN C 284 -2.08 -34.75 11.18
CA GLN C 284 -3.34 -35.31 10.72
C GLN C 284 -4.46 -35.04 11.72
N ILE C 285 -4.16 -35.21 13.00
CA ILE C 285 -5.16 -34.97 14.04
C ILE C 285 -5.62 -33.51 13.97
N SER C 286 -4.67 -32.61 13.74
CA SER C 286 -4.98 -31.19 13.66
C SER C 286 -5.85 -30.90 12.44
N PHE C 287 -5.49 -31.47 11.29
CA PHE C 287 -6.28 -31.25 10.09
C PHE C 287 -7.70 -31.77 10.27
N MET C 288 -7.79 -32.96 10.84
CA MET C 288 -9.09 -33.59 11.06
C MET C 288 -9.91 -32.77 12.06
N GLU C 289 -9.30 -32.39 13.17
CA GLU C 289 -10.04 -31.76 14.25
C GLU C 289 -10.48 -30.33 13.90
N HIS C 290 -9.60 -29.58 13.22
CA HIS C 290 -9.81 -28.14 13.08
C HIS C 290 -10.25 -27.71 11.68
N ILE C 291 -10.16 -28.61 10.71
CA ILE C 291 -10.61 -28.28 9.37
C ILE C 291 -11.67 -29.26 8.86
N ALA C 292 -11.36 -30.56 8.85
CA ALA C 292 -12.28 -31.51 8.23
C ALA C 292 -13.55 -31.71 9.05
N MET C 293 -13.40 -31.96 10.36
CA MET C 293 -14.57 -32.21 11.20
C MET C 293 -15.57 -31.04 11.24
N PRO C 294 -15.09 -29.78 11.36
CA PRO C 294 -16.07 -28.68 11.30
C PRO C 294 -16.84 -28.59 9.99
N ILE C 295 -16.20 -28.98 8.88
CA ILE C 295 -16.86 -28.99 7.59
C ILE C 295 -18.01 -30.00 7.58
N TYR C 296 -17.74 -31.22 8.01
CA TYR C 296 -18.81 -32.22 7.99
C TYR C 296 -19.80 -32.02 9.13
N LYS C 297 -19.44 -31.26 10.16
CA LYS C 297 -20.41 -30.89 11.18
C LYS C 297 -21.43 -29.91 10.61
N LEU C 298 -20.95 -28.95 9.82
CA LEU C 298 -21.82 -28.01 9.15
C LEU C 298 -22.78 -28.73 8.20
N LEU C 299 -22.22 -29.70 7.45
CA LEU C 299 -23.00 -30.48 6.51
C LEU C 299 -24.10 -31.26 7.23
N GLN C 300 -23.75 -31.83 8.37
CA GLN C 300 -24.71 -32.53 9.21
C GLN C 300 -25.78 -31.57 9.73
N ASP C 301 -25.37 -30.34 10.05
CA ASP C 301 -26.31 -29.35 10.57
C ASP C 301 -27.36 -29.00 9.54
N LEU C 302 -26.98 -29.02 8.27
CA LEU C 302 -27.88 -28.63 7.19
C LEU C 302 -28.65 -29.82 6.65
N PHE C 303 -28.00 -30.99 6.69
CA PHE C 303 -28.59 -32.22 6.19
C PHE C 303 -28.45 -33.31 7.24
N PRO C 304 -29.49 -33.57 8.02
CA PRO C 304 -29.36 -34.59 9.07
C PRO C 304 -28.90 -35.95 8.53
N LYS C 305 -29.21 -36.27 7.27
CA LYS C 305 -28.75 -37.58 6.82
C LYS C 305 -27.26 -37.62 6.51
N ALA C 306 -26.57 -36.48 6.60
CA ALA C 306 -25.11 -36.46 6.44
C ALA C 306 -24.37 -36.80 7.74
N ALA C 307 -25.12 -37.12 8.79
CA ALA C 307 -24.52 -37.40 10.10
C ALA C 307 -23.45 -38.50 10.05
N GLU C 308 -23.69 -39.56 9.27
CA GLU C 308 -22.74 -40.66 9.23
C GLU C 308 -21.38 -40.21 8.69
N LEU C 309 -21.39 -39.17 7.85
CA LEU C 309 -20.17 -38.64 7.28
C LEU C 309 -19.31 -38.02 8.37
N TYR C 310 -19.91 -37.15 9.18
CA TYR C 310 -19.21 -36.53 10.29
C TYR C 310 -18.68 -37.58 11.25
N GLU C 311 -19.55 -38.54 11.58
CA GLU C 311 -19.16 -39.61 12.49
C GLU C 311 -17.99 -40.41 11.94
N ARG C 312 -17.91 -40.60 10.63
CA ARG C 312 -16.74 -41.31 10.06
C ARG C 312 -15.47 -40.50 10.20
N VAL C 313 -15.55 -39.20 9.90
CA VAL C 313 -14.37 -38.35 10.02
C VAL C 313 -13.90 -38.33 11.49
N ALA C 314 -14.85 -38.19 12.41
CA ALA C 314 -14.50 -38.16 13.83
C ALA C 314 -13.84 -39.48 14.24
N SER C 315 -14.38 -40.59 13.72
CA SER C 315 -13.82 -41.90 13.99
C SER C 315 -12.41 -42.01 13.42
N ASN C 316 -12.19 -41.52 12.20
CA ASN C 316 -10.86 -41.58 11.62
C ASN C 316 -9.86 -40.70 12.39
N ARG C 317 -10.34 -39.58 12.92
CA ARG C 317 -9.49 -38.74 13.76
C ARG C 317 -9.08 -39.51 15.01
N GLU C 318 -10.02 -40.25 15.59
CA GLU C 318 -9.72 -40.98 16.80
C GLU C 318 -8.69 -42.07 16.50
N HIS C 319 -8.72 -42.60 15.29
CA HIS C 319 -7.80 -43.69 14.96
C HIS C 319 -6.36 -43.19 14.89
N TRP C 320 -6.17 -41.96 14.42
CA TRP C 320 -4.84 -41.37 14.40
C TRP C 320 -4.27 -41.28 15.82
N THR C 321 -5.12 -40.94 16.78
CA THR C 321 -4.71 -40.90 18.18
C THR C 321 -4.28 -42.28 18.65
N LYS C 322 -4.96 -43.31 18.15
CA LYS C 322 -4.65 -44.65 18.64
C LYS C 322 -3.41 -45.28 18.00
N VAL C 323 -3.01 -44.83 16.82
CA VAL C 323 -1.81 -45.37 16.18
C VAL C 323 -0.61 -44.46 16.35
N SER C 324 -0.83 -43.30 16.96
CA SER C 324 0.21 -42.28 17.12
C SER C 324 1.48 -42.87 17.73
N HIS C 325 1.30 -43.73 18.73
CA HIS C 325 2.41 -44.32 19.46
C HIS C 325 3.37 -45.10 18.57
N LYS C 326 2.87 -45.53 17.42
CA LYS C 326 3.69 -46.35 16.53
C LYS C 326 4.75 -45.54 15.82
N PHE C 327 4.63 -44.22 15.88
CA PHE C 327 5.63 -43.36 15.24
C PHE C 327 6.83 -43.14 16.16
N THR C 328 6.80 -43.78 17.32
CA THR C 328 7.95 -43.82 18.20
C THR C 328 8.48 -45.24 18.23
N ILE C 329 9.77 -45.39 17.99
CA ILE C 329 10.39 -46.70 17.94
C ILE C 329 10.57 -47.25 19.35
N ARG C 330 9.80 -48.28 19.67
CA ARG C 330 10.02 -49.01 20.92
C ARG C 330 10.62 -50.36 20.58
N GLY C 331 11.32 -50.96 21.55
CA GLY C 331 12.12 -52.13 21.25
C GLY C 331 13.21 -51.77 20.25
N LEU C 332 13.64 -52.76 19.48
CA LEU C 332 14.63 -52.53 18.43
C LEU C 332 13.97 -52.51 17.08
N PRO C 333 14.58 -51.82 16.10
CA PRO C 333 14.11 -51.95 14.72
C PRO C 333 14.11 -53.40 14.27
N SER C 334 13.40 -53.66 13.17
CA SER C 334 13.24 -55.01 12.63
C SER C 334 14.55 -55.80 12.49
N ASN C 335 15.65 -55.09 12.20
CA ASN C 335 16.93 -55.76 11.98
C ASN C 335 17.76 -55.94 13.25
N ASN C 336 17.13 -55.71 14.40
CA ASN C 336 17.83 -55.78 15.70
C ASN C 336 19.03 -54.84 15.79
N SER C 337 19.01 -53.79 14.98
CA SER C 337 20.12 -52.86 14.90
C SER C 337 19.71 -51.42 15.19
N LEU C 338 20.63 -50.69 15.81
CA LEU C 338 20.43 -49.27 16.05
C LEU C 338 21.18 -48.47 14.98
N ASP C 339 21.46 -49.11 13.85
CA ASP C 339 22.23 -48.48 12.77
C ASP C 339 21.51 -47.33 12.10
N PHE C 340 20.21 -47.17 12.36
CA PHE C 340 19.47 -46.05 11.81
C PHE C 340 19.95 -44.75 12.43
N LEU C 341 20.71 -44.87 13.51
CA LEU C 341 21.30 -43.72 14.16
C LEU C 341 22.56 -43.28 13.41
N TYR D 7 15.13 -11.21 -37.80
CA TYR D 7 16.12 -10.99 -36.77
C TYR D 7 17.47 -10.64 -37.39
N THR D 8 17.83 -11.36 -38.44
CA THR D 8 19.09 -11.14 -39.17
C THR D 8 19.20 -9.69 -39.65
N LYS D 9 18.15 -9.21 -40.23
CA LYS D 9 18.13 -7.86 -40.75
C LYS D 9 18.33 -6.81 -39.66
N LEU D 10 17.71 -7.00 -38.51
CA LEU D 10 17.89 -6.15 -37.36
C LEU D 10 19.34 -6.21 -36.89
N LEU D 11 19.92 -7.39 -37.01
CA LEU D 11 21.31 -7.63 -36.68
C LEU D 11 22.26 -6.86 -37.61
N HIS D 12 21.94 -6.88 -38.90
CA HIS D 12 22.76 -6.21 -39.91
C HIS D 12 22.77 -4.70 -39.68
N ILE D 15 20.99 -1.00 -34.70
CA ILE D 15 20.90 0.07 -33.72
C ILE D 15 21.56 1.35 -34.23
N GLN D 16 20.73 2.29 -34.67
CA GLN D 16 21.10 3.57 -35.24
C GLN D 16 21.05 4.64 -34.16
N PRO D 17 21.90 5.67 -34.24
CA PRO D 17 21.61 6.87 -33.43
C PRO D 17 20.29 7.47 -33.92
N VAL D 18 19.46 7.99 -33.01
CA VAL D 18 18.13 8.45 -33.41
C VAL D 18 18.23 9.58 -34.42
N ALA D 19 19.33 10.33 -34.37
CA ALA D 19 19.59 11.38 -35.34
C ALA D 19 19.64 10.83 -36.77
N ALA D 20 20.11 9.59 -36.91
CA ALA D 20 20.20 8.96 -38.23
C ALA D 20 18.82 8.55 -38.74
N ILE D 21 17.86 8.45 -37.83
CA ILE D 21 16.49 8.11 -38.21
C ILE D 21 15.77 9.35 -38.70
N ASP D 22 15.92 10.43 -37.95
CA ASP D 22 15.34 11.71 -38.30
C ASP D 22 15.95 12.74 -37.38
N SER D 23 16.35 13.89 -37.92
CA SER D 23 16.93 14.94 -37.10
C SER D 23 15.94 15.41 -36.03
N ASN D 24 14.65 15.19 -36.27
CA ASN D 24 13.61 15.67 -35.38
C ASN D 24 13.02 14.57 -34.50
N PHE D 25 13.64 13.40 -34.50
CA PHE D 25 13.09 12.20 -33.89
C PHE D 25 12.70 12.33 -32.42
N ALA D 26 13.43 13.16 -31.69
CA ALA D 26 13.21 13.30 -30.25
C ALA D 26 12.40 14.54 -29.90
N SER D 27 11.70 15.08 -30.91
CA SER D 27 10.87 16.27 -30.71
C SER D 27 9.38 15.91 -30.63
N PHE D 28 8.63 16.68 -29.83
CA PHE D 28 7.20 16.50 -29.74
C PHE D 28 6.50 16.72 -31.09
N THR D 29 7.17 17.43 -31.99
CA THR D 29 6.57 17.70 -33.30
C THR D 29 6.70 16.51 -34.26
N TYR D 30 7.56 15.55 -33.92
CA TYR D 30 7.76 14.38 -34.76
C TYR D 30 6.53 13.48 -34.76
N THR D 31 6.12 13.02 -35.95
CA THR D 31 5.02 12.08 -36.07
C THR D 31 5.55 10.67 -36.35
N PRO D 32 5.62 9.83 -35.32
CA PRO D 32 6.22 8.51 -35.51
C PRO D 32 5.47 7.65 -36.54
N ARG D 33 4.20 7.94 -36.81
CA ARG D 33 3.49 7.17 -37.82
C ARG D 33 4.06 7.43 -39.23
N SER D 34 4.89 8.46 -39.37
CA SER D 34 5.53 8.74 -40.65
C SER D 34 6.64 7.72 -40.95
N LEU D 35 7.17 7.09 -39.91
CA LEU D 35 8.21 6.09 -40.11
C LEU D 35 7.66 4.85 -40.77
N PRO D 36 8.38 4.33 -41.77
CA PRO D 36 7.95 3.09 -42.44
C PRO D 36 7.85 1.94 -41.45
N GLU D 37 6.83 1.10 -41.57
CA GLU D 37 6.61 0.08 -40.57
C GLU D 37 7.79 -0.88 -40.47
N ASP D 38 8.49 -1.09 -41.58
CA ASP D 38 9.59 -2.04 -41.45
C ASP D 38 10.87 -1.42 -40.89
N ASP D 39 10.79 -0.15 -40.48
CA ASP D 39 11.88 0.47 -39.73
C ASP D 39 11.56 0.62 -38.24
N THR D 40 10.39 0.18 -37.82
CA THR D 40 9.94 0.44 -36.46
C THR D 40 10.68 -0.38 -35.40
N SER D 41 11.05 -1.61 -35.73
CA SER D 41 11.81 -2.44 -34.80
C SER D 41 13.17 -1.81 -34.56
N MET D 42 13.84 -1.41 -35.64
CA MET D 42 15.07 -0.66 -35.57
C MET D 42 14.88 0.55 -34.65
N ALA D 43 13.79 1.28 -34.84
CA ALA D 43 13.57 2.49 -34.06
C ALA D 43 13.40 2.19 -32.57
N ILE D 44 12.75 1.07 -32.25
CA ILE D 44 12.60 0.66 -30.86
C ILE D 44 13.97 0.44 -30.21
N LEU D 45 14.81 -0.35 -30.86
CA LEU D 45 16.17 -0.59 -30.40
C LEU D 45 16.93 0.72 -30.24
N SER D 46 16.81 1.58 -31.24
CA SER D 46 17.49 2.87 -31.22
C SER D 46 17.04 3.72 -30.03
N MET D 47 15.75 3.70 -29.72
CA MET D 47 15.24 4.46 -28.60
C MET D 47 15.76 3.91 -27.29
N LEU D 48 15.70 2.59 -27.14
CA LEU D 48 16.25 1.94 -25.95
C LEU D 48 17.73 2.24 -25.75
N GLN D 49 18.50 2.30 -26.84
CA GLN D 49 19.92 2.63 -26.80
C GLN D 49 20.12 4.10 -26.44
N ASP D 50 19.28 4.97 -27.00
CA ASP D 50 19.42 6.41 -26.78
C ASP D 50 19.12 6.76 -25.33
N MET D 51 18.24 5.99 -24.70
CA MET D 51 17.93 6.15 -23.28
C MET D 51 18.95 5.38 -22.45
N ASN D 52 19.83 4.67 -23.15
CA ASN D 52 20.89 3.84 -22.57
C ASN D 52 20.38 2.72 -21.66
N PHE D 53 19.19 2.22 -21.92
CA PHE D 53 18.68 1.11 -21.11
C PHE D 53 19.36 -0.21 -21.46
N ILE D 54 19.84 -0.34 -22.68
CA ILE D 54 20.45 -1.60 -23.09
C ILE D 54 21.72 -1.83 -22.29
N ASN D 55 22.56 -0.80 -22.23
CA ASN D 55 23.79 -0.88 -21.45
C ASN D 55 23.55 -0.88 -19.95
N ASN D 56 22.77 0.08 -19.46
CA ASN D 56 22.54 0.17 -18.02
C ASN D 56 21.92 -1.10 -17.43
N TYR D 57 21.04 -1.75 -18.17
CA TYR D 57 20.38 -2.94 -17.66
C TYR D 57 21.00 -4.23 -18.17
N LYS D 58 22.12 -4.11 -18.87
CA LYS D 58 22.85 -5.25 -19.39
C LYS D 58 21.93 -6.17 -20.20
N ILE D 59 21.05 -5.55 -20.98
CA ILE D 59 20.15 -6.30 -21.84
C ILE D 59 20.91 -6.99 -22.95
N ASP D 60 20.67 -8.29 -23.11
CA ASP D 60 21.24 -9.04 -24.23
C ASP D 60 20.59 -8.59 -25.53
N CYS D 61 21.39 -8.14 -26.48
CA CYS D 61 20.81 -7.55 -27.68
C CYS D 61 20.06 -8.55 -28.58
N PRO D 62 20.61 -9.77 -28.79
CA PRO D 62 19.82 -10.77 -29.54
C PRO D 62 18.46 -11.03 -28.90
N THR D 63 18.45 -11.18 -27.59
CA THR D 63 17.20 -11.42 -26.86
C THR D 63 16.24 -10.26 -27.08
N LEU D 64 16.76 -9.04 -27.00
CA LEU D 64 15.93 -7.85 -27.16
C LEU D 64 15.34 -7.76 -28.56
N ALA D 65 16.17 -8.03 -29.56
CA ALA D 65 15.71 -8.07 -30.95
C ALA D 65 14.59 -9.08 -31.13
N ARG D 66 14.79 -10.29 -30.62
CA ARG D 66 13.78 -11.33 -30.73
C ARG D 66 12.51 -10.89 -30.03
N PHE D 67 12.64 -10.31 -28.83
CA PHE D 67 11.50 -9.82 -28.07
C PHE D 67 10.73 -8.76 -28.85
N CYS D 68 11.43 -7.80 -29.44
CA CYS D 68 10.77 -6.72 -30.18
C CYS D 68 10.00 -7.27 -31.38
N LEU D 69 10.62 -8.19 -32.10
CA LEU D 69 10.00 -8.82 -33.25
C LEU D 69 8.76 -9.61 -32.83
N MET D 70 8.84 -10.30 -31.69
CA MET D 70 7.73 -11.10 -31.20
C MET D 70 6.55 -10.21 -30.79
N VAL D 71 6.88 -9.08 -30.18
CA VAL D 71 5.86 -8.13 -29.78
C VAL D 71 5.14 -7.55 -31.00
N LYS D 72 5.93 -7.10 -31.99
CA LYS D 72 5.39 -6.55 -33.23
C LYS D 72 4.47 -7.59 -33.86
N LYS D 73 4.92 -8.83 -33.89
CA LYS D 73 4.17 -9.93 -34.49
C LYS D 73 2.85 -10.22 -33.77
N GLY D 74 2.80 -9.85 -32.49
CA GLY D 74 1.68 -10.16 -31.63
C GLY D 74 0.51 -9.22 -31.81
N TYR D 75 0.65 -8.26 -32.72
CA TYR D 75 -0.44 -7.33 -33.03
C TYR D 75 -1.17 -7.80 -34.27
N ARG D 76 -2.50 -7.68 -34.24
CA ARG D 76 -3.33 -7.94 -35.40
C ARG D 76 -3.42 -6.66 -36.24
N ASP D 77 -4.31 -6.63 -37.23
CA ASP D 77 -4.43 -5.45 -38.07
C ASP D 77 -5.84 -4.83 -38.13
N PRO D 78 -6.44 -4.51 -36.97
CA PRO D 78 -7.62 -3.65 -37.01
C PRO D 78 -7.20 -2.25 -37.43
N PRO D 79 -8.16 -1.38 -37.78
CA PRO D 79 -7.77 -0.06 -38.30
C PRO D 79 -6.90 0.77 -37.34
N TYR D 80 -7.18 0.72 -36.05
CA TYR D 80 -6.45 1.55 -35.09
C TYR D 80 -5.51 0.75 -34.17
N HIS D 81 -6.04 -0.29 -33.53
CA HIS D 81 -5.27 -0.97 -32.47
C HIS D 81 -4.34 -2.04 -33.04
N ASN D 82 -3.35 -1.57 -33.80
CA ASN D 82 -2.35 -2.40 -34.47
C ASN D 82 -0.95 -2.03 -34.01
N TRP D 83 0.08 -2.62 -34.60
CA TRP D 83 1.44 -2.35 -34.14
C TRP D 83 1.84 -0.87 -34.28
N MET D 84 1.42 -0.19 -35.36
CA MET D 84 1.81 1.20 -35.52
C MET D 84 1.26 2.05 -34.36
N HIS D 85 0.11 1.68 -33.79
CA HIS D 85 -0.36 2.31 -32.56
C HIS D 85 0.60 2.06 -31.42
N ALA D 86 0.90 0.79 -31.14
CA ALA D 86 1.85 0.47 -30.06
C ALA D 86 3.21 1.13 -30.26
N PHE D 87 3.71 1.13 -31.50
CA PHE D 87 4.98 1.78 -31.78
C PHE D 87 4.91 3.27 -31.46
N SER D 88 3.84 3.94 -31.90
CA SER D 88 3.76 5.38 -31.74
C SER D 88 3.57 5.74 -30.26
N VAL D 89 2.88 4.88 -29.52
CA VAL D 89 2.69 5.06 -28.09
C VAL D 89 4.04 4.93 -27.39
N SER D 90 4.85 3.97 -27.84
CA SER D 90 6.17 3.75 -27.27
C SER D 90 7.07 4.93 -27.56
N HIS D 91 6.99 5.42 -28.80
CA HIS D 91 7.74 6.60 -29.19
C HIS D 91 7.41 7.77 -28.28
N PHE D 92 6.13 7.95 -27.96
CA PHE D 92 5.79 9.04 -27.06
C PHE D 92 6.39 8.88 -25.66
N CYS D 93 6.42 7.64 -25.16
CA CYS D 93 7.13 7.37 -23.90
C CYS D 93 8.55 7.91 -23.97
N TYR D 94 9.24 7.58 -25.06
CA TYR D 94 10.60 8.03 -25.31
C TYR D 94 10.66 9.55 -25.34
N LEU D 95 9.68 10.18 -25.97
CA LEU D 95 9.64 11.63 -26.03
C LEU D 95 9.51 12.24 -24.65
N LEU D 96 8.65 11.63 -23.82
CA LEU D 96 8.48 12.11 -22.45
C LEU D 96 9.82 12.00 -21.72
N TYR D 97 10.53 10.90 -21.92
CA TYR D 97 11.84 10.72 -21.33
C TYR D 97 12.83 11.83 -21.76
N LYS D 98 12.84 12.12 -23.06
CA LYS D 98 13.79 13.06 -23.62
C LYS D 98 13.48 14.52 -23.31
N ASN D 99 12.19 14.86 -23.20
CA ASN D 99 11.79 16.26 -23.09
C ASN D 99 11.34 16.70 -21.71
N LEU D 100 10.89 15.75 -20.89
CA LEU D 100 10.45 16.07 -19.54
C LEU D 100 11.47 15.50 -18.56
N GLU D 101 11.47 15.97 -17.33
CA GLU D 101 12.47 15.51 -16.38
C GLU D 101 12.00 14.26 -15.67
N LEU D 102 11.68 13.20 -16.42
CA LEU D 102 11.08 12.00 -15.83
C LEU D 102 11.95 11.39 -14.72
N THR D 103 13.27 11.43 -14.92
CA THR D 103 14.19 10.83 -13.95
C THR D 103 14.19 11.61 -12.65
N ASN D 104 13.65 12.83 -12.67
CA ASN D 104 13.50 13.60 -11.45
C ASN D 104 12.34 13.08 -10.59
N TYR D 105 11.41 12.36 -11.22
CA TYR D 105 10.20 11.90 -10.51
C TYR D 105 10.08 10.39 -10.40
N LEU D 106 10.67 9.66 -11.34
CA LEU D 106 10.51 8.20 -11.40
C LEU D 106 11.83 7.47 -11.37
N GLU D 107 11.80 6.25 -10.86
CA GLU D 107 12.96 5.37 -10.88
C GLU D 107 13.23 4.90 -12.31
N ASP D 108 14.50 4.62 -12.61
CA ASP D 108 14.90 4.10 -13.92
C ASP D 108 14.06 2.89 -14.30
N ILE D 109 13.83 1.98 -13.35
CA ILE D 109 13.14 0.76 -13.68
C ILE D 109 11.65 1.02 -13.98
N GLU D 110 11.11 2.07 -13.38
CA GLU D 110 9.74 2.47 -13.63
C GLU D 110 9.60 3.01 -15.06
N ILE D 111 10.60 3.76 -15.50
CA ILE D 111 10.58 4.32 -16.85
C ILE D 111 10.77 3.22 -17.87
N PHE D 112 11.73 2.34 -17.62
CA PHE D 112 11.96 1.17 -18.46
C PHE D 112 10.68 0.34 -18.58
N ALA D 113 10.05 0.04 -17.44
CA ALA D 113 8.81 -0.73 -17.43
C ALA D 113 7.69 -0.02 -18.20
N LEU D 114 7.63 1.30 -18.07
CA LEU D 114 6.65 2.08 -18.83
C LEU D 114 6.86 1.89 -20.34
N PHE D 115 8.11 1.99 -20.78
CA PHE D 115 8.39 1.81 -22.21
C PHE D 115 8.04 0.42 -22.72
N ILE D 116 8.50 -0.61 -22.02
CA ILE D 116 8.16 -1.97 -22.43
C ILE D 116 6.65 -2.20 -22.38
N SER D 117 5.99 -1.66 -21.35
CA SER D 117 4.54 -1.76 -21.26
C SER D 117 3.88 -1.11 -22.49
N CYS D 118 4.39 0.06 -22.91
CA CYS D 118 3.84 0.69 -24.12
C CYS D 118 3.92 -0.25 -25.33
N MET D 119 5.05 -0.91 -25.48
CA MET D 119 5.22 -1.84 -26.59
C MET D 119 4.16 -2.92 -26.59
N CYS D 120 3.85 -3.42 -25.40
CA CYS D 120 3.00 -4.59 -25.23
C CYS D 120 1.53 -4.30 -24.95
N HIS D 121 1.16 -3.03 -24.80
CA HIS D 121 -0.07 -2.75 -24.05
C HIS D 121 -1.39 -3.07 -24.76
N ASP D 122 -1.35 -3.33 -26.07
CA ASP D 122 -2.56 -3.68 -26.82
C ASP D 122 -2.39 -5.03 -27.56
N LEU D 123 -1.42 -5.84 -27.14
CA LEU D 123 -1.16 -7.12 -27.81
C LEU D 123 -2.41 -7.94 -28.11
N ASP D 124 -2.54 -8.33 -29.37
CA ASP D 124 -3.61 -9.20 -29.84
C ASP D 124 -4.99 -8.54 -29.77
N HIS D 125 -5.04 -7.21 -29.79
CA HIS D 125 -6.30 -6.49 -29.85
C HIS D 125 -7.08 -6.92 -31.08
N ARG D 126 -8.40 -7.07 -30.92
CA ARG D 126 -9.25 -7.56 -32.00
C ARG D 126 -10.12 -6.47 -32.62
N GLY D 127 -9.90 -5.23 -32.18
CA GLY D 127 -10.66 -4.11 -32.72
C GLY D 127 -12.03 -3.96 -32.05
N THR D 128 -12.21 -4.65 -30.93
CA THR D 128 -13.46 -4.56 -30.18
C THR D 128 -13.15 -4.30 -28.72
N ASN D 129 -14.08 -3.65 -28.02
CA ASN D 129 -13.80 -3.23 -26.65
C ASN D 129 -14.17 -4.28 -25.62
N ASN D 130 -14.10 -3.89 -24.35
CA ASN D 130 -14.31 -4.83 -23.28
C ASN D 130 -15.75 -5.33 -23.20
N SER D 131 -16.71 -4.42 -23.28
CA SER D 131 -18.10 -4.86 -23.16
C SER D 131 -18.45 -5.79 -24.32
N PHE D 132 -17.84 -5.60 -25.48
CA PHE D 132 -18.08 -6.51 -26.61
C PHE D 132 -17.63 -7.93 -26.30
N GLN D 133 -16.47 -8.07 -25.68
CA GLN D 133 -16.00 -9.40 -25.28
C GLN D 133 -17.04 -10.09 -24.43
N VAL D 134 -17.61 -9.34 -23.50
CA VAL D 134 -18.58 -9.90 -22.58
C VAL D 134 -19.90 -10.25 -23.31
N ALA D 135 -20.39 -9.31 -24.11
CA ALA D 135 -21.63 -9.52 -24.85
C ALA D 135 -21.54 -10.70 -25.82
N SER D 136 -20.38 -10.86 -26.44
CA SER D 136 -20.17 -11.91 -27.44
C SER D 136 -19.73 -13.21 -26.78
N LYS D 137 -19.57 -13.18 -25.46
CA LYS D 137 -19.18 -14.35 -24.66
C LYS D 137 -17.92 -14.99 -25.24
N SER D 138 -16.95 -14.14 -25.56
CA SER D 138 -15.67 -14.61 -26.08
C SER D 138 -14.92 -15.38 -25.00
N VAL D 139 -13.92 -16.16 -25.40
CA VAL D 139 -13.07 -16.85 -24.42
C VAL D 139 -12.42 -15.87 -23.47
N LEU D 140 -12.10 -14.69 -23.98
CA LEU D 140 -11.45 -13.70 -23.14
C LEU D 140 -12.38 -13.27 -22.01
N ALA D 141 -13.66 -13.13 -22.32
CA ALA D 141 -14.63 -12.80 -21.30
C ALA D 141 -14.77 -13.91 -20.29
N ALA D 142 -14.78 -15.15 -20.76
CA ALA D 142 -14.87 -16.30 -19.86
C ALA D 142 -13.71 -16.27 -18.85
N LEU D 143 -12.53 -15.89 -19.31
CA LEU D 143 -11.34 -15.85 -18.47
C LEU D 143 -11.27 -14.65 -17.53
N TYR D 144 -11.79 -13.51 -17.97
CA TYR D 144 -11.43 -12.24 -17.33
C TYR D 144 -12.60 -11.35 -16.90
N SER D 145 -13.82 -11.67 -17.33
CA SER D 145 -14.91 -10.70 -17.17
C SER D 145 -15.22 -10.42 -15.71
N SER D 146 -15.06 -11.41 -14.83
CA SER D 146 -15.39 -11.21 -13.42
C SER D 146 -14.39 -10.28 -12.74
N GLU D 147 -13.18 -10.17 -13.28
CA GLU D 147 -12.16 -9.33 -12.70
C GLU D 147 -12.08 -7.96 -13.37
N GLY D 148 -12.71 -7.82 -14.54
CA GLY D 148 -12.76 -6.56 -15.25
C GLY D 148 -11.55 -6.33 -16.15
N SER D 149 -11.61 -5.25 -16.92
CA SER D 149 -10.61 -4.90 -17.93
C SER D 149 -10.20 -6.09 -18.79
N VAL D 150 -11.18 -6.70 -19.45
CA VAL D 150 -10.96 -7.96 -20.17
C VAL D 150 -9.80 -7.92 -21.15
N MET D 151 -9.78 -6.93 -22.05
CA MET D 151 -8.72 -6.89 -23.04
C MET D 151 -7.35 -6.62 -22.42
N GLU D 152 -7.32 -5.75 -21.42
CA GLU D 152 -6.06 -5.37 -20.82
C GLU D 152 -5.46 -6.57 -20.07
N ARG D 153 -6.31 -7.36 -19.44
CA ARG D 153 -5.82 -8.60 -18.83
C ARG D 153 -5.25 -9.53 -19.90
N HIS D 154 -5.86 -9.55 -21.08
CA HIS D 154 -5.35 -10.35 -22.18
C HIS D 154 -4.01 -9.80 -22.68
N HIS D 155 -3.92 -8.49 -22.83
CA HIS D 155 -2.66 -7.89 -23.32
C HIS D 155 -1.50 -8.25 -22.38
N PHE D 156 -1.74 -8.13 -21.08
CA PHE D 156 -0.72 -8.51 -20.11
C PHE D 156 -0.38 -10.01 -20.22
N ALA D 157 -1.39 -10.87 -20.29
CA ALA D 157 -1.16 -12.31 -20.43
C ALA D 157 -0.36 -12.62 -21.70
N GLN D 158 -0.65 -11.91 -22.79
CA GLN D 158 0.12 -12.08 -24.03
C GLN D 158 1.59 -11.69 -23.83
N ALA D 159 1.81 -10.60 -23.08
CA ALA D 159 3.17 -10.14 -22.83
C ALA D 159 3.93 -11.19 -22.01
N ILE D 160 3.27 -11.75 -21.02
CA ILE D 160 3.87 -12.83 -20.22
C ILE D 160 4.21 -14.03 -21.11
N ALA D 161 3.32 -14.39 -22.04
CA ALA D 161 3.59 -15.51 -22.94
C ALA D 161 4.83 -15.25 -23.81
N ILE D 162 5.02 -14.01 -24.23
CA ILE D 162 6.19 -13.66 -25.03
C ILE D 162 7.48 -13.77 -24.21
N LEU D 163 7.45 -13.21 -23.00
CA LEU D 163 8.59 -13.30 -22.09
C LEU D 163 8.95 -14.75 -21.78
N ASN D 164 7.93 -15.60 -21.71
CA ASN D 164 8.11 -17.02 -21.39
C ASN D 164 8.47 -17.84 -22.63
N THR D 165 8.61 -17.17 -23.77
CA THR D 165 9.02 -17.83 -25.00
C THR D 165 10.54 -17.94 -25.02
N HIS D 166 11.05 -19.12 -25.37
CA HIS D 166 12.50 -19.33 -25.38
C HIS D 166 13.23 -18.25 -26.18
N GLY D 167 14.26 -17.69 -25.58
CA GLY D 167 15.08 -16.69 -26.25
C GLY D 167 14.52 -15.28 -26.24
N CYS D 168 13.42 -15.06 -25.52
CA CYS D 168 12.73 -13.78 -25.58
C CYS D 168 12.65 -13.06 -24.24
N ASN D 169 13.20 -13.66 -23.19
CA ASN D 169 13.05 -13.10 -21.86
C ASN D 169 14.11 -12.06 -21.57
N ILE D 170 13.86 -10.82 -21.97
CA ILE D 170 14.83 -9.75 -21.82
C ILE D 170 15.19 -9.47 -20.35
N PHE D 171 14.39 -10.01 -19.42
CA PHE D 171 14.60 -9.75 -17.99
C PHE D 171 15.28 -10.90 -17.25
N ASP D 172 15.56 -12.00 -17.93
CA ASP D 172 15.89 -13.23 -17.20
C ASP D 172 17.24 -13.18 -16.47
N HIS D 173 18.00 -12.11 -16.64
CA HIS D 173 19.26 -11.93 -15.92
C HIS D 173 19.12 -10.94 -14.75
N PHE D 174 17.97 -10.29 -14.69
CA PHE D 174 17.66 -9.40 -13.57
C PHE D 174 17.70 -10.15 -12.25
N SER D 175 17.99 -9.43 -11.17
CA SER D 175 17.85 -9.98 -9.83
C SER D 175 16.40 -10.39 -9.62
N ARG D 176 16.14 -11.28 -8.67
CA ARG D 176 14.78 -11.73 -8.43
C ARG D 176 13.86 -10.57 -8.06
N LYS D 177 14.35 -9.66 -7.28
CA LYS D 177 13.60 -8.48 -6.95
C LYS D 177 13.32 -7.59 -8.14
N ASP D 178 14.32 -7.29 -8.94
CA ASP D 178 14.13 -6.47 -10.13
C ASP D 178 13.18 -7.12 -11.15
N TYR D 179 13.31 -8.43 -11.30
CA TYR D 179 12.47 -9.21 -12.20
C TYR D 179 11.01 -9.07 -11.77
N GLN D 180 10.77 -9.25 -10.48
CA GLN D 180 9.42 -9.17 -9.95
C GLN D 180 8.88 -7.76 -10.09
N ARG D 181 9.75 -6.77 -9.90
CA ARG D 181 9.36 -5.38 -10.06
C ARG D 181 8.87 -5.14 -11.48
N MET D 182 9.59 -5.67 -12.46
CA MET D 182 9.19 -5.49 -13.87
C MET D 182 7.81 -6.07 -14.13
N LEU D 183 7.56 -7.26 -13.62
CA LEU D 183 6.27 -7.90 -13.85
C LEU D 183 5.15 -7.10 -13.21
N ASP D 184 5.38 -6.66 -11.98
CA ASP D 184 4.36 -5.95 -11.23
C ASP D 184 4.07 -4.59 -11.89
N LEU D 185 5.12 -3.93 -12.36
CA LEU D 185 4.95 -2.65 -13.04
C LEU D 185 4.21 -2.84 -14.36
N MET D 186 4.62 -3.82 -15.17
CA MET D 186 3.94 -4.05 -16.44
C MET D 186 2.47 -4.38 -16.23
N ARG D 187 2.16 -5.17 -15.22
CA ARG D 187 0.76 -5.52 -14.96
C ARG D 187 -0.03 -4.26 -14.63
N ASP D 188 0.49 -3.45 -13.71
CA ASP D 188 -0.20 -2.25 -13.27
C ASP D 188 -0.38 -1.27 -14.42
N ILE D 189 0.68 -1.10 -15.20
CA ILE D 189 0.70 -0.08 -16.24
C ILE D 189 -0.22 -0.51 -17.39
N ILE D 190 -0.18 -1.79 -17.77
CA ILE D 190 -1.05 -2.25 -18.85
C ILE D 190 -2.52 -2.22 -18.42
N LEU D 191 -2.82 -2.56 -17.17
CA LEU D 191 -4.19 -2.50 -16.70
C LEU D 191 -4.67 -1.05 -16.67
N ALA D 192 -3.75 -0.11 -16.48
CA ALA D 192 -4.13 1.30 -16.42
C ALA D 192 -4.60 1.87 -17.75
N THR D 193 -4.37 1.11 -18.82
CA THR D 193 -4.77 1.57 -20.15
C THR D 193 -6.28 1.43 -20.38
N ASP D 194 -6.97 0.67 -19.53
CA ASP D 194 -8.43 0.67 -19.59
C ASP D 194 -8.92 2.07 -19.19
N LEU D 195 -9.62 2.77 -20.09
CA LEU D 195 -10.06 4.11 -19.75
C LEU D 195 -11.05 4.09 -18.59
N ALA D 196 -11.72 2.96 -18.37
CA ALA D 196 -12.57 2.80 -17.19
C ALA D 196 -11.76 2.99 -15.91
N HIS D 197 -10.53 2.48 -15.93
CA HIS D 197 -9.61 2.59 -14.80
C HIS D 197 -9.17 4.05 -14.64
N HIS D 198 -8.75 4.66 -15.74
CA HIS D 198 -8.35 6.06 -15.71
C HIS D 198 -9.46 6.91 -15.09
N LEU D 199 -10.69 6.71 -15.55
CA LEU D 199 -11.81 7.49 -15.00
C LEU D 199 -12.02 7.25 -13.51
N ARG D 200 -11.82 6.02 -13.05
CA ARG D 200 -11.95 5.70 -11.64
C ARG D 200 -10.89 6.40 -10.78
N ILE D 201 -9.67 6.49 -11.30
CA ILE D 201 -8.59 7.06 -10.51
C ILE D 201 -8.39 8.55 -10.78
N PHE D 202 -9.23 9.13 -11.63
CA PHE D 202 -9.05 10.53 -12.00
C PHE D 202 -8.97 11.45 -10.78
N LYS D 203 -9.86 11.24 -9.82
CA LYS D 203 -9.88 12.11 -8.64
C LYS D 203 -8.58 11.96 -7.84
N ASP D 204 -7.98 10.78 -7.85
CA ASP D 204 -6.70 10.58 -7.15
C ASP D 204 -5.56 11.28 -7.88
N LEU D 205 -5.61 11.28 -9.22
CA LEU D 205 -4.64 12.03 -10.01
C LEU D 205 -4.77 13.51 -9.71
N GLN D 206 -6.00 14.01 -9.67
CA GLN D 206 -6.23 15.41 -9.33
C GLN D 206 -5.66 15.74 -7.97
N LYS D 207 -5.93 14.88 -6.98
CA LYS D 207 -5.48 15.12 -5.60
C LYS D 207 -3.96 15.17 -5.56
N MET D 208 -3.31 14.27 -6.29
CA MET D 208 -1.86 14.27 -6.39
C MET D 208 -1.35 15.59 -6.96
N ALA D 209 -2.00 16.07 -8.01
CA ALA D 209 -1.58 17.33 -8.62
C ALA D 209 -1.81 18.50 -7.66
N GLU D 210 -2.87 18.40 -6.85
CA GLU D 210 -3.19 19.46 -5.90
C GLU D 210 -2.16 19.57 -4.77
N VAL D 211 -1.79 18.46 -4.17
CA VAL D 211 -0.84 18.49 -3.05
C VAL D 211 0.59 18.56 -3.57
N GLY D 212 0.77 18.24 -4.85
CA GLY D 212 2.08 18.25 -5.45
C GLY D 212 2.69 16.87 -5.39
N TYR D 213 3.42 16.51 -6.44
CA TYR D 213 4.04 15.20 -6.52
C TYR D 213 5.05 15.01 -5.38
N ASP D 214 4.93 13.90 -4.66
CA ASP D 214 5.84 13.54 -3.59
C ASP D 214 6.74 12.39 -4.06
N ARG D 215 8.00 12.71 -4.37
CA ARG D 215 9.00 11.72 -4.84
C ARG D 215 9.13 10.52 -3.90
N ASN D 216 8.81 10.72 -2.63
CA ASN D 216 9.01 9.67 -1.63
C ASN D 216 7.74 8.89 -1.34
N ASN D 217 6.68 9.19 -2.08
CA ASN D 217 5.40 8.54 -1.94
C ASN D 217 5.21 7.51 -3.05
N LYS D 218 5.19 6.24 -2.65
CA LYS D 218 5.10 5.16 -3.64
C LYS D 218 3.78 5.20 -4.38
N GLN D 219 2.71 5.66 -3.72
CA GLN D 219 1.42 5.72 -4.43
C GLN D 219 1.46 6.80 -5.49
N HIS D 220 2.14 7.89 -5.22
CA HIS D 220 2.35 8.91 -6.25
C HIS D 220 3.10 8.36 -7.46
N HIS D 221 4.19 7.60 -7.23
CA HIS D 221 4.84 6.93 -8.35
C HIS D 221 3.86 6.10 -9.16
N ARG D 222 3.03 5.30 -8.51
CA ARG D 222 2.10 4.46 -9.24
C ARG D 222 1.08 5.30 -10.03
N LEU D 223 0.55 6.31 -9.40
CA LEU D 223 -0.41 7.20 -10.06
C LEU D 223 0.21 7.91 -11.26
N LEU D 224 1.44 8.40 -11.09
CA LEU D 224 2.12 9.12 -12.16
C LEU D 224 2.33 8.16 -13.34
N LEU D 225 2.66 6.91 -13.05
CA LEU D 225 2.87 5.94 -14.12
C LEU D 225 1.58 5.72 -14.92
N CYS D 226 0.44 5.67 -14.22
CA CYS D 226 -0.87 5.54 -14.88
C CYS D 226 -1.13 6.74 -15.77
N LEU D 227 -0.93 7.94 -15.24
CA LEU D 227 -1.09 9.18 -16.02
C LEU D 227 -0.20 9.20 -17.26
N LEU D 228 1.06 8.84 -17.10
CA LEU D 228 1.99 8.82 -18.23
C LEU D 228 1.54 7.79 -19.27
N MET D 229 1.14 6.61 -18.82
CA MET D 229 0.69 5.57 -19.74
C MET D 229 -0.51 6.09 -20.56
N THR D 230 -1.47 6.68 -19.90
CA THR D 230 -2.65 7.20 -20.61
C THR D 230 -2.22 8.31 -21.57
N SER D 231 -1.31 9.17 -21.13
CA SER D 231 -0.78 10.24 -21.97
C SER D 231 -0.10 9.70 -23.24
N CYS D 232 0.58 8.56 -23.09
CA CYS D 232 1.21 7.92 -24.25
C CYS D 232 0.14 7.34 -25.14
N ASP D 233 -0.85 6.68 -24.53
CA ASP D 233 -1.90 5.96 -25.28
C ASP D 233 -2.71 6.91 -26.18
N LEU D 234 -2.88 8.14 -25.72
CA LEU D 234 -3.70 9.13 -26.44
C LEU D 234 -2.85 10.13 -27.22
N SER D 235 -1.55 9.90 -27.27
CA SER D 235 -0.63 10.92 -27.77
C SER D 235 -0.80 11.28 -29.25
N ASP D 236 -1.57 10.50 -30.00
CA ASP D 236 -1.88 10.89 -31.38
C ASP D 236 -2.51 12.29 -31.40
N GLN D 237 -3.24 12.61 -30.34
CA GLN D 237 -3.96 13.89 -30.29
C GLN D 237 -3.07 15.07 -30.00
N THR D 238 -1.80 14.82 -29.70
CA THR D 238 -0.83 15.90 -29.45
C THR D 238 -0.04 16.27 -30.71
N LYS D 239 -0.37 15.64 -31.83
CA LYS D 239 0.31 15.93 -33.09
C LYS D 239 -0.48 17.00 -33.87
N GLY D 240 -0.19 17.15 -35.15
CA GLY D 240 -0.87 18.15 -35.96
C GLY D 240 -2.27 17.68 -36.35
N TRP D 241 -3.07 18.61 -36.87
CA TRP D 241 -4.44 18.31 -37.21
C TRP D 241 -4.56 17.13 -38.17
N LYS D 242 -3.67 17.06 -39.15
CA LYS D 242 -3.70 16.01 -40.16
C LYS D 242 -3.60 14.62 -39.52
N THR D 243 -2.69 14.49 -38.56
CA THR D 243 -2.55 13.23 -37.82
C THR D 243 -3.85 12.89 -37.12
N THR D 244 -4.43 13.86 -36.44
CA THR D 244 -5.60 13.54 -35.63
C THR D 244 -6.84 13.30 -36.50
N ARG D 245 -6.89 13.90 -37.69
CA ARG D 245 -7.99 13.63 -38.62
C ARG D 245 -7.93 12.19 -39.09
N LYS D 246 -6.74 11.76 -39.48
CA LYS D 246 -6.52 10.38 -39.90
C LYS D 246 -6.84 9.39 -38.79
N ILE D 247 -6.36 9.68 -37.58
CA ILE D 247 -6.57 8.79 -36.46
C ILE D 247 -8.06 8.69 -36.13
N ALA D 248 -8.79 9.79 -36.32
CA ALA D 248 -10.23 9.75 -36.15
C ALA D 248 -10.88 8.78 -37.15
N GLU D 249 -10.45 8.83 -38.42
CA GLU D 249 -10.91 7.90 -39.45
C GLU D 249 -10.72 6.44 -39.04
N LEU D 250 -9.54 6.13 -38.52
CA LEU D 250 -9.20 4.77 -38.12
C LEU D 250 -10.04 4.32 -36.93
N ILE D 251 -10.12 5.19 -35.92
CA ILE D 251 -10.89 4.90 -34.71
C ILE D 251 -12.34 4.61 -35.06
N TYR D 252 -12.97 5.48 -35.84
CA TYR D 252 -14.39 5.30 -36.11
C TYR D 252 -14.64 4.10 -37.02
N LYS D 253 -13.74 3.84 -37.95
CA LYS D 253 -13.87 2.64 -38.78
C LYS D 253 -13.88 1.41 -37.86
N GLU D 254 -12.98 1.38 -36.87
CA GLU D 254 -12.94 0.27 -35.95
C GLU D 254 -14.22 0.19 -35.10
N PHE D 255 -14.61 1.31 -34.51
CA PHE D 255 -15.83 1.43 -33.73
C PHE D 255 -17.08 1.00 -34.51
N PHE D 256 -17.26 1.54 -35.70
CA PHE D 256 -18.48 1.25 -36.45
C PHE D 256 -18.53 -0.23 -36.87
N SER D 257 -17.37 -0.83 -37.05
CA SER D 257 -17.32 -2.27 -37.37
C SER D 257 -17.83 -3.07 -36.17
N GLN D 258 -17.45 -2.65 -34.98
CA GLN D 258 -17.97 -3.31 -33.79
C GLN D 258 -19.48 -3.10 -33.69
N GLY D 259 -19.93 -1.87 -33.90
CA GLY D 259 -21.36 -1.59 -33.86
C GLY D 259 -22.14 -2.43 -34.84
N ASP D 260 -21.61 -2.62 -36.05
CA ASP D 260 -22.29 -3.46 -37.02
C ASP D 260 -22.46 -4.88 -36.49
N LEU D 261 -21.41 -5.40 -35.86
CA LEU D 261 -21.47 -6.74 -35.26
C LEU D 261 -22.53 -6.80 -34.17
N GLU D 262 -22.57 -5.77 -33.33
CA GLU D 262 -23.54 -5.73 -32.22
C GLU D 262 -24.97 -5.74 -32.75
N LYS D 263 -25.24 -4.92 -33.75
CA LYS D 263 -26.55 -4.92 -34.36
C LYS D 263 -26.94 -6.30 -34.87
N ALA D 264 -25.99 -7.00 -35.48
CA ALA D 264 -26.28 -8.33 -36.01
C ALA D 264 -26.58 -9.31 -34.88
N MET D 265 -26.04 -9.02 -33.70
CA MET D 265 -26.27 -9.85 -32.52
C MET D 265 -27.60 -9.53 -31.82
N GLY D 266 -28.26 -8.46 -32.25
CA GLY D 266 -29.53 -8.06 -31.65
C GLY D 266 -29.35 -7.02 -30.55
N ASN D 267 -28.13 -6.51 -30.40
CA ASN D 267 -27.82 -5.53 -29.36
C ASN D 267 -27.73 -4.09 -29.87
N ARG D 268 -27.95 -3.13 -29.00
CA ARG D 268 -27.88 -1.72 -29.34
C ARG D 268 -26.46 -1.21 -29.05
N PRO D 269 -25.72 -0.87 -30.10
CA PRO D 269 -24.37 -0.35 -29.85
C PRO D 269 -24.41 1.02 -29.20
N MET D 270 -23.36 1.36 -28.46
CA MET D 270 -23.25 2.71 -27.93
C MET D 270 -23.25 3.69 -29.09
N GLU D 271 -23.63 4.93 -28.82
CA GLU D 271 -23.78 5.92 -29.89
C GLU D 271 -22.54 6.04 -30.76
N MET D 272 -21.36 6.11 -30.15
CA MET D 272 -20.12 6.36 -30.89
C MET D 272 -19.70 5.17 -31.74
N MET D 273 -20.35 4.02 -31.56
CA MET D 273 -20.08 2.86 -32.39
C MET D 273 -21.19 2.56 -33.40
N ASP D 274 -22.19 3.43 -33.46
CA ASP D 274 -23.33 3.20 -34.31
C ASP D 274 -23.23 4.18 -35.46
N ARG D 275 -22.89 3.67 -36.65
CA ARG D 275 -22.60 4.57 -37.77
C ARG D 275 -23.84 5.35 -38.25
N GLU D 276 -25.02 4.99 -37.73
CA GLU D 276 -26.26 5.68 -38.10
C GLU D 276 -26.52 6.85 -37.15
N LYS D 277 -25.87 6.81 -35.98
CA LYS D 277 -26.14 7.80 -34.93
C LYS D 277 -24.95 8.69 -34.61
N ALA D 278 -23.75 8.16 -34.80
CA ALA D 278 -22.53 8.85 -34.39
C ALA D 278 -22.29 10.10 -35.22
N TYR D 279 -22.23 11.24 -34.54
CA TYR D 279 -21.93 12.51 -35.20
C TYR D 279 -20.50 12.86 -34.83
N ILE D 280 -19.57 12.51 -35.72
CA ILE D 280 -18.16 12.54 -35.40
C ILE D 280 -17.63 13.87 -34.82
N PRO D 281 -18.02 15.03 -35.39
CA PRO D 281 -17.47 16.27 -34.82
C PRO D 281 -17.82 16.48 -33.34
N GLU D 282 -19.08 16.26 -32.97
CA GLU D 282 -19.50 16.45 -31.58
C GLU D 282 -18.84 15.41 -30.69
N LEU D 283 -18.75 14.17 -31.15
CA LEU D 283 -18.11 13.11 -30.38
C LEU D 283 -16.65 13.44 -30.16
N GLN D 284 -15.97 13.89 -31.20
CA GLN D 284 -14.54 14.21 -31.06
C GLN D 284 -14.32 15.40 -30.15
N ILE D 285 -15.18 16.41 -30.28
CA ILE D 285 -15.08 17.56 -29.39
C ILE D 285 -15.25 17.12 -27.95
N SER D 286 -16.17 16.20 -27.71
CA SER D 286 -16.43 15.73 -26.36
C SER D 286 -15.24 14.94 -25.83
N PHE D 287 -14.71 14.04 -26.65
CA PHE D 287 -13.55 13.26 -26.26
C PHE D 287 -12.40 14.18 -25.93
N MET D 288 -12.17 15.15 -26.81
CA MET D 288 -11.05 16.05 -26.66
C MET D 288 -11.21 16.93 -25.43
N GLU D 289 -12.39 17.51 -25.26
CA GLU D 289 -12.59 18.43 -24.16
C GLU D 289 -12.69 17.74 -22.80
N HIS D 290 -13.30 16.57 -22.75
CA HIS D 290 -13.64 16.01 -21.46
C HIS D 290 -12.84 14.79 -21.05
N ILE D 291 -12.13 14.18 -21.99
CA ILE D 291 -11.23 13.10 -21.63
C ILE D 291 -9.77 13.47 -21.91
N ALA D 292 -9.43 13.86 -23.14
CA ALA D 292 -8.01 14.08 -23.47
C ALA D 292 -7.44 15.36 -22.83
N MET D 293 -8.15 16.47 -22.95
CA MET D 293 -7.60 17.71 -22.41
C MET D 293 -7.34 17.61 -20.89
N PRO D 294 -8.26 17.03 -20.09
CA PRO D 294 -7.96 16.93 -18.66
C PRO D 294 -6.70 16.11 -18.35
N ILE D 295 -6.45 15.07 -19.13
CA ILE D 295 -5.24 14.28 -18.99
C ILE D 295 -3.98 15.12 -19.25
N TYR D 296 -3.96 15.84 -20.37
CA TYR D 296 -2.77 16.62 -20.68
C TYR D 296 -2.66 17.88 -19.80
N LYS D 297 -3.79 18.31 -19.23
CA LYS D 297 -3.75 19.40 -18.26
C LYS D 297 -3.08 18.91 -16.97
N LEU D 298 -3.45 17.72 -16.51
CA LEU D 298 -2.74 17.08 -15.39
C LEU D 298 -1.26 16.92 -15.68
N LEU D 299 -0.94 16.53 -16.90
CA LEU D 299 0.46 16.35 -17.28
C LEU D 299 1.20 17.66 -17.20
N GLN D 300 0.55 18.72 -17.65
CA GLN D 300 1.13 20.06 -17.59
C GLN D 300 1.30 20.50 -16.14
N ASP D 301 0.31 20.19 -15.30
CA ASP D 301 0.35 20.55 -13.88
C ASP D 301 1.59 19.95 -13.21
N LEU D 302 1.97 18.74 -13.64
CA LEU D 302 3.07 18.04 -13.00
C LEU D 302 4.39 18.35 -13.69
N PHE D 303 4.33 18.63 -14.98
CA PHE D 303 5.51 18.93 -15.78
C PHE D 303 5.26 20.18 -16.60
N PRO D 304 5.73 21.34 -16.13
CA PRO D 304 5.50 22.59 -16.89
C PRO D 304 5.96 22.52 -18.35
N LYS D 305 6.97 21.71 -18.67
CA LYS D 305 7.43 21.59 -20.04
C LYS D 305 6.44 20.84 -20.94
N ALA D 306 5.43 20.23 -20.33
CA ALA D 306 4.41 19.52 -21.09
C ALA D 306 3.28 20.45 -21.56
N ALA D 307 3.43 21.75 -21.30
CA ALA D 307 2.39 22.72 -21.64
C ALA D 307 2.03 22.69 -23.12
N GLU D 308 3.02 22.51 -23.98
CA GLU D 308 2.76 22.56 -25.42
C GLU D 308 1.90 21.39 -25.88
N LEU D 309 1.93 20.30 -25.13
CA LEU D 309 1.10 19.13 -25.43
C LEU D 309 -0.38 19.46 -25.20
N TYR D 310 -0.66 20.03 -24.04
CA TYR D 310 -2.02 20.46 -23.71
C TYR D 310 -2.54 21.48 -24.74
N GLU D 311 -1.71 22.47 -25.06
CA GLU D 311 -2.09 23.51 -26.02
C GLU D 311 -2.41 22.89 -27.38
N ARG D 312 -1.64 21.88 -27.77
CA ARG D 312 -1.87 21.22 -29.05
C ARG D 312 -3.21 20.47 -29.05
N VAL D 313 -3.49 19.72 -27.98
CA VAL D 313 -4.77 19.02 -27.88
C VAL D 313 -5.92 20.03 -27.90
N ALA D 314 -5.76 21.14 -27.18
CA ALA D 314 -6.76 22.19 -27.17
C ALA D 314 -6.94 22.77 -28.57
N SER D 315 -5.82 22.96 -29.26
CA SER D 315 -5.84 23.45 -30.64
C SER D 315 -6.60 22.50 -31.55
N ASN D 316 -6.36 21.20 -31.41
CA ASN D 316 -7.03 20.21 -32.25
C ASN D 316 -8.52 20.15 -31.91
N ARG D 317 -8.85 20.37 -30.64
CA ARG D 317 -10.27 20.43 -30.23
C ARG D 317 -10.98 21.57 -30.93
N GLU D 318 -10.31 22.71 -31.04
CA GLU D 318 -11.01 23.84 -31.62
C GLU D 318 -11.08 23.69 -33.14
N HIS D 319 -10.16 22.94 -33.74
CA HIS D 319 -10.33 22.73 -35.18
C HIS D 319 -11.52 21.83 -35.50
N TRP D 320 -11.87 20.90 -34.62
CA TRP D 320 -13.08 20.13 -34.82
C TRP D 320 -14.29 21.06 -34.82
N THR D 321 -14.28 22.10 -33.98
CA THR D 321 -15.38 23.05 -34.01
C THR D 321 -15.42 23.78 -35.35
N LYS D 322 -14.23 24.09 -35.87
CA LYS D 322 -14.19 24.88 -37.11
C LYS D 322 -14.65 24.08 -38.33
N VAL D 323 -14.45 22.77 -38.34
CA VAL D 323 -14.83 21.97 -39.51
C VAL D 323 -16.18 21.30 -39.36
N SER D 324 -16.80 21.47 -38.20
CA SER D 324 -18.06 20.80 -37.89
C SER D 324 -19.12 21.09 -38.96
N HIS D 325 -19.14 22.31 -39.47
CA HIS D 325 -20.16 22.73 -40.43
C HIS D 325 -20.13 21.90 -41.71
N LYS D 326 -18.96 21.34 -42.04
CA LYS D 326 -18.78 20.58 -43.28
C LYS D 326 -19.51 19.25 -43.27
N PHE D 327 -19.90 18.81 -42.08
CA PHE D 327 -20.63 17.55 -41.96
C PHE D 327 -22.10 17.75 -42.32
N THR D 328 -22.50 19.01 -42.54
CA THR D 328 -23.82 19.30 -43.07
C THR D 328 -23.72 19.40 -44.58
N ILE D 329 -24.55 18.64 -45.31
CA ILE D 329 -24.53 18.71 -46.76
C ILE D 329 -25.34 19.89 -47.25
N ARG D 330 -24.65 20.95 -47.63
CA ARG D 330 -25.34 22.07 -48.25
C ARG D 330 -25.22 21.99 -49.75
N GLY D 331 -26.26 22.46 -50.43
CA GLY D 331 -26.34 22.31 -51.87
C GLY D 331 -26.47 20.84 -52.21
N LEU D 332 -25.91 20.45 -53.35
CA LEU D 332 -25.88 19.06 -53.76
C LEU D 332 -24.52 18.44 -53.43
N PRO D 333 -24.48 17.11 -53.28
CA PRO D 333 -23.17 16.44 -53.21
C PRO D 333 -22.38 16.72 -54.49
N SER D 334 -21.08 16.44 -54.50
CA SER D 334 -20.25 16.79 -55.65
C SER D 334 -20.66 16.12 -56.97
N ASN D 335 -21.31 14.96 -56.88
CA ASN D 335 -21.74 14.27 -58.09
C ASN D 335 -23.10 14.77 -58.61
N ASN D 336 -23.62 15.79 -57.94
CA ASN D 336 -24.92 16.39 -58.27
C ASN D 336 -26.08 15.40 -58.13
N SER D 337 -25.91 14.38 -57.29
CA SER D 337 -26.92 13.34 -57.17
C SER D 337 -27.48 13.23 -55.75
N LEU D 338 -28.77 12.93 -55.65
CA LEU D 338 -29.38 12.68 -54.35
C LEU D 338 -29.58 11.18 -54.15
N ASP D 339 -28.85 10.38 -54.92
CA ASP D 339 -28.91 8.93 -54.82
C ASP D 339 -28.52 8.41 -53.45
N PHE D 340 -27.73 9.18 -52.71
CA PHE D 340 -27.31 8.74 -51.37
C PHE D 340 -28.50 8.66 -50.40
N LEU D 341 -29.61 9.29 -50.77
CA LEU D 341 -30.80 9.24 -49.93
C LEU D 341 -31.40 7.84 -49.90
#